data_6CMQ
#
_entry.id   6CMQ
#
_cell.length_a   69.550
_cell.length_b   56.200
_cell.length_c   247.460
_cell.angle_alpha   90.000
_cell.angle_beta   93.990
_cell.angle_gamma   90.000
#
_symmetry.space_group_name_H-M   'P 1 21 1'
#
loop_
_entity.id
_entity.type
_entity.pdbx_description
1 polymer 'Tyrosine-protein phosphatase non-receptor type 11'
2 water water
#
_entity_poly.entity_id   1
_entity_poly.type   'polypeptide(L)'
_entity_poly.pdbx_seq_one_letter_code
;GSGDPTSERWFHGHLSGKEAEKLLTEKGKHGSFLVRESQSHPGDFVLSVRTGDDKGESNDGKSKVTHVMIRCQELKYDVG
GGERFDSLTDLVEHYKKNPMVETLGTVLQLKQPLNTTRINAAEIESRVRELSKLAETTDKVKQGFWEEFETLQQQECKLL
YSRKEGQRQENKNKNRYKNILPFDHTRVVLHDGDPNEPVSDYINANIIMPEFETKCNNSKPKKSYIATQGCLQNTVNDFW
RMVFQENSRVIVMTTKEVERGKSKCVKYWPDEYALKEYGVMRVRNVKESAAHDYTLRELKLSKVGQGNTERTVWQYHFRT
WPDHGVPSDPGGVLDFLEEVHHKQESIMDAGPVVVHCSAGIGRTGTFIVIDILIDIIREKGVDCDIDVPKTIQMVRSQRS
GMVQTEAQYRFIYMAVQHYIETLQRRI
;
_entity_poly.pdbx_strand_id   A,B,C,D
#
# COMPACT_ATOMS: atom_id res chain seq x y z
N ASP A 4 4.50 -47.16 32.71
CA ASP A 4 3.97 -48.25 31.89
C ASP A 4 2.56 -48.62 32.34
N PRO A 5 1.60 -47.72 32.11
CA PRO A 5 0.23 -48.01 32.55
C PRO A 5 -0.43 -49.10 31.73
N THR A 6 -0.16 -49.16 30.43
CA THR A 6 -0.73 -50.18 29.56
C THR A 6 0.35 -50.69 28.61
N SER A 7 0.07 -51.85 28.02
CA SER A 7 0.96 -52.44 27.02
C SER A 7 0.51 -52.16 25.59
N GLU A 8 -0.74 -51.76 25.40
CA GLU A 8 -1.26 -51.53 24.06
C GLU A 8 -0.45 -50.47 23.33
N ARG A 9 -0.44 -50.57 22.00
CA ARG A 9 0.35 -49.67 21.18
C ARG A 9 -0.33 -48.34 20.91
N TRP A 10 -1.64 -48.21 21.18
CA TRP A 10 -2.27 -46.90 21.08
C TRP A 10 -1.84 -45.95 22.19
N PHE A 11 -0.92 -46.38 23.06
CA PHE A 11 -0.32 -45.51 24.07
C PHE A 11 1.05 -45.11 23.55
N HIS A 12 1.20 -43.84 23.20
CA HIS A 12 2.42 -43.33 22.60
C HIS A 12 3.43 -42.82 23.63
N GLY A 13 3.09 -42.89 24.92
CA GLY A 13 4.02 -42.40 25.92
C GLY A 13 4.20 -40.91 25.80
N HIS A 14 5.47 -40.48 25.79
CA HIS A 14 5.79 -39.06 25.68
C HIS A 14 5.60 -38.62 24.23
N LEU A 15 4.53 -37.86 24.00
CA LEU A 15 4.26 -37.30 22.67
C LEU A 15 3.57 -35.96 22.85
N SER A 16 4.13 -34.92 22.22
CA SER A 16 3.60 -33.58 22.38
C SER A 16 2.28 -33.43 21.63
N GLY A 17 1.40 -32.58 22.17
CA GLY A 17 0.14 -32.33 21.50
C GLY A 17 0.32 -31.84 20.08
N LYS A 18 1.26 -30.91 19.88
CA LYS A 18 1.55 -30.42 18.54
C LYS A 18 2.02 -31.55 17.63
N GLU A 19 2.88 -32.43 18.14
CA GLU A 19 3.38 -33.54 17.35
C GLU A 19 2.27 -34.52 17.00
N ALA A 20 1.34 -34.75 17.94
CA ALA A 20 0.27 -35.70 17.71
C ALA A 20 -0.68 -35.24 16.62
N GLU A 21 -0.88 -33.93 16.49
CA GLU A 21 -1.74 -33.42 15.42
C GLU A 21 -1.21 -33.83 14.05
N LYS A 22 0.09 -34.08 13.93
CA LYS A 22 0.67 -34.46 12.64
C LYS A 22 0.48 -35.95 12.37
N LEU A 23 0.73 -36.80 13.36
CA LEU A 23 0.63 -38.23 13.15
C LEU A 23 -0.81 -38.62 12.80
N LEU A 24 -1.80 -37.95 13.39
CA LEU A 24 -3.19 -38.25 13.10
C LEU A 24 -3.59 -37.75 11.73
N THR A 25 -3.09 -36.56 11.34
CA THR A 25 -3.48 -35.97 10.07
C THR A 25 -2.81 -36.66 8.89
N GLU A 26 -1.70 -37.34 9.10
CA GLU A 26 -0.92 -37.96 8.04
C GLU A 26 -1.06 -39.47 7.98
N LYS A 27 -0.87 -40.16 9.10
CA LYS A 27 -0.86 -41.61 9.14
C LYS A 27 -2.17 -42.20 9.66
N GLY A 28 -3.25 -41.41 9.68
CA GLY A 28 -4.51 -41.89 10.22
C GLY A 28 -5.69 -41.40 9.42
N LYS A 29 -6.84 -42.01 9.68
CA LYS A 29 -8.11 -41.69 9.05
C LYS A 29 -9.07 -41.12 10.08
N HIS A 30 -10.26 -40.77 9.62
CA HIS A 30 -11.30 -40.29 10.52
C HIS A 30 -11.57 -41.31 11.62
N GLY A 31 -11.67 -40.82 12.86
CA GLY A 31 -11.93 -41.68 14.00
C GLY A 31 -10.70 -42.32 14.62
N SER A 32 -9.51 -41.99 14.14
CA SER A 32 -8.28 -42.52 14.73
C SER A 32 -8.00 -41.83 16.05
N PHE A 33 -7.61 -42.61 17.05
CA PHE A 33 -7.36 -42.10 18.39
C PHE A 33 -6.01 -42.60 18.90
N LEU A 34 -5.56 -41.99 19.99
CA LEU A 34 -4.29 -42.33 20.63
C LEU A 34 -4.23 -41.63 21.98
N VAL A 35 -3.55 -42.27 22.93
CA VAL A 35 -3.40 -41.74 24.28
C VAL A 35 -1.95 -41.28 24.46
N ARG A 36 -1.76 -40.19 25.20
CA ARG A 36 -0.44 -39.61 25.40
C ARG A 36 -0.25 -39.23 26.85
N GLU A 37 1.01 -39.00 27.21
CA GLU A 37 1.36 -38.43 28.51
C GLU A 37 1.15 -36.92 28.46
N SER A 38 0.41 -36.40 29.44
CA SER A 38 0.09 -34.98 29.45
C SER A 38 1.35 -34.15 29.63
N GLN A 39 1.60 -33.23 28.70
CA GLN A 39 2.73 -32.32 28.82
C GLN A 39 2.49 -31.27 29.89
N SER A 40 1.24 -30.83 30.04
CA SER A 40 0.90 -29.75 30.97
C SER A 40 0.80 -30.24 32.40
N HIS A 41 0.30 -31.46 32.61
CA HIS A 41 0.03 -31.98 33.95
C HIS A 41 0.68 -33.34 34.12
N PRO A 42 1.86 -33.42 34.74
CA PRO A 42 2.50 -34.72 34.93
C PRO A 42 1.62 -35.65 35.76
N GLY A 43 1.63 -36.93 35.38
CA GLY A 43 0.77 -37.91 36.02
C GLY A 43 -0.50 -38.16 35.22
N ASP A 44 -1.06 -37.08 34.67
CA ASP A 44 -2.26 -37.17 33.84
C ASP A 44 -1.90 -37.58 32.42
N PHE A 45 -2.93 -37.80 31.61
CA PHE A 45 -2.78 -38.25 30.23
C PHE A 45 -3.70 -37.45 29.33
N VAL A 46 -3.57 -37.67 28.03
CA VAL A 46 -4.35 -36.98 27.02
C VAL A 46 -4.84 -38.00 26.01
N LEU A 47 -6.07 -37.80 25.53
CA LEU A 47 -6.68 -38.66 24.51
C LEU A 47 -6.89 -37.81 23.25
N SER A 48 -6.12 -38.11 22.21
CA SER A 48 -6.16 -37.35 20.96
C SER A 48 -6.97 -38.11 19.92
N VAL A 49 -8.04 -37.49 19.43
CA VAL A 49 -8.94 -38.10 18.45
C VAL A 49 -9.00 -37.21 17.21
N ARG A 50 -9.04 -37.84 16.04
CA ARG A 50 -9.16 -37.13 14.78
C ARG A 50 -10.62 -37.15 14.30
N THR A 51 -11.03 -36.06 13.67
CA THR A 51 -12.37 -35.95 13.10
C THR A 51 -12.35 -35.12 11.83
N LYS A 62 -13.22 -31.08 6.93
CA LYS A 62 -12.92 -30.45 8.22
C LYS A 62 -12.17 -31.42 9.13
N SER A 63 -10.97 -31.83 8.69
CA SER A 63 -10.16 -32.77 9.46
C SER A 63 -9.57 -32.04 10.67
N LYS A 64 -10.08 -32.38 11.86
CA LYS A 64 -9.65 -31.75 13.10
C LYS A 64 -9.00 -32.79 14.00
N VAL A 65 -8.25 -32.30 14.99
CA VAL A 65 -7.66 -33.13 16.03
C VAL A 65 -8.12 -32.56 17.37
N THR A 66 -8.70 -33.41 18.20
CA THR A 66 -9.21 -33.02 19.52
C THR A 66 -8.34 -33.62 20.61
N HIS A 67 -8.10 -32.82 21.66
CA HIS A 67 -7.26 -33.24 22.79
C HIS A 67 -8.14 -33.33 24.03
N VAL A 68 -8.50 -34.54 24.41
CA VAL A 68 -9.29 -34.80 25.61
C VAL A 68 -8.33 -35.15 26.74
N MET A 69 -8.38 -34.37 27.82
CA MET A 69 -7.45 -34.54 28.93
C MET A 69 -8.05 -35.50 29.94
N ILE A 70 -7.23 -36.45 30.40
CA ILE A 70 -7.65 -37.48 31.36
C ILE A 70 -6.91 -37.28 32.67
N ARG A 71 -7.62 -37.44 33.78
CA ARG A 71 -7.05 -37.33 35.11
C ARG A 71 -6.73 -38.72 35.66
N CYS A 72 -5.77 -38.75 36.60
CA CYS A 72 -5.35 -39.99 37.24
C CYS A 72 -5.34 -39.77 38.76
N GLN A 73 -6.47 -40.08 39.40
CA GLN A 73 -6.62 -39.91 40.85
C GLN A 73 -6.59 -41.29 41.50
N GLU A 74 -5.55 -41.55 42.30
CA GLU A 74 -5.40 -42.83 43.00
C GLU A 74 -5.47 -44.00 42.02
N LEU A 75 -4.80 -43.84 40.88
CA LEU A 75 -4.83 -44.84 39.81
C LEU A 75 -6.26 -45.10 39.34
N LYS A 76 -7.04 -44.03 39.25
CA LYS A 76 -8.39 -44.07 38.68
C LYS A 76 -8.49 -43.01 37.60
N TYR A 77 -9.06 -43.37 36.45
CA TYR A 77 -9.09 -42.49 35.30
C TYR A 77 -10.53 -42.04 35.01
N ASP A 78 -10.64 -40.80 34.55
CA ASP A 78 -11.91 -40.25 34.08
C ASP A 78 -11.63 -38.92 33.39
N VAL A 79 -12.58 -38.49 32.56
CA VAL A 79 -12.45 -37.25 31.80
C VAL A 79 -13.16 -36.12 32.53
N GLY A 80 -12.58 -35.65 33.63
CA GLY A 80 -13.15 -34.56 34.38
C GLY A 80 -14.35 -34.96 35.22
N GLY A 81 -15.33 -35.65 34.62
CA GLY A 81 -16.48 -36.11 35.36
C GLY A 81 -16.97 -37.47 34.86
N GLY A 82 -17.93 -38.01 35.58
CA GLY A 82 -18.51 -39.30 35.25
C GLY A 82 -17.94 -40.41 36.11
N GLU A 83 -18.23 -41.64 35.68
CA GLU A 83 -17.76 -42.80 36.41
C GLU A 83 -16.25 -42.95 36.25
N ARG A 84 -15.59 -43.40 37.31
CA ARG A 84 -14.14 -43.54 37.35
C ARG A 84 -13.76 -44.99 37.10
N PHE A 85 -12.72 -45.19 36.31
CA PHE A 85 -12.31 -46.51 35.85
C PHE A 85 -11.04 -46.95 36.55
N ASP A 86 -10.88 -48.28 36.68
CA ASP A 86 -9.71 -48.84 37.34
C ASP A 86 -8.50 -48.94 36.42
N SER A 87 -8.72 -48.91 35.10
CA SER A 87 -7.62 -48.97 34.15
C SER A 87 -7.92 -48.03 33.00
N LEU A 88 -6.86 -47.61 32.31
CA LEU A 88 -7.01 -46.71 31.18
C LEU A 88 -7.57 -47.41 29.95
N THR A 89 -7.38 -48.73 29.84
CA THR A 89 -7.91 -49.45 28.70
C THR A 89 -9.43 -49.61 28.78
N ASP A 90 -9.98 -49.69 30.00
CA ASP A 90 -11.43 -49.72 30.15
C ASP A 90 -12.04 -48.37 29.83
N LEU A 91 -11.35 -47.29 30.19
CA LEU A 91 -11.83 -45.95 29.86
C LEU A 91 -11.98 -45.79 28.36
N VAL A 92 -10.98 -46.23 27.59
CA VAL A 92 -11.05 -46.11 26.14
C VAL A 92 -12.23 -46.91 25.60
N GLU A 93 -12.39 -48.15 26.08
CA GLU A 93 -13.50 -48.98 25.62
C GLU A 93 -14.84 -48.36 25.96
N HIS A 94 -14.91 -47.63 27.09
CA HIS A 94 -16.17 -46.99 27.48
C HIS A 94 -16.60 -45.95 26.45
N TYR A 95 -15.76 -44.95 26.22
CA TYR A 95 -16.11 -43.87 25.30
C TYR A 95 -16.00 -44.29 23.84
N LYS A 96 -15.73 -45.56 23.55
CA LYS A 96 -15.89 -46.08 22.20
C LYS A 96 -17.33 -46.51 21.96
N LYS A 97 -18.00 -47.04 22.97
CA LYS A 97 -19.41 -47.39 22.91
C LYS A 97 -20.31 -46.28 23.42
N ASN A 98 -19.75 -45.29 24.12
CA ASN A 98 -20.50 -44.13 24.60
C ASN A 98 -19.74 -42.87 24.18
N PRO A 99 -19.79 -42.52 22.89
CA PRO A 99 -18.94 -41.44 22.39
C PRO A 99 -19.19 -40.12 23.11
N MET A 100 -18.17 -39.28 23.12
CA MET A 100 -18.25 -37.93 23.66
C MET A 100 -18.55 -36.93 22.56
N VAL A 101 -18.97 -35.74 22.97
CA VAL A 101 -19.33 -34.67 22.04
C VAL A 101 -18.35 -33.51 22.26
N GLU A 102 -17.67 -33.11 21.20
CA GLU A 102 -16.78 -31.96 21.27
C GLU A 102 -17.58 -30.66 21.27
N THR A 103 -16.94 -29.58 21.73
CA THR A 103 -17.62 -28.29 21.80
C THR A 103 -18.03 -27.78 20.42
N LEU A 104 -17.35 -28.22 19.36
CA LEU A 104 -17.70 -27.83 18.00
C LEU A 104 -18.77 -28.72 17.39
N GLY A 105 -19.58 -29.39 18.21
CA GLY A 105 -20.64 -30.24 17.73
C GLY A 105 -20.19 -31.52 17.05
N THR A 106 -18.89 -31.80 17.03
CA THR A 106 -18.37 -32.98 16.36
C THR A 106 -18.28 -34.13 17.36
N VAL A 107 -19.01 -35.22 17.10
CA VAL A 107 -18.96 -36.39 17.96
C VAL A 107 -17.66 -37.13 17.70
N LEU A 108 -17.03 -37.60 18.77
CA LEU A 108 -15.73 -38.28 18.69
C LEU A 108 -15.95 -39.77 18.50
N GLN A 109 -16.06 -40.20 17.24
CA GLN A 109 -16.22 -41.61 16.93
C GLN A 109 -14.87 -42.30 17.08
N LEU A 110 -14.74 -43.15 18.09
CA LEU A 110 -13.52 -43.91 18.33
C LEU A 110 -13.61 -45.23 17.56
N LYS A 111 -13.11 -45.22 16.33
CA LYS A 111 -13.17 -46.41 15.49
C LYS A 111 -11.91 -47.25 15.67
N GLN A 112 -10.83 -46.89 14.97
CA GLN A 112 -9.62 -47.69 15.02
C GLN A 112 -8.53 -46.96 15.81
N PRO A 113 -7.72 -47.68 16.59
CA PRO A 113 -6.58 -47.05 17.25
C PRO A 113 -5.47 -46.75 16.25
N LEU A 114 -4.64 -45.77 16.60
CA LEU A 114 -3.42 -45.46 15.85
C LEU A 114 -2.26 -46.09 16.61
N ASN A 115 -1.95 -47.33 16.27
CA ASN A 115 -0.89 -48.05 16.96
C ASN A 115 0.44 -47.34 16.74
N THR A 116 1.27 -47.34 17.77
CA THR A 116 2.55 -46.65 17.69
C THR A 116 3.59 -47.51 16.96
N THR A 117 4.64 -46.83 16.48
CA THR A 117 5.76 -47.49 15.84
C THR A 117 7.11 -47.05 16.39
N ARG A 118 7.15 -46.03 17.24
CA ARG A 118 8.38 -45.60 17.87
C ARG A 118 8.69 -46.48 19.08
N ILE A 119 9.96 -46.86 19.23
CA ILE A 119 10.36 -47.75 20.30
C ILE A 119 11.79 -47.40 20.72
N ASN A 120 12.02 -47.41 22.03
CA ASN A 120 13.37 -47.26 22.56
C ASN A 120 14.20 -48.48 22.18
N ALA A 121 15.35 -48.24 21.55
CA ALA A 121 16.15 -49.34 21.02
C ALA A 121 16.46 -50.38 22.08
N ALA A 122 16.81 -49.93 23.29
CA ALA A 122 17.10 -50.88 24.37
C ALA A 122 15.86 -51.65 24.80
N GLU A 123 14.68 -51.17 24.44
CA GLU A 123 13.41 -51.82 24.78
C GLU A 123 12.77 -52.45 23.55
N ILE A 124 13.59 -52.93 22.61
CA ILE A 124 13.06 -53.50 21.37
C ILE A 124 12.50 -54.89 21.61
N GLU A 125 13.10 -55.66 22.52
CA GLU A 125 12.60 -57.01 22.78
C GLU A 125 11.14 -56.99 23.21
N SER A 126 10.74 -55.97 23.98
CA SER A 126 9.35 -55.86 24.40
C SER A 126 8.42 -55.68 23.20
N ARG A 127 8.84 -54.88 22.23
CA ARG A 127 8.00 -54.64 21.05
C ARG A 127 7.91 -55.88 20.18
N VAL A 128 9.02 -56.59 19.99
CA VAL A 128 8.99 -57.82 19.21
C VAL A 128 8.12 -58.86 19.90
N ARG A 129 8.19 -58.91 21.23
CA ARG A 129 7.39 -59.89 21.97
C ARG A 129 5.91 -59.55 21.94
N GLU A 130 5.58 -58.27 21.77
CA GLU A 130 4.18 -57.85 21.69
C GLU A 130 3.64 -57.94 20.28
N LEU A 131 4.44 -57.55 19.28
CA LEU A 131 4.02 -57.70 17.90
C LEU A 131 3.77 -59.16 17.55
N SER A 132 4.31 -60.10 18.33
CA SER A 132 4.09 -61.51 18.09
C SER A 132 2.72 -62.00 18.57
N LYS A 133 2.04 -61.22 19.41
CA LYS A 133 0.69 -61.58 19.81
C LYS A 133 -0.28 -61.31 18.65
N LEU A 134 -1.39 -62.03 18.65
CA LEU A 134 -2.39 -61.84 17.61
C LEU A 134 -3.09 -60.50 17.79
N ALA A 135 -3.08 -59.69 16.73
CA ALA A 135 -3.65 -58.35 16.77
C ALA A 135 -5.11 -58.39 16.29
N GLU A 136 -5.99 -57.74 17.04
CA GLU A 136 -7.40 -57.66 16.67
C GLU A 136 -7.55 -57.06 15.27
N ASP A 139 -10.71 -60.37 13.00
CA ASP A 139 -10.72 -60.51 14.45
C ASP A 139 -9.61 -61.44 14.91
N LYS A 140 -8.40 -60.89 15.07
CA LYS A 140 -7.24 -61.66 15.50
C LYS A 140 -6.96 -62.82 14.54
N VAL A 141 -6.74 -62.46 13.28
CA VAL A 141 -6.39 -63.44 12.25
C VAL A 141 -4.88 -63.47 11.98
N LYS A 142 -4.16 -62.40 12.30
CA LYS A 142 -2.72 -62.33 12.04
C LYS A 142 -2.04 -61.67 13.23
N GLN A 143 -0.71 -61.72 13.23
CA GLN A 143 0.08 -61.17 14.32
C GLN A 143 0.22 -59.66 14.16
N GLY A 144 0.96 -59.05 15.10
CA GLY A 144 1.18 -57.61 15.03
C GLY A 144 2.11 -57.21 13.91
N PHE A 145 3.13 -58.03 13.63
CA PHE A 145 4.02 -57.74 12.51
C PHE A 145 3.22 -57.56 11.22
N TRP A 146 2.19 -58.38 11.04
CA TRP A 146 1.37 -58.29 9.83
C TRP A 146 0.67 -56.94 9.76
N GLU A 147 0.12 -56.46 10.88
CA GLU A 147 -0.63 -55.21 10.85
C GLU A 147 0.28 -54.02 10.58
N GLU A 148 1.46 -53.99 11.19
CA GLU A 148 2.43 -52.93 10.87
C GLU A 148 2.82 -52.98 9.41
N PHE A 149 3.00 -54.18 8.85
CA PHE A 149 3.43 -54.29 7.47
C PHE A 149 2.34 -53.87 6.50
N GLU A 150 1.07 -54.09 6.85
CA GLU A 150 -0.02 -53.63 5.99
C GLU A 150 -0.30 -52.15 6.16
N THR A 151 -0.03 -51.60 7.34
CA THR A 151 -0.14 -50.16 7.53
C THR A 151 0.80 -49.41 6.60
N LEU A 152 1.95 -50.00 6.27
CA LEU A 152 2.85 -49.40 5.28
C LEU A 152 2.35 -49.63 3.86
N GLN A 153 2.03 -50.88 3.52
CA GLN A 153 1.52 -51.16 2.18
C GLN A 153 0.26 -50.36 1.88
N GLN A 154 -0.49 -49.98 2.91
CA GLN A 154 -1.65 -49.13 2.72
C GLN A 154 -1.25 -47.66 2.52
N GLN A 155 -0.26 -47.19 3.28
CA GLN A 155 0.23 -45.83 3.12
C GLN A 155 1.12 -45.66 1.90
N GLU A 156 1.37 -46.74 1.15
CA GLU A 156 2.16 -46.64 -0.07
C GLU A 156 1.40 -45.98 -1.21
N CYS A 157 0.08 -45.80 -1.08
CA CYS A 157 -0.69 -45.11 -2.10
C CYS A 157 -0.47 -43.61 -2.09
N LYS A 158 -0.24 -43.04 -0.90
CA LYS A 158 0.15 -41.63 -0.77
C LYS A 158 1.67 -41.49 -0.94
N LEU A 159 2.15 -41.98 -2.08
CA LEU A 159 3.58 -42.08 -2.34
C LEU A 159 3.84 -42.32 -3.82
N LEU A 160 3.00 -41.73 -4.68
CA LEU A 160 3.07 -41.96 -6.12
C LEU A 160 3.75 -40.77 -6.78
N TYR A 161 5.07 -40.89 -6.98
CA TYR A 161 5.83 -39.93 -7.76
C TYR A 161 5.91 -40.41 -9.21
N SER A 162 6.31 -39.49 -10.09
CA SER A 162 6.39 -39.81 -11.50
C SER A 162 7.60 -40.70 -11.79
N ARG A 163 7.43 -41.60 -12.75
CA ARG A 163 8.49 -42.51 -13.18
C ARG A 163 8.57 -42.54 -14.70
N LYS A 164 8.46 -41.37 -15.33
CA LYS A 164 8.34 -41.34 -16.78
C LYS A 164 9.62 -41.82 -17.47
N GLU A 165 10.78 -41.58 -16.88
CA GLU A 165 12.03 -41.99 -17.52
C GLU A 165 12.13 -43.50 -17.62
N GLY A 166 11.69 -44.23 -16.59
CA GLY A 166 11.70 -45.68 -16.63
C GLY A 166 10.71 -46.27 -17.60
N GLN A 167 9.63 -45.55 -17.92
CA GLN A 167 8.59 -46.05 -18.80
C GLN A 167 8.85 -45.74 -20.28
N ARG A 168 9.92 -45.03 -20.59
CA ARG A 168 10.19 -44.65 -21.97
C ARG A 168 10.45 -45.89 -22.83
N GLN A 169 10.15 -45.77 -24.12
CA GLN A 169 10.42 -46.85 -25.04
C GLN A 169 11.92 -47.12 -25.17
N GLU A 170 12.74 -46.08 -25.04
CA GLU A 170 14.18 -46.25 -25.17
C GLU A 170 14.78 -47.08 -24.03
N ASN A 171 14.09 -47.18 -22.90
CA ASN A 171 14.63 -47.85 -21.72
C ASN A 171 13.88 -49.13 -21.36
N LYS A 172 13.01 -49.63 -22.24
CA LYS A 172 12.24 -50.83 -21.92
C LYS A 172 13.16 -52.01 -21.65
N ASN A 173 14.16 -52.21 -22.49
CA ASN A 173 15.06 -53.35 -22.35
C ASN A 173 16.12 -53.14 -21.27
N LYS A 174 16.07 -52.03 -20.54
CA LYS A 174 17.00 -51.75 -19.46
C LYS A 174 16.43 -52.08 -18.08
N ASN A 175 15.18 -52.52 -18.01
CA ASN A 175 14.51 -52.84 -16.75
C ASN A 175 14.17 -54.33 -16.73
N ARG A 176 14.56 -55.00 -15.64
CA ARG A 176 14.26 -56.43 -15.52
C ARG A 176 12.76 -56.67 -15.40
N TYR A 177 12.09 -55.85 -14.61
CA TYR A 177 10.65 -55.97 -14.39
C TYR A 177 9.97 -54.69 -14.87
N LYS A 178 8.87 -54.85 -15.61
CA LYS A 178 8.26 -53.72 -16.28
C LYS A 178 7.68 -52.70 -15.30
N ASN A 179 7.24 -53.15 -14.12
CA ASN A 179 6.56 -52.29 -13.18
C ASN A 179 7.42 -51.92 -11.96
N ILE A 180 8.73 -52.13 -12.05
CA ILE A 180 9.66 -51.72 -11.00
C ILE A 180 10.60 -50.71 -11.64
N LEU A 181 10.31 -49.43 -11.43
CA LEU A 181 11.01 -48.33 -12.08
C LEU A 181 11.48 -47.33 -11.04
N PRO A 182 12.51 -46.55 -11.36
CA PRO A 182 13.00 -45.55 -10.41
C PRO A 182 12.24 -44.24 -10.50
N PHE A 183 12.14 -43.58 -9.34
CA PHE A 183 11.55 -42.24 -9.31
C PHE A 183 12.46 -41.25 -10.00
N ASP A 184 11.87 -40.31 -10.73
CA ASP A 184 12.66 -39.34 -11.49
C ASP A 184 13.34 -38.32 -10.59
N HIS A 185 12.80 -38.06 -9.40
CA HIS A 185 13.38 -37.05 -8.53
C HIS A 185 14.52 -37.59 -7.68
N THR A 186 14.78 -38.90 -7.74
CA THR A 186 15.92 -39.51 -7.06
C THR A 186 16.75 -40.37 -8.00
N ARG A 187 16.38 -40.45 -9.27
CA ARG A 187 17.05 -41.31 -10.22
C ARG A 187 18.53 -40.95 -10.33
N VAL A 188 19.35 -41.95 -10.62
CA VAL A 188 20.77 -41.74 -10.89
C VAL A 188 20.89 -41.40 -12.37
N VAL A 189 21.42 -40.22 -12.67
CA VAL A 189 21.52 -39.73 -14.04
C VAL A 189 22.97 -39.88 -14.49
N LEU A 190 23.18 -40.64 -15.56
CA LEU A 190 24.51 -40.85 -16.11
C LEU A 190 24.82 -39.77 -17.14
N HIS A 191 25.97 -39.13 -16.99
CA HIS A 191 26.31 -37.97 -17.82
C HIS A 191 27.05 -38.38 -19.08
N ASP A 192 28.37 -38.59 -18.98
CA ASP A 192 29.14 -38.97 -20.16
C ASP A 192 28.69 -40.35 -20.63
N GLY A 193 27.98 -40.39 -21.75
CA GLY A 193 27.48 -41.61 -22.33
C GLY A 193 27.87 -41.75 -23.79
N ASP A 194 27.06 -42.50 -24.53
CA ASP A 194 27.32 -42.78 -25.94
C ASP A 194 26.32 -42.04 -26.81
N PRO A 195 26.74 -41.11 -27.66
CA PRO A 195 25.76 -40.41 -28.52
C PRO A 195 25.03 -41.32 -29.49
N ASN A 196 25.55 -42.53 -29.75
CA ASN A 196 24.89 -43.47 -30.63
C ASN A 196 23.74 -44.21 -29.96
N GLU A 197 23.19 -43.65 -28.89
CA GLU A 197 22.09 -44.26 -28.18
C GLU A 197 20.95 -43.25 -28.09
N PRO A 198 19.71 -43.64 -28.40
CA PRO A 198 18.59 -42.71 -28.19
C PRO A 198 18.57 -42.14 -26.78
N VAL A 199 18.83 -42.98 -25.78
CA VAL A 199 18.95 -42.55 -24.40
C VAL A 199 20.17 -43.27 -23.79
N SER A 200 21.01 -42.51 -23.09
CA SER A 200 22.23 -43.05 -22.50
C SER A 200 22.42 -42.66 -21.05
N ASP A 201 21.49 -41.90 -20.46
CA ASP A 201 21.63 -41.41 -19.10
C ASP A 201 20.77 -42.16 -18.10
N TYR A 202 20.18 -43.29 -18.50
CA TYR A 202 19.23 -44.01 -17.67
C TYR A 202 19.83 -45.30 -17.16
N ILE A 203 19.75 -45.51 -15.85
CA ILE A 203 20.01 -46.81 -15.23
C ILE A 203 18.97 -47.00 -14.13
N ASN A 204 18.45 -48.22 -14.00
CA ASN A 204 17.41 -48.52 -13.01
C ASN A 204 18.05 -48.48 -11.62
N ALA A 205 18.20 -47.27 -11.09
CA ALA A 205 18.83 -47.08 -9.80
C ALA A 205 18.38 -45.75 -9.21
N ASN A 206 18.47 -45.66 -7.88
CA ASN A 206 18.10 -44.46 -7.16
C ASN A 206 19.10 -44.20 -6.05
N ILE A 207 19.27 -42.93 -5.71
CA ILE A 207 20.10 -42.53 -4.58
C ILE A 207 19.25 -42.58 -3.33
N ILE A 208 19.78 -43.20 -2.28
CA ILE A 208 19.04 -43.35 -1.02
C ILE A 208 19.79 -42.56 0.06
N MET A 209 19.12 -41.57 0.63
CA MET A 209 19.68 -40.75 1.69
C MET A 209 18.77 -40.79 2.92
N PRO A 210 19.31 -40.96 4.14
CA PRO A 210 18.44 -40.89 5.31
C PRO A 210 17.74 -39.53 5.43
N LYS A 222 26.36 -37.33 5.23
CA LYS A 222 27.27 -38.40 5.64
C LYS A 222 27.11 -39.63 4.76
N LYS A 223 26.02 -40.37 4.97
CA LYS A 223 25.75 -41.61 4.26
C LYS A 223 24.74 -41.43 3.14
N SER A 224 24.97 -42.16 2.05
CA SER A 224 24.02 -42.29 0.96
C SER A 224 24.24 -43.65 0.33
N TYR A 225 23.17 -44.24 -0.20
CA TYR A 225 23.25 -45.53 -0.84
C TYR A 225 22.71 -45.42 -2.26
N ILE A 226 23.08 -46.38 -3.10
CA ILE A 226 22.57 -46.48 -4.45
C ILE A 226 21.91 -47.85 -4.55
N ALA A 227 20.59 -47.87 -4.72
CA ALA A 227 19.84 -49.11 -4.87
C ALA A 227 19.55 -49.31 -6.34
N THR A 228 20.04 -50.42 -6.90
CA THR A 228 19.89 -50.71 -8.31
C THR A 228 19.52 -52.17 -8.52
N GLN A 229 19.06 -52.47 -9.73
CA GLN A 229 18.69 -53.82 -10.10
C GLN A 229 19.92 -54.62 -10.50
N GLY A 230 19.77 -55.94 -10.53
CA GLY A 230 20.85 -56.79 -10.95
C GLY A 230 21.10 -56.64 -12.44
N CYS A 231 22.37 -56.53 -12.81
CA CYS A 231 22.71 -56.14 -14.18
C CYS A 231 22.07 -57.09 -15.18
N LEU A 232 21.42 -56.51 -16.19
CA LEU A 232 21.08 -57.22 -17.41
C LEU A 232 22.29 -57.26 -18.33
N GLN A 233 22.22 -58.13 -19.34
CA GLN A 233 23.33 -58.26 -20.28
C GLN A 233 23.63 -56.95 -20.98
N ASN A 234 22.61 -56.14 -21.23
CA ASN A 234 22.76 -54.88 -21.95
C ASN A 234 22.96 -53.67 -21.04
N THR A 235 23.11 -53.89 -19.72
CA THR A 235 23.35 -52.78 -18.80
C THR A 235 24.59 -53.00 -17.93
N VAL A 236 25.42 -54.00 -18.24
CA VAL A 236 26.66 -54.18 -17.48
C VAL A 236 27.57 -52.98 -17.68
N ASN A 237 27.72 -52.54 -18.94
CA ASN A 237 28.54 -51.37 -19.22
C ASN A 237 28.00 -50.14 -18.51
N ASP A 238 26.68 -49.93 -18.55
CA ASP A 238 26.08 -48.78 -17.88
C ASP A 238 26.31 -48.84 -16.38
N PHE A 239 26.28 -50.04 -15.78
CA PHE A 239 26.45 -50.17 -14.35
C PHE A 239 27.81 -49.65 -13.91
N TRP A 240 28.87 -50.06 -14.60
CA TRP A 240 30.21 -49.58 -14.24
C TRP A 240 30.37 -48.10 -14.54
N ARG A 241 29.61 -47.57 -15.50
CA ARG A 241 29.66 -46.13 -15.74
C ARG A 241 29.01 -45.36 -14.60
N MET A 242 28.16 -46.02 -13.81
CA MET A 242 27.60 -45.42 -12.60
C MET A 242 28.58 -45.48 -11.44
N VAL A 243 29.19 -46.65 -11.23
CA VAL A 243 30.16 -46.82 -10.15
C VAL A 243 31.30 -45.82 -10.31
N PHE A 244 31.82 -45.69 -11.52
CA PHE A 244 32.91 -44.75 -11.77
C PHE A 244 32.44 -43.32 -11.59
N GLN A 245 31.29 -42.97 -12.18
CA GLN A 245 30.76 -41.63 -12.04
C GLN A 245 30.54 -41.26 -10.58
N GLU A 246 29.89 -42.14 -9.82
CA GLU A 246 29.49 -41.85 -8.46
C GLU A 246 30.64 -41.92 -7.46
N ASN A 247 31.83 -42.34 -7.89
CA ASN A 247 32.98 -42.49 -7.01
C ASN A 247 32.80 -43.61 -5.99
N SER A 248 31.86 -44.50 -6.23
CA SER A 248 31.61 -45.59 -5.29
C SER A 248 32.82 -46.51 -5.19
N ARG A 249 33.13 -46.93 -3.96
CA ARG A 249 34.25 -47.81 -3.69
C ARG A 249 33.83 -49.11 -3.02
N VAL A 250 32.54 -49.31 -2.78
CA VAL A 250 32.03 -50.51 -2.15
C VAL A 250 30.73 -50.90 -2.84
N ILE A 251 30.62 -52.18 -3.20
CA ILE A 251 29.41 -52.73 -3.82
C ILE A 251 28.93 -53.89 -2.97
N VAL A 252 27.64 -53.92 -2.68
CA VAL A 252 27.03 -54.98 -1.89
C VAL A 252 26.07 -55.74 -2.80
N MET A 253 26.45 -56.95 -3.18
CA MET A 253 25.61 -57.84 -3.96
C MET A 253 24.98 -58.84 -3.01
N THR A 254 23.65 -58.89 -2.99
CA THR A 254 22.90 -59.71 -2.04
C THR A 254 22.16 -60.85 -2.72
N THR A 255 22.65 -61.30 -3.87
CA THR A 255 22.00 -62.37 -4.61
C THR A 255 23.05 -63.20 -5.33
N LYS A 256 22.68 -64.42 -5.67
CA LYS A 256 23.48 -65.25 -6.55
C LYS A 256 23.17 -64.92 -8.01
N GLU A 257 24.03 -65.41 -8.91
CA GLU A 257 23.79 -65.20 -10.33
C GLU A 257 22.53 -65.90 -10.79
N VAL A 258 22.24 -67.07 -10.22
CA VAL A 258 21.09 -67.87 -10.60
C VAL A 258 20.43 -68.38 -9.32
N GLU A 259 19.09 -68.33 -9.30
CA GLU A 259 18.30 -68.80 -8.16
C GLU A 259 17.14 -69.63 -8.69
N ARG A 260 17.24 -70.95 -8.55
CA ARG A 260 16.20 -71.88 -9.00
C ARG A 260 15.91 -71.70 -10.48
N GLY A 261 16.95 -71.89 -11.30
CA GLY A 261 16.80 -71.86 -12.73
C GLY A 261 16.75 -70.47 -13.33
N LYS A 262 16.14 -69.52 -12.62
CA LYS A 262 16.00 -68.17 -13.12
C LYS A 262 17.25 -67.35 -12.84
N SER A 263 17.64 -66.53 -13.80
CA SER A 263 18.79 -65.64 -13.65
C SER A 263 18.36 -64.36 -12.93
N LYS A 264 19.11 -63.99 -11.90
CA LYS A 264 18.78 -62.84 -11.07
C LYS A 264 19.78 -61.69 -11.21
N CYS A 265 20.95 -61.94 -11.79
CA CYS A 265 21.95 -60.89 -12.00
C CYS A 265 23.12 -61.44 -12.81
N VAL A 266 23.37 -60.87 -13.99
CA VAL A 266 24.44 -61.35 -14.84
C VAL A 266 25.78 -60.95 -14.23
N LYS A 267 26.77 -61.84 -14.34
CA LYS A 267 28.10 -61.58 -13.79
C LYS A 267 28.71 -60.35 -14.45
N TYR A 268 28.80 -59.25 -13.72
CA TYR A 268 29.34 -57.99 -14.23
C TYR A 268 30.80 -57.78 -13.84
N TRP A 269 31.43 -58.75 -13.19
CA TRP A 269 32.83 -58.69 -12.83
C TRP A 269 33.57 -59.84 -13.51
N PRO A 270 34.88 -59.73 -13.67
CA PRO A 270 35.65 -60.81 -14.31
C PRO A 270 36.11 -61.86 -13.31
N ASP A 271 36.55 -63.00 -13.86
CA ASP A 271 37.11 -64.04 -13.03
C ASP A 271 38.34 -63.52 -12.30
N GLU A 272 38.72 -64.21 -11.22
CA GLU A 272 39.87 -63.79 -10.44
C GLU A 272 41.13 -63.86 -11.29
N TYR A 273 41.96 -62.80 -11.19
CA TYR A 273 43.19 -62.65 -11.96
C TYR A 273 42.92 -62.44 -13.44
N ALA A 274 41.74 -61.95 -13.80
CA ALA A 274 41.36 -61.74 -15.19
C ALA A 274 41.07 -60.27 -15.44
N LEU A 275 41.08 -59.90 -16.72
CA LEU A 275 40.84 -58.52 -17.15
C LEU A 275 39.70 -58.54 -18.16
N LYS A 276 38.62 -57.82 -17.86
CA LYS A 276 37.48 -57.71 -18.76
C LYS A 276 37.20 -56.24 -19.02
N GLU A 277 36.78 -55.93 -20.24
CA GLU A 277 36.51 -54.57 -20.65
C GLU A 277 35.01 -54.41 -20.88
N TYR A 278 34.41 -53.43 -20.19
CA TYR A 278 32.97 -53.17 -20.25
C TYR A 278 32.78 -51.78 -20.85
N GLY A 279 32.86 -51.70 -22.17
CA GLY A 279 32.74 -50.42 -22.85
C GLY A 279 33.96 -49.56 -22.60
N VAL A 280 33.72 -48.31 -22.17
CA VAL A 280 34.81 -47.39 -21.88
C VAL A 280 35.48 -47.68 -20.55
N MET A 281 35.07 -48.72 -19.85
CA MET A 281 35.56 -49.03 -18.51
C MET A 281 36.42 -50.29 -18.52
N ARG A 282 37.34 -50.34 -17.55
CA ARG A 282 38.28 -51.45 -17.40
C ARG A 282 38.20 -51.95 -15.96
N VAL A 283 38.11 -53.26 -15.79
CA VAL A 283 37.98 -53.87 -14.47
C VAL A 283 38.93 -55.06 -14.37
N ARG A 284 39.61 -55.17 -13.22
CA ARG A 284 40.51 -56.28 -12.97
C ARG A 284 40.22 -56.83 -11.58
N ASN A 285 39.97 -58.15 -11.50
CA ASN A 285 39.73 -58.82 -10.23
C ASN A 285 41.09 -59.23 -9.66
N VAL A 286 41.59 -58.43 -8.72
CA VAL A 286 42.93 -58.66 -8.18
C VAL A 286 42.93 -59.86 -7.25
N LYS A 287 42.08 -59.84 -6.23
CA LYS A 287 42.07 -60.88 -5.22
C LYS A 287 40.66 -61.11 -4.72
N GLU A 288 40.38 -62.33 -4.28
CA GLU A 288 39.11 -62.69 -3.67
C GLU A 288 39.34 -63.31 -2.30
N SER A 289 38.42 -63.06 -1.39
CA SER A 289 38.45 -63.64 -0.06
C SER A 289 37.11 -64.30 0.21
N ALA A 290 37.13 -65.58 0.58
CA ALA A 290 35.93 -66.37 0.73
C ALA A 290 35.54 -66.49 2.20
N ALA A 291 34.28 -66.22 2.49
CA ALA A 291 33.67 -66.54 3.77
C ALA A 291 32.47 -67.45 3.52
N HIS A 292 31.97 -68.07 4.59
CA HIS A 292 30.85 -68.99 4.42
C HIS A 292 29.62 -68.28 3.87
N ASP A 293 29.34 -67.07 4.37
CA ASP A 293 28.15 -66.34 3.96
C ASP A 293 28.38 -65.42 2.77
N TYR A 294 29.62 -64.98 2.54
CA TYR A 294 29.89 -64.00 1.50
C TYR A 294 31.30 -64.18 0.96
N THR A 295 31.56 -63.54 -0.17
CA THR A 295 32.89 -63.49 -0.77
C THR A 295 33.22 -62.03 -1.08
N LEU A 296 34.45 -61.64 -0.76
CA LEU A 296 34.93 -60.28 -1.00
C LEU A 296 35.83 -60.29 -2.22
N ARG A 297 35.57 -59.38 -3.16
CA ARG A 297 36.36 -59.27 -4.37
C ARG A 297 36.93 -57.86 -4.47
N GLU A 298 38.25 -57.77 -4.63
CA GLU A 298 38.94 -56.49 -4.79
C GLU A 298 39.05 -56.19 -6.29
N LEU A 299 38.23 -55.25 -6.76
CA LEU A 299 38.21 -54.86 -8.16
C LEU A 299 38.90 -53.51 -8.33
N LYS A 300 39.75 -53.40 -9.34
CA LYS A 300 40.34 -52.14 -9.74
C LYS A 300 39.60 -51.66 -11.00
N LEU A 301 39.03 -50.46 -10.91
CA LEU A 301 38.22 -49.88 -11.97
C LEU A 301 38.94 -48.67 -12.54
N SER A 302 39.16 -48.68 -13.85
CA SER A 302 39.78 -47.57 -14.55
C SER A 302 39.02 -47.29 -15.83
N LYS A 303 39.36 -46.18 -16.48
CA LYS A 303 38.78 -45.84 -17.77
C LYS A 303 39.83 -46.04 -18.85
N VAL A 304 39.40 -46.60 -19.99
CA VAL A 304 40.32 -46.92 -21.07
C VAL A 304 40.90 -45.63 -21.63
N GLY A 305 42.22 -45.61 -21.82
CA GLY A 305 42.90 -44.46 -22.41
C GLY A 305 43.22 -43.35 -21.44
N GLN A 306 42.71 -43.37 -20.22
CA GLN A 306 42.97 -42.33 -19.23
C GLN A 306 43.82 -42.91 -18.10
N GLY A 307 44.97 -42.30 -17.88
CA GLY A 307 45.93 -42.82 -16.92
C GLY A 307 45.68 -42.32 -15.51
N ASN A 308 46.07 -43.17 -14.55
CA ASN A 308 45.94 -42.86 -13.13
C ASN A 308 44.52 -42.44 -12.77
N THR A 309 43.54 -43.16 -13.34
CA THR A 309 42.13 -43.01 -12.98
C THR A 309 41.64 -44.23 -12.24
N GLU A 310 42.54 -45.10 -11.81
CA GLU A 310 42.17 -46.41 -11.28
C GLU A 310 41.65 -46.27 -9.86
N ARG A 311 40.43 -46.75 -9.64
CA ARG A 311 39.84 -46.82 -8.32
C ARG A 311 39.69 -48.28 -7.93
N THR A 312 39.85 -48.55 -6.64
CA THR A 312 39.63 -49.88 -6.10
C THR A 312 38.20 -50.00 -5.62
N VAL A 313 37.43 -50.88 -6.26
CA VAL A 313 36.04 -51.11 -5.92
C VAL A 313 35.96 -52.43 -5.15
N TRP A 314 35.37 -52.38 -3.97
CA TRP A 314 35.21 -53.56 -3.12
C TRP A 314 33.82 -54.12 -3.33
N GLN A 315 33.74 -55.38 -3.74
CA GLN A 315 32.48 -56.08 -3.94
C GLN A 315 32.28 -57.08 -2.81
N TYR A 316 31.23 -56.89 -2.03
CA TYR A 316 30.83 -57.82 -0.98
C TYR A 316 29.64 -58.62 -1.51
N HIS A 317 29.87 -59.88 -1.85
CA HIS A 317 28.85 -60.73 -2.45
C HIS A 317 28.28 -61.66 -1.38
N PHE A 318 27.07 -61.36 -0.93
CA PHE A 318 26.36 -62.22 0.03
C PHE A 318 25.63 -63.28 -0.78
N ARG A 319 26.08 -64.53 -0.66
CA ARG A 319 25.63 -65.62 -1.52
C ARG A 319 24.94 -66.73 -0.71
N THR A 320 24.32 -66.36 0.40
CA THR A 320 23.58 -67.31 1.23
C THR A 320 22.19 -66.79 1.58
N TRP A 321 21.76 -65.70 0.95
CA TRP A 321 20.44 -65.14 1.17
C TRP A 321 19.43 -65.84 0.27
N PRO A 322 18.42 -66.54 0.82
CA PRO A 322 17.38 -67.10 -0.05
C PRO A 322 16.71 -66.00 -0.87
N ASP A 323 15.74 -66.34 -1.71
CA ASP A 323 15.16 -65.32 -2.57
C ASP A 323 14.15 -64.48 -1.81
N HIS A 324 12.96 -65.01 -1.58
CA HIS A 324 11.91 -64.28 -0.87
C HIS A 324 11.87 -64.60 0.62
N GLY A 325 12.86 -65.32 1.14
CA GLY A 325 13.01 -65.59 2.55
C GLY A 325 13.99 -64.65 3.21
N VAL A 326 14.44 -65.04 4.39
CA VAL A 326 15.39 -64.25 5.16
C VAL A 326 16.62 -65.10 5.46
N PRO A 327 17.75 -64.48 5.79
CA PRO A 327 18.95 -65.26 6.11
C PRO A 327 18.74 -66.13 7.34
N SER A 328 19.69 -67.04 7.54
CA SER A 328 19.57 -68.03 8.61
C SER A 328 19.56 -67.37 9.98
N ASP A 329 20.52 -66.49 10.24
CA ASP A 329 20.65 -65.82 11.52
C ASP A 329 21.04 -64.36 11.29
N PRO A 330 20.56 -63.45 12.14
CA PRO A 330 21.04 -62.06 12.03
C PRO A 330 22.51 -61.90 12.39
N GLY A 331 23.13 -62.89 13.03
CA GLY A 331 24.53 -62.75 13.41
C GLY A 331 25.45 -62.66 12.20
N GLY A 332 25.21 -63.50 11.19
CA GLY A 332 26.06 -63.47 10.01
C GLY A 332 25.85 -62.23 9.17
N VAL A 333 24.63 -61.70 9.16
CA VAL A 333 24.35 -60.50 8.39
C VAL A 333 24.97 -59.27 9.04
N LEU A 334 24.97 -59.21 10.37
CA LEU A 334 25.51 -58.04 11.06
C LEU A 334 27.02 -57.99 11.00
N ASP A 335 27.69 -59.14 11.15
CA ASP A 335 29.14 -59.18 10.95
C ASP A 335 29.49 -58.71 9.55
N PHE A 336 28.82 -59.29 8.54
CA PHE A 336 28.92 -58.80 7.17
C PHE A 336 28.64 -57.30 7.11
N LEU A 337 27.57 -56.87 7.78
CA LEU A 337 27.18 -55.46 7.73
C LEU A 337 28.28 -54.57 8.27
N GLU A 338 28.97 -55.00 9.33
CA GLU A 338 30.03 -54.20 9.93
C GLU A 338 31.25 -54.09 9.01
N GLU A 339 31.55 -55.14 8.24
CA GLU A 339 32.69 -55.09 7.33
C GLU A 339 32.48 -54.03 6.25
N VAL A 340 31.26 -53.92 5.73
CA VAL A 340 30.95 -52.88 4.76
C VAL A 340 31.17 -51.50 5.37
N HIS A 341 30.71 -51.32 6.61
CA HIS A 341 30.86 -50.02 7.28
C HIS A 341 32.32 -49.63 7.42
N HIS A 342 33.14 -50.53 7.95
CA HIS A 342 34.55 -50.21 8.18
C HIS A 342 35.29 -49.96 6.87
N LYS A 343 34.99 -50.74 5.83
CA LYS A 343 35.62 -50.52 4.54
C LYS A 343 35.27 -49.15 3.99
N GLN A 344 34.02 -48.73 4.15
CA GLN A 344 33.60 -47.42 3.65
C GLN A 344 34.40 -46.30 4.32
N GLU A 345 34.42 -46.28 5.65
CA GLU A 345 35.10 -45.20 6.36
C GLU A 345 36.62 -45.26 6.20
N SER A 346 37.18 -46.42 5.84
CA SER A 346 38.62 -46.52 5.65
C SER A 346 39.09 -45.81 4.38
N ILE A 347 38.19 -45.56 3.44
CA ILE A 347 38.51 -44.85 2.21
C ILE A 347 38.02 -43.41 2.35
N MET A 348 38.87 -42.46 1.96
CA MET A 348 38.55 -41.05 2.13
C MET A 348 37.61 -40.59 1.03
N ASP A 349 36.49 -39.98 1.44
CA ASP A 349 35.53 -39.39 0.50
C ASP A 349 35.08 -40.40 -0.54
N ALA A 350 34.65 -41.57 -0.07
CA ALA A 350 34.07 -42.57 -0.94
C ALA A 350 32.62 -42.22 -1.25
N GLY A 351 32.21 -42.46 -2.50
CA GLY A 351 30.87 -42.17 -2.94
C GLY A 351 29.84 -43.04 -2.25
N PRO A 352 28.59 -42.96 -2.70
CA PRO A 352 27.54 -43.82 -2.12
C PRO A 352 27.90 -45.29 -2.27
N VAL A 353 27.33 -46.09 -1.37
CA VAL A 353 27.53 -47.54 -1.39
C VAL A 353 26.48 -48.15 -2.32
N VAL A 354 26.93 -48.90 -3.30
CA VAL A 354 26.04 -49.50 -4.30
C VAL A 354 25.54 -50.83 -3.75
N VAL A 355 24.22 -50.94 -3.61
CA VAL A 355 23.56 -52.14 -3.13
C VAL A 355 22.58 -52.60 -4.19
N HIS A 356 22.56 -53.91 -4.44
CA HIS A 356 21.65 -54.45 -5.44
C HIS A 356 21.42 -55.93 -5.17
N CYS A 357 20.17 -56.36 -5.36
CA CYS A 357 19.82 -57.77 -5.35
C CYS A 357 19.46 -58.18 -6.77
N SER A 358 18.17 -58.37 -7.05
CA SER A 358 17.72 -58.66 -8.41
C SER A 358 16.84 -57.55 -8.95
N ALA A 359 15.78 -57.20 -8.23
CA ALA A 359 14.99 -56.02 -8.54
C ALA A 359 15.48 -54.78 -7.81
N GLY A 360 16.38 -54.95 -6.86
CA GLY A 360 16.83 -53.82 -6.05
C GLY A 360 15.76 -53.27 -5.13
N ILE A 361 14.88 -54.13 -4.63
CA ILE A 361 13.74 -53.68 -3.85
C ILE A 361 13.70 -54.41 -2.50
N GLY A 362 13.49 -55.72 -2.54
CA GLY A 362 13.30 -56.49 -1.32
C GLY A 362 14.55 -56.62 -0.48
N ARG A 363 15.46 -57.51 -0.90
CA ARG A 363 16.68 -57.72 -0.11
C ARG A 363 17.54 -56.47 -0.05
N THR A 364 17.56 -55.69 -1.13
CA THR A 364 18.31 -54.44 -1.13
C THR A 364 17.78 -53.49 -0.06
N GLY A 365 16.46 -53.29 -0.02
CA GLY A 365 15.89 -52.41 0.98
C GLY A 365 16.10 -52.91 2.39
N THR A 366 15.90 -54.22 2.60
CA THR A 366 16.08 -54.80 3.93
C THR A 366 17.46 -54.45 4.49
N PHE A 367 18.50 -54.63 3.68
CA PHE A 367 19.86 -54.40 4.15
C PHE A 367 20.14 -52.92 4.33
N ILE A 368 19.62 -52.06 3.46
CA ILE A 368 19.79 -50.63 3.62
C ILE A 368 19.05 -50.14 4.86
N VAL A 369 17.79 -50.58 5.02
CA VAL A 369 17.01 -50.16 6.18
C VAL A 369 17.72 -50.54 7.47
N ILE A 370 18.29 -51.75 7.51
CA ILE A 370 19.02 -52.18 8.70
C ILE A 370 20.23 -51.26 8.93
N ASP A 371 21.02 -51.01 7.89
CA ASP A 371 22.22 -50.21 8.05
C ASP A 371 21.91 -48.80 8.55
N ILE A 372 20.81 -48.21 8.06
CA ILE A 372 20.43 -46.89 8.51
C ILE A 372 20.15 -46.89 10.01
N LEU A 373 19.45 -47.92 10.49
CA LEU A 373 19.11 -47.99 11.89
C LEU A 373 20.35 -48.22 12.75
N ILE A 374 21.26 -49.07 12.29
CA ILE A 374 22.47 -49.33 13.06
C ILE A 374 23.30 -48.07 13.16
N ASP A 375 23.30 -47.24 12.13
CA ASP A 375 24.00 -45.96 12.21
C ASP A 375 23.41 -45.07 13.28
N ILE A 376 22.08 -45.08 13.42
CA ILE A 376 21.43 -44.32 14.49
C ILE A 376 21.92 -44.82 15.84
N ILE A 377 22.13 -46.13 15.97
CA ILE A 377 22.57 -46.70 17.23
C ILE A 377 24.05 -46.49 17.46
N ARG A 378 24.84 -46.42 16.38
CA ARG A 378 26.27 -46.16 16.53
C ARG A 378 26.55 -44.76 17.08
N GLU A 379 25.62 -43.83 16.86
CA GLU A 379 25.81 -42.44 17.27
C GLU A 379 25.16 -42.11 18.61
N LYS A 380 23.91 -42.53 18.80
CA LYS A 380 23.14 -42.14 19.98
C LYS A 380 23.25 -43.16 21.11
N GLY A 381 23.41 -44.43 20.81
CA GLY A 381 23.52 -45.46 21.81
C GLY A 381 22.28 -46.34 21.86
N VAL A 382 22.21 -47.15 22.91
CA VAL A 382 21.08 -48.07 23.06
C VAL A 382 19.82 -47.36 23.48
N ASP A 383 19.93 -46.16 24.06
CA ASP A 383 18.76 -45.41 24.50
C ASP A 383 18.46 -44.29 23.51
N CYS A 384 18.01 -44.71 22.32
CA CYS A 384 17.57 -43.80 21.28
C CYS A 384 16.21 -44.27 20.78
N ASP A 385 15.53 -43.41 20.03
CA ASP A 385 14.22 -43.73 19.48
C ASP A 385 14.38 -44.27 18.07
N ILE A 386 13.92 -45.50 17.86
CA ILE A 386 13.92 -46.13 16.54
C ILE A 386 12.47 -46.21 16.07
N ASP A 387 12.30 -46.22 14.75
CA ASP A 387 10.97 -46.29 14.15
C ASP A 387 11.14 -46.94 12.78
N VAL A 388 10.89 -48.24 12.70
CA VAL A 388 11.18 -49.02 11.50
C VAL A 388 10.21 -48.67 10.38
N PRO A 389 8.90 -48.58 10.64
CA PRO A 389 7.99 -48.12 9.57
C PRO A 389 8.32 -46.73 9.07
N LYS A 390 8.60 -45.80 9.98
CA LYS A 390 8.97 -44.44 9.58
C LYS A 390 10.26 -44.44 8.76
N THR A 391 11.19 -45.33 9.09
CA THR A 391 12.44 -45.43 8.34
C THR A 391 12.22 -46.11 6.99
N ILE A 392 11.33 -47.10 6.93
CA ILE A 392 11.04 -47.77 5.67
C ILE A 392 10.26 -46.84 4.76
N GLN A 393 9.26 -46.14 5.30
CA GLN A 393 8.48 -45.21 4.50
C GLN A 393 9.36 -44.07 3.98
N MET A 394 10.31 -43.61 4.80
CA MET A 394 11.24 -42.59 4.35
C MET A 394 12.15 -43.13 3.25
N VAL A 395 12.44 -44.43 3.27
CA VAL A 395 13.23 -45.04 2.21
C VAL A 395 12.38 -45.30 0.98
N ARG A 396 11.10 -45.62 1.16
CA ARG A 396 10.22 -45.89 0.02
C ARG A 396 9.89 -44.65 -0.78
N SER A 397 10.00 -43.46 -0.19
CA SER A 397 9.81 -42.23 -0.94
C SER A 397 10.94 -41.98 -1.93
N GLN A 398 12.03 -42.73 -1.82
CA GLN A 398 13.18 -42.59 -2.70
C GLN A 398 13.36 -43.76 -3.66
N ARG A 399 12.79 -44.92 -3.35
CA ARG A 399 12.71 -46.02 -4.29
C ARG A 399 11.46 -46.83 -3.98
N SER A 400 10.78 -47.29 -5.03
CA SER A 400 9.46 -47.88 -4.86
C SER A 400 9.52 -49.17 -4.05
N GLY A 401 8.72 -49.21 -2.98
CA GLY A 401 8.43 -50.45 -2.28
C GLY A 401 9.62 -51.18 -1.70
N MET A 402 10.61 -50.45 -1.18
CA MET A 402 11.73 -51.10 -0.51
C MET A 402 11.22 -51.95 0.66
N VAL A 403 11.91 -53.07 0.89
CA VAL A 403 11.44 -54.10 1.82
C VAL A 403 10.16 -54.67 1.21
N GLN A 404 10.24 -55.91 0.72
CA GLN A 404 9.19 -56.48 -0.12
C GLN A 404 8.19 -57.32 0.68
N THR A 405 8.67 -58.28 1.48
CA THR A 405 7.80 -59.24 2.15
C THR A 405 7.74 -58.96 3.65
N GLU A 406 6.76 -59.57 4.30
CA GLU A 406 6.62 -59.44 5.75
C GLU A 406 7.76 -60.13 6.48
N ALA A 407 8.22 -61.28 5.96
CA ALA A 407 9.35 -61.96 6.59
C ALA A 407 10.56 -61.06 6.67
N GLN A 408 10.84 -60.31 5.60
CA GLN A 408 11.95 -59.36 5.63
C GLN A 408 11.69 -58.24 6.63
N TYR A 409 10.44 -57.85 6.81
CA TYR A 409 10.11 -56.79 7.77
C TYR A 409 10.39 -57.26 9.19
N ARG A 410 9.98 -58.48 9.54
CA ARG A 410 10.29 -59.01 10.86
C ARG A 410 11.79 -59.17 11.06
N PHE A 411 12.52 -59.49 9.98
CA PHE A 411 13.96 -59.69 10.09
C PHE A 411 14.68 -58.41 10.49
N ILE A 412 14.16 -57.26 10.07
CA ILE A 412 14.78 -55.99 10.45
C ILE A 412 14.78 -55.83 11.97
N TYR A 413 13.63 -56.06 12.60
CA TYR A 413 13.58 -56.09 14.05
C TYR A 413 14.54 -57.12 14.61
N MET A 414 14.46 -58.36 14.12
CA MET A 414 15.34 -59.42 14.59
C MET A 414 16.81 -59.04 14.42
N ALA A 415 17.11 -58.20 13.42
CA ALA A 415 18.49 -57.74 13.24
C ALA A 415 18.87 -56.72 14.31
N VAL A 416 18.02 -55.72 14.54
CA VAL A 416 18.29 -54.72 15.55
C VAL A 416 18.38 -55.36 16.93
N GLN A 417 17.38 -56.17 17.28
CA GLN A 417 17.38 -56.83 18.58
C GLN A 417 18.69 -57.58 18.80
N HIS A 418 19.13 -58.36 17.80
CA HIS A 418 20.37 -59.10 17.94
C HIS A 418 21.55 -58.17 18.06
N TYR A 419 21.48 -56.99 17.44
CA TYR A 419 22.56 -56.02 17.53
C TYR A 419 22.58 -55.32 18.89
N ILE A 420 21.41 -55.01 19.43
CA ILE A 420 21.35 -54.39 20.75
C ILE A 420 21.89 -55.35 21.81
N GLU A 421 21.59 -56.63 21.67
CA GLU A 421 22.05 -57.61 22.66
C GLU A 421 23.56 -57.69 22.70
N THR A 422 24.22 -57.64 21.55
CA THR A 422 25.68 -57.73 21.52
C THR A 422 26.30 -56.51 22.19
N LEU A 423 25.69 -55.34 22.00
CA LEU A 423 26.21 -54.12 22.61
C LEU A 423 26.01 -54.13 24.11
N GLN A 424 24.97 -54.80 24.60
CA GLN A 424 24.71 -54.88 26.03
C GLN A 424 25.64 -55.84 26.75
N ARG A 425 26.26 -56.78 26.02
CA ARG A 425 27.23 -57.68 26.63
C ARG A 425 28.60 -57.02 26.67
N ARG A 426 29.26 -57.16 27.82
CA ARG A 426 30.55 -56.51 28.06
C ARG A 426 30.39 -54.99 28.05
N PRO B 5 16.84 -20.65 -11.99
CA PRO B 5 15.37 -20.52 -12.01
C PRO B 5 14.69 -21.83 -12.44
N THR B 6 14.97 -22.27 -13.68
CA THR B 6 14.40 -23.51 -14.18
C THR B 6 15.29 -24.03 -15.30
N SER B 7 15.22 -25.34 -15.53
CA SER B 7 15.98 -25.98 -16.59
C SER B 7 15.17 -26.14 -17.87
N GLU B 8 13.90 -25.74 -17.88
CA GLU B 8 13.10 -25.78 -19.09
C GLU B 8 13.73 -24.89 -20.16
N ARG B 9 13.41 -25.21 -21.42
CA ARG B 9 13.96 -24.48 -22.54
C ARG B 9 13.15 -23.25 -22.93
N TRP B 10 11.93 -23.12 -22.41
CA TRP B 10 11.17 -21.89 -22.63
C TRP B 10 11.64 -20.74 -21.73
N PHE B 11 12.68 -20.95 -20.93
CA PHE B 11 13.28 -19.89 -20.13
C PHE B 11 14.56 -19.44 -20.83
N HIS B 12 14.57 -18.19 -21.29
CA HIS B 12 15.68 -17.66 -22.07
C HIS B 12 16.72 -16.94 -21.24
N GLY B 13 16.52 -16.84 -19.93
CA GLY B 13 17.51 -16.18 -19.09
C GLY B 13 17.56 -14.68 -19.38
N HIS B 14 18.78 -14.16 -19.52
CA HIS B 14 18.99 -12.73 -19.76
C HIS B 14 18.64 -12.42 -21.21
N LEU B 15 17.52 -11.74 -21.42
CA LEU B 15 17.08 -11.37 -22.75
C LEU B 15 16.32 -10.05 -22.68
N SER B 16 16.65 -9.12 -23.58
CA SER B 16 16.03 -7.82 -23.60
C SER B 16 14.60 -7.90 -24.14
N GLY B 17 13.76 -6.97 -23.73
CA GLY B 17 12.40 -6.91 -24.24
C GLY B 17 12.37 -6.72 -25.74
N LYS B 18 13.23 -5.83 -26.26
CA LYS B 18 13.28 -5.61 -27.70
C LYS B 18 13.84 -6.83 -28.42
N GLU B 19 14.84 -7.49 -27.84
CA GLU B 19 15.39 -8.69 -28.45
C GLU B 19 14.33 -9.78 -28.53
N ALA B 20 13.56 -9.98 -27.45
CA ALA B 20 12.51 -10.99 -27.46
C ALA B 20 11.43 -10.66 -28.48
N GLU B 21 11.19 -9.38 -28.73
CA GLU B 21 10.21 -9.00 -29.73
C GLU B 21 10.59 -9.48 -31.13
N LYS B 22 11.87 -9.74 -31.38
CA LYS B 22 12.31 -10.25 -32.66
C LYS B 22 12.23 -11.76 -32.75
N LEU B 23 12.64 -12.47 -31.70
CA LEU B 23 12.63 -13.93 -31.74
C LEU B 23 11.22 -14.49 -31.89
N LEU B 24 10.22 -13.80 -31.35
CA LEU B 24 8.85 -14.28 -31.48
C LEU B 24 8.26 -13.96 -32.84
N THR B 25 8.67 -12.85 -33.45
CA THR B 25 8.14 -12.48 -34.77
C THR B 25 8.75 -13.31 -35.88
N GLU B 26 10.02 -13.72 -35.75
CA GLU B 26 10.76 -14.35 -36.83
C GLU B 26 10.81 -15.87 -36.68
N LYS B 27 11.30 -16.37 -35.55
CA LYS B 27 11.52 -17.80 -35.35
C LYS B 27 10.39 -18.48 -34.58
N GLY B 28 9.20 -17.88 -34.58
CA GLY B 28 8.08 -18.45 -33.86
C GLY B 28 6.76 -18.05 -34.49
N LYS B 29 5.76 -18.90 -34.32
CA LYS B 29 4.43 -18.65 -34.82
C LYS B 29 3.54 -18.09 -33.71
N HIS B 30 2.33 -17.67 -34.09
CA HIS B 30 1.39 -17.13 -33.12
C HIS B 30 1.26 -18.05 -31.92
N GLY B 31 1.14 -17.46 -30.74
CA GLY B 31 1.01 -18.22 -29.51
C GLY B 31 2.32 -18.67 -28.90
N SER B 32 3.47 -18.32 -29.49
CA SER B 32 4.75 -18.70 -28.92
C SER B 32 5.03 -17.89 -27.66
N PHE B 33 5.49 -18.57 -26.62
CA PHE B 33 5.75 -17.94 -25.33
C PHE B 33 7.18 -18.21 -24.88
N LEU B 34 7.62 -17.44 -23.89
CA LEU B 34 8.96 -17.53 -23.35
C LEU B 34 9.02 -16.70 -22.08
N VAL B 35 9.90 -17.09 -21.17
CA VAL B 35 10.11 -16.38 -19.91
C VAL B 35 11.51 -15.77 -19.93
N ARG B 36 11.62 -14.54 -19.42
CA ARG B 36 12.88 -13.82 -19.40
C ARG B 36 13.11 -13.22 -18.03
N GLU B 37 14.34 -12.75 -17.82
CA GLU B 37 14.65 -11.93 -16.66
C GLU B 37 14.23 -10.49 -16.94
N SER B 38 13.58 -9.88 -15.96
CA SER B 38 13.05 -8.53 -16.15
C SER B 38 14.19 -7.52 -16.16
N GLN B 39 14.24 -6.71 -17.21
CA GLN B 39 15.24 -5.66 -17.33
C GLN B 39 14.85 -4.37 -16.62
N SER B 40 13.57 -4.21 -16.29
CA SER B 40 13.09 -3.02 -15.59
C SER B 40 13.12 -3.21 -14.07
N HIS B 41 12.48 -4.27 -13.59
CA HIS B 41 12.49 -4.63 -12.16
C HIS B 41 13.35 -5.87 -11.99
N PRO B 42 14.66 -5.72 -11.75
CA PRO B 42 15.53 -6.91 -11.68
C PRO B 42 15.10 -7.84 -10.55
N GLY B 43 15.11 -9.14 -10.85
CA GLY B 43 14.65 -10.14 -9.91
C GLY B 43 13.34 -10.77 -10.36
N ASP B 44 12.45 -9.96 -10.92
CA ASP B 44 11.19 -10.46 -11.45
C ASP B 44 11.42 -11.06 -12.84
N PHE B 45 10.35 -11.61 -13.41
CA PHE B 45 10.40 -12.26 -14.70
C PHE B 45 9.31 -11.70 -15.60
N VAL B 46 9.39 -12.03 -16.88
CA VAL B 46 8.44 -11.57 -17.89
C VAL B 46 8.05 -12.74 -18.78
N LEU B 47 6.76 -12.88 -19.04
CA LEU B 47 6.24 -13.88 -19.96
C LEU B 47 5.82 -13.15 -21.24
N SER B 48 6.57 -13.36 -22.31
CA SER B 48 6.28 -12.73 -23.60
C SER B 48 5.54 -13.73 -24.48
N VAL B 49 4.31 -13.37 -24.87
CA VAL B 49 3.48 -14.21 -25.70
C VAL B 49 3.23 -13.50 -27.02
N ARG B 50 2.95 -14.29 -28.06
CA ARG B 50 2.61 -13.72 -29.36
C ARG B 50 1.10 -13.80 -29.59
N LYS B 64 0.74 -10.30 -32.87
CA LYS B 64 1.14 -9.28 -31.91
C LYS B 64 1.88 -9.91 -30.73
N VAL B 65 2.70 -9.12 -30.05
CA VAL B 65 3.49 -9.57 -28.92
C VAL B 65 3.01 -8.85 -27.66
N THR B 66 3.02 -9.55 -26.54
CA THR B 66 2.59 -9.01 -25.26
C THR B 66 3.59 -9.38 -24.18
N HIS B 67 3.93 -8.41 -23.33
CA HIS B 67 4.88 -8.60 -22.25
C HIS B 67 4.11 -8.70 -20.94
N VAL B 68 3.99 -9.91 -20.40
CA VAL B 68 3.32 -10.15 -19.12
C VAL B 68 4.40 -10.25 -18.05
N MET B 69 4.30 -9.39 -17.04
CA MET B 69 5.32 -9.31 -15.99
C MET B 69 4.99 -10.26 -14.84
N ILE B 70 6.01 -10.97 -14.37
CA ILE B 70 5.89 -11.89 -13.25
C ILE B 70 6.75 -11.37 -12.11
N ARG B 71 6.21 -11.40 -10.90
CA ARG B 71 6.92 -10.98 -9.70
C ARG B 71 7.21 -12.19 -8.83
N CYS B 72 8.30 -12.12 -8.07
CA CYS B 72 8.71 -13.19 -7.17
C CYS B 72 8.84 -12.61 -5.76
N GLN B 73 8.07 -13.17 -4.83
CA GLN B 73 8.08 -12.74 -3.43
C GLN B 73 8.54 -13.92 -2.59
N GLU B 74 9.85 -14.11 -2.52
CA GLU B 74 10.44 -15.24 -1.79
C GLU B 74 10.04 -16.55 -2.44
N LEU B 75 10.40 -16.72 -3.71
CA LEU B 75 10.05 -17.92 -4.48
C LEU B 75 8.54 -18.15 -4.48
N LYS B 76 7.81 -17.08 -4.80
CA LYS B 76 6.35 -17.12 -4.91
C LYS B 76 5.97 -16.32 -6.15
N TYR B 77 5.90 -17.01 -7.29
CA TYR B 77 5.69 -16.34 -8.56
C TYR B 77 4.21 -16.09 -8.82
N ASP B 78 3.90 -14.97 -9.45
CA ASP B 78 2.53 -14.62 -9.80
C ASP B 78 2.55 -13.52 -10.85
N VAL B 79 1.40 -13.31 -11.48
CA VAL B 79 1.28 -12.32 -12.56
C VAL B 79 0.69 -11.03 -12.00
N GLY B 80 1.46 -10.34 -11.16
CA GLY B 80 1.01 -9.09 -10.57
C GLY B 80 0.02 -9.28 -9.44
N GLY B 81 -1.04 -10.04 -9.70
CA GLY B 81 -2.03 -10.33 -8.69
C GLY B 81 -2.57 -11.74 -8.85
N GLY B 82 -3.25 -12.19 -7.81
CA GLY B 82 -3.85 -13.50 -7.80
C GLY B 82 -3.06 -14.51 -6.97
N GLU B 83 -3.33 -15.78 -7.25
CA GLU B 83 -2.68 -16.85 -6.51
C GLU B 83 -1.19 -16.92 -6.87
N ARG B 84 -0.37 -17.20 -5.86
CA ARG B 84 1.07 -17.32 -6.05
C ARG B 84 1.46 -18.79 -6.14
N PHE B 85 2.36 -19.10 -7.06
CA PHE B 85 2.75 -20.46 -7.36
C PHE B 85 4.04 -20.84 -6.65
N ASP B 86 4.18 -22.13 -6.36
CA ASP B 86 5.35 -22.63 -5.67
C ASP B 86 6.58 -22.71 -6.56
N SER B 87 6.39 -22.73 -7.88
CA SER B 87 7.52 -22.84 -8.81
C SER B 87 7.20 -22.04 -10.06
N LEU B 88 8.26 -21.73 -10.82
CA LEU B 88 8.10 -20.99 -12.06
C LEU B 88 7.45 -21.83 -13.14
N THR B 89 7.69 -23.14 -13.14
CA THR B 89 7.06 -24.02 -14.13
C THR B 89 5.57 -24.20 -13.83
N ASP B 90 5.19 -24.23 -12.56
CA ASP B 90 3.78 -24.38 -12.22
C ASP B 90 2.95 -23.20 -12.71
N LEU B 91 3.54 -22.00 -12.74
CA LEU B 91 2.83 -20.82 -13.23
C LEU B 91 2.49 -20.98 -14.71
N VAL B 92 3.48 -21.35 -15.52
CA VAL B 92 3.25 -21.52 -16.95
C VAL B 92 2.21 -22.60 -17.20
N GLU B 93 2.29 -23.70 -16.45
CA GLU B 93 1.36 -24.81 -16.66
C GLU B 93 -0.08 -24.37 -16.41
N HIS B 94 -0.30 -23.56 -15.37
CA HIS B 94 -1.65 -23.10 -15.08
C HIS B 94 -2.20 -22.23 -16.20
N TYR B 95 -1.54 -21.11 -16.47
CA TYR B 95 -2.02 -20.16 -17.46
C TYR B 95 -1.92 -20.68 -18.89
N LYS B 96 -1.44 -21.90 -19.09
CA LYS B 96 -1.50 -22.53 -20.40
C LYS B 96 -2.84 -23.22 -20.63
N LYS B 97 -3.46 -23.73 -19.57
CA LYS B 97 -4.80 -24.28 -19.64
C LYS B 97 -5.86 -23.30 -19.17
N ASN B 98 -5.47 -22.19 -18.53
CA ASN B 98 -6.38 -21.13 -18.11
C ASN B 98 -5.84 -19.82 -18.66
N PRO B 99 -6.03 -19.56 -19.95
CA PRO B 99 -5.39 -18.41 -20.59
C PRO B 99 -5.77 -17.09 -19.92
N MET B 100 -4.93 -16.08 -20.16
CA MET B 100 -5.17 -14.72 -19.69
C MET B 100 -5.71 -13.87 -20.85
N VAL B 101 -6.24 -12.71 -20.48
CA VAL B 101 -6.78 -11.76 -21.45
C VAL B 101 -6.00 -10.46 -21.35
N GLU B 102 -5.55 -9.96 -22.49
CA GLU B 102 -4.76 -8.74 -22.54
C GLU B 102 -5.67 -7.53 -22.70
N THR B 103 -5.18 -6.38 -22.22
CA THR B 103 -6.00 -5.17 -22.12
C THR B 103 -6.40 -4.58 -23.47
N LEU B 104 -6.06 -5.22 -24.60
CA LEU B 104 -6.53 -4.76 -25.91
C LEU B 104 -7.53 -5.70 -26.55
N GLY B 105 -7.90 -6.80 -25.88
CA GLY B 105 -8.95 -7.69 -26.34
C GLY B 105 -8.49 -9.09 -26.68
N THR B 106 -7.21 -9.29 -26.97
CA THR B 106 -6.73 -10.60 -27.41
C THR B 106 -6.46 -11.50 -26.21
N VAL B 107 -6.84 -12.78 -26.34
CA VAL B 107 -6.59 -13.78 -25.31
C VAL B 107 -5.19 -14.36 -25.53
N LEU B 108 -4.44 -14.53 -24.45
CA LEU B 108 -3.06 -15.00 -24.53
C LEU B 108 -3.05 -16.53 -24.51
N GLN B 109 -3.28 -17.11 -25.69
CA GLN B 109 -3.19 -18.55 -25.86
C GLN B 109 -1.73 -18.98 -25.85
N LEU B 110 -1.32 -19.71 -24.82
CA LEU B 110 0.04 -20.24 -24.74
C LEU B 110 0.08 -21.52 -25.57
N LYS B 111 0.25 -21.34 -26.89
CA LYS B 111 0.25 -22.46 -27.82
C LYS B 111 1.50 -23.30 -27.66
N GLN B 112 2.57 -22.94 -28.39
CA GLN B 112 3.81 -23.71 -28.35
C GLN B 112 4.92 -22.95 -27.64
N PRO B 113 5.84 -23.64 -26.96
CA PRO B 113 7.01 -22.95 -26.42
C PRO B 113 7.98 -22.57 -27.52
N LEU B 114 8.71 -21.48 -27.29
CA LEU B 114 9.80 -21.08 -28.18
C LEU B 114 11.11 -21.48 -27.51
N ASN B 115 11.46 -22.75 -27.66
CA ASN B 115 12.62 -23.31 -26.97
C ASN B 115 13.89 -22.55 -27.35
N THR B 116 14.69 -22.24 -26.35
CA THR B 116 15.95 -21.55 -26.56
C THR B 116 17.04 -22.52 -26.97
N THR B 117 18.09 -21.97 -27.58
CA THR B 117 19.27 -22.74 -27.96
C THR B 117 20.56 -22.12 -27.43
N ARG B 118 20.51 -20.92 -26.85
CA ARG B 118 21.67 -20.29 -26.25
C ARG B 118 21.81 -20.79 -24.82
N ILE B 119 23.03 -21.19 -24.46
CA ILE B 119 23.29 -21.81 -23.16
C ILE B 119 24.62 -21.32 -22.62
N ASN B 120 24.65 -20.97 -21.35
CA ASN B 120 25.89 -20.67 -20.66
C ASN B 120 26.74 -21.94 -20.61
N ALA B 121 27.94 -21.86 -21.19
CA ALA B 121 28.77 -23.05 -21.35
C ALA B 121 28.95 -23.80 -20.03
N ALA B 122 29.13 -23.06 -18.94
CA ALA B 122 29.27 -23.70 -17.63
C ALA B 122 28.02 -24.47 -17.22
N GLU B 123 26.87 -24.15 -17.82
CA GLU B 123 25.60 -24.82 -17.52
C GLU B 123 25.22 -25.83 -18.60
N ILE B 124 26.20 -26.38 -19.30
CA ILE B 124 25.90 -27.26 -20.43
C ILE B 124 25.27 -28.56 -19.95
N GLU B 125 25.67 -29.05 -18.78
CA GLU B 125 25.08 -30.29 -18.24
C GLU B 125 23.57 -30.18 -18.17
N SER B 126 23.06 -29.05 -17.69
CA SER B 126 21.62 -28.89 -17.52
C SER B 126 20.90 -29.00 -18.86
N ARG B 127 21.51 -28.50 -19.93
CA ARG B 127 20.84 -28.50 -21.23
C ARG B 127 20.84 -29.90 -21.84
N VAL B 128 21.98 -30.58 -21.81
CA VAL B 128 22.07 -31.93 -22.36
C VAL B 128 21.07 -32.85 -21.66
N ARG B 129 20.94 -32.73 -20.35
CA ARG B 129 19.96 -33.52 -19.63
C ARG B 129 18.54 -33.11 -20.01
N GLU B 130 18.33 -31.84 -20.35
CA GLU B 130 17.01 -31.40 -20.78
C GLU B 130 16.73 -31.74 -22.23
N LEU B 131 17.75 -31.73 -23.08
CA LEU B 131 17.58 -32.11 -24.48
C LEU B 131 17.43 -33.62 -24.65
N SER B 132 17.69 -34.41 -23.61
CA SER B 132 17.57 -35.86 -23.71
C SER B 132 16.13 -36.33 -23.46
N LYS B 133 15.37 -35.58 -22.67
CA LYS B 133 14.00 -35.97 -22.36
C LYS B 133 13.04 -35.47 -23.44
N LEU B 134 11.91 -36.15 -23.55
CA LEU B 134 10.92 -35.80 -24.56
C LEU B 134 10.34 -34.42 -24.29
N VAL B 141 6.31 -34.53 -30.21
CA VAL B 141 7.17 -34.15 -29.10
C VAL B 141 8.11 -35.32 -28.75
N LYS B 142 9.14 -35.49 -29.57
CA LYS B 142 10.09 -36.58 -29.39
C LYS B 142 11.32 -36.10 -28.62
N GLN B 143 12.49 -36.66 -28.95
CA GLN B 143 13.73 -36.25 -28.31
C GLN B 143 13.88 -34.72 -28.32
N GLY B 144 14.63 -34.21 -27.36
CA GLY B 144 14.97 -32.80 -27.36
C GLY B 144 16.04 -32.50 -28.39
N PHE B 145 17.01 -33.40 -28.52
CA PHE B 145 18.04 -33.24 -29.54
C PHE B 145 17.44 -33.27 -30.94
N TRP B 146 16.43 -34.11 -31.15
CA TRP B 146 15.81 -34.21 -32.46
C TRP B 146 15.09 -32.91 -32.84
N GLU B 147 14.43 -32.28 -31.87
CA GLU B 147 13.66 -31.06 -32.17
C GLU B 147 14.57 -29.97 -32.70
N GLU B 148 15.70 -29.72 -32.02
CA GLU B 148 16.63 -28.69 -32.49
C GLU B 148 17.25 -29.07 -33.82
N PHE B 149 17.58 -30.35 -34.00
CA PHE B 149 18.23 -30.78 -35.23
C PHE B 149 17.32 -30.61 -36.44
N GLU B 150 16.01 -30.78 -36.25
CA GLU B 150 15.08 -30.56 -37.36
C GLU B 150 14.85 -29.08 -37.62
N THR B 151 14.96 -28.24 -36.58
CA THR B 151 14.88 -26.80 -36.80
C THR B 151 15.98 -26.33 -37.74
N LEU B 152 17.12 -27.03 -37.76
CA LEU B 152 18.18 -26.72 -38.71
C LEU B 152 17.86 -27.28 -40.10
N GLN B 153 17.43 -28.54 -40.16
CA GLN B 153 17.07 -29.13 -41.44
C GLN B 153 15.94 -28.35 -42.11
N GLN B 154 15.08 -27.70 -41.32
CA GLN B 154 14.01 -26.89 -41.88
C GLN B 154 14.53 -25.57 -42.45
N GLN B 155 15.59 -25.03 -41.86
CA GLN B 155 16.19 -23.79 -42.34
C GLN B 155 17.17 -24.00 -43.48
N GLU B 156 17.20 -25.20 -44.09
CA GLU B 156 18.04 -25.43 -45.25
C GLU B 156 17.56 -24.62 -46.45
N CYS B 157 16.26 -24.38 -46.56
CA CYS B 157 15.71 -23.63 -47.68
C CYS B 157 16.19 -22.18 -47.68
N LYS B 158 16.64 -21.66 -46.55
CA LYS B 158 17.13 -20.30 -46.46
C LYS B 158 18.59 -20.14 -46.89
N LEU B 159 19.25 -21.23 -47.28
CA LEU B 159 20.65 -21.20 -47.67
C LEU B 159 20.86 -21.77 -49.07
N LEU B 160 19.85 -21.66 -49.94
CA LEU B 160 19.94 -22.15 -51.31
C LEU B 160 20.78 -21.17 -52.14
N TYR B 161 22.08 -21.19 -51.88
CA TYR B 161 23.03 -20.35 -52.59
C TYR B 161 23.47 -21.02 -53.88
N SER B 162 24.21 -20.28 -54.70
CA SER B 162 24.60 -20.74 -56.02
C SER B 162 25.72 -21.78 -55.93
N ARG B 163 25.63 -22.79 -56.78
CA ARG B 163 26.64 -23.85 -56.88
C ARG B 163 26.93 -24.15 -58.34
N LYS B 164 26.96 -23.11 -59.18
CA LYS B 164 27.07 -23.31 -60.62
C LYS B 164 28.40 -23.97 -60.98
N GLU B 165 29.51 -23.42 -60.49
CA GLU B 165 30.82 -23.93 -60.89
C GLU B 165 30.97 -25.41 -60.56
N GLY B 166 30.29 -25.89 -59.52
CA GLY B 166 30.33 -27.29 -59.18
C GLY B 166 29.48 -28.18 -60.07
N GLN B 167 28.52 -27.61 -60.78
CA GLN B 167 27.61 -28.35 -61.64
C GLN B 167 28.05 -28.33 -63.10
N ARG B 168 29.22 -27.78 -63.40
CA ARG B 168 29.70 -27.74 -64.77
C ARG B 168 30.14 -29.13 -65.22
N GLN B 169 30.00 -29.39 -66.52
CA GLN B 169 30.40 -30.68 -67.08
C GLN B 169 31.87 -30.94 -66.84
N GLU B 170 32.71 -29.92 -66.99
CA GLU B 170 34.15 -30.10 -66.86
C GLU B 170 34.57 -30.51 -65.46
N ASN B 171 33.75 -30.21 -64.45
CA ASN B 171 34.08 -30.52 -63.06
C ASN B 171 33.26 -31.67 -62.50
N LYS B 172 32.51 -32.38 -63.35
CA LYS B 172 31.68 -33.48 -62.88
C LYS B 172 32.51 -34.55 -62.20
N ASN B 173 33.68 -34.88 -62.76
CA ASN B 173 34.52 -35.96 -62.25
C ASN B 173 35.47 -35.49 -61.16
N LYS B 174 35.35 -34.24 -60.71
CA LYS B 174 36.09 -33.74 -59.57
C LYS B 174 35.29 -33.84 -58.27
N ASN B 175 34.08 -34.37 -58.33
CA ASN B 175 33.17 -34.44 -57.19
C ASN B 175 32.87 -35.89 -56.87
N ARG B 176 33.21 -36.32 -55.65
CA ARG B 176 32.99 -37.71 -55.25
C ARG B 176 31.51 -38.06 -55.23
N TYR B 177 30.66 -37.09 -54.90
CA TYR B 177 29.21 -37.27 -54.93
C TYR B 177 28.60 -36.20 -55.82
N LYS B 178 27.71 -36.61 -56.72
CA LYS B 178 27.22 -35.72 -57.76
C LYS B 178 26.38 -34.56 -57.20
N ASN B 179 25.80 -34.71 -56.01
CA ASN B 179 24.87 -33.72 -55.48
C ASN B 179 25.43 -32.97 -54.27
N ILE B 180 26.69 -33.18 -53.92
CA ILE B 180 27.35 -32.46 -52.83
C ILE B 180 28.35 -31.51 -53.47
N LEU B 181 27.98 -30.24 -53.57
CA LEU B 181 28.75 -29.27 -54.32
C LEU B 181 29.01 -28.02 -53.49
N PRO B 182 30.12 -27.33 -53.75
CA PRO B 182 30.46 -26.14 -52.95
C PRO B 182 29.75 -24.89 -53.46
N PHE B 183 29.45 -24.00 -52.50
CA PHE B 183 28.90 -22.69 -52.86
C PHE B 183 29.93 -21.87 -53.61
N ASP B 184 29.48 -21.16 -54.64
CA ASP B 184 30.41 -20.42 -55.49
C ASP B 184 31.11 -19.30 -54.74
N HIS B 185 30.45 -18.68 -53.77
CA HIS B 185 30.98 -17.51 -53.11
C HIS B 185 31.90 -17.84 -51.93
N THR B 186 32.11 -19.12 -51.64
CA THR B 186 33.06 -19.52 -50.61
C THR B 186 34.01 -20.63 -51.07
N ARG B 187 33.85 -21.15 -52.28
CA ARG B 187 34.71 -22.22 -52.75
C ARG B 187 36.13 -21.71 -52.94
N VAL B 188 37.10 -22.56 -52.61
CA VAL B 188 38.50 -22.22 -52.84
C VAL B 188 38.76 -22.24 -54.34
N VAL B 189 39.27 -21.14 -54.87
CA VAL B 189 39.53 -20.99 -56.29
C VAL B 189 41.02 -21.16 -56.53
N LEU B 190 41.39 -22.10 -57.39
CA LEU B 190 42.78 -22.34 -57.75
C LEU B 190 43.15 -21.42 -58.92
N HIS B 191 44.08 -20.51 -58.68
CA HIS B 191 44.39 -19.45 -59.62
C HIS B 191 45.56 -19.79 -60.55
N ASP B 192 46.22 -20.93 -60.35
CA ASP B 192 47.21 -21.42 -61.30
C ASP B 192 46.50 -22.35 -62.28
N GLY B 193 47.23 -23.28 -62.89
CA GLY B 193 46.62 -24.29 -63.73
C GLY B 193 47.28 -24.37 -65.08
N ASP B 194 46.78 -25.29 -65.90
CA ASP B 194 47.36 -25.63 -67.18
C ASP B 194 46.40 -25.27 -68.31
N PRO B 195 46.85 -24.50 -69.32
CA PRO B 195 45.98 -24.31 -70.49
C PRO B 195 45.58 -25.59 -71.17
N ASN B 196 46.37 -26.66 -71.03
CA ASN B 196 46.03 -27.95 -71.61
C ASN B 196 45.07 -28.72 -70.71
N GLU B 197 44.04 -28.04 -70.21
CA GLU B 197 43.03 -28.63 -69.37
C GLU B 197 41.76 -27.79 -69.52
N PRO B 198 40.58 -28.41 -69.58
CA PRO B 198 39.36 -27.60 -69.77
C PRO B 198 39.20 -26.57 -68.68
N VAL B 199 39.20 -27.03 -67.43
CA VAL B 199 39.13 -26.15 -66.26
C VAL B 199 40.23 -26.55 -65.30
N SER B 200 40.81 -25.55 -64.62
CA SER B 200 41.88 -25.81 -63.68
C SER B 200 41.71 -25.05 -62.36
N ASP B 201 40.56 -24.39 -62.15
CA ASP B 201 40.36 -23.56 -60.98
C ASP B 201 39.27 -24.10 -60.06
N TYR B 202 38.98 -25.40 -60.13
CA TYR B 202 37.90 -25.99 -59.35
C TYR B 202 38.43 -27.09 -58.44
N ILE B 203 38.00 -27.05 -57.19
CA ILE B 203 38.19 -28.15 -56.25
C ILE B 203 37.01 -28.13 -55.29
N ASN B 204 36.43 -29.30 -55.05
CA ASN B 204 35.27 -29.38 -54.16
C ASN B 204 35.68 -29.07 -52.74
N ALA B 205 35.72 -27.78 -52.41
CA ALA B 205 36.18 -27.32 -51.10
C ALA B 205 35.60 -25.93 -50.86
N ASN B 206 35.50 -25.57 -49.58
CA ASN B 206 34.97 -24.27 -49.20
C ASN B 206 35.79 -23.72 -48.05
N ILE B 207 35.89 -22.39 -48.00
CA ILE B 207 36.55 -21.69 -46.91
C ILE B 207 35.53 -21.46 -45.81
N ILE B 208 35.94 -21.64 -44.56
CA ILE B 208 35.07 -21.47 -43.40
C ILE B 208 35.67 -20.40 -42.51
N MET B 209 34.85 -19.39 -42.18
CA MET B 209 35.25 -18.30 -41.30
C MET B 209 34.29 -18.23 -40.12
N PRO B 210 34.76 -18.29 -38.87
CA PRO B 210 33.84 -18.15 -37.74
C PRO B 210 33.11 -16.82 -37.78
N GLU B 211 31.99 -16.77 -37.05
CA GLU B 211 31.14 -15.57 -37.04
C GLU B 211 30.09 -15.66 -35.93
N PRO B 221 38.96 -13.50 -37.08
CA PRO B 221 40.24 -13.31 -37.77
C PRO B 221 41.38 -14.14 -37.21
N LYS B 222 41.06 -15.00 -36.24
CA LYS B 222 42.07 -15.89 -35.67
C LYS B 222 42.20 -17.18 -36.45
N LYS B 223 41.08 -17.80 -36.83
CA LYS B 223 41.08 -19.11 -37.46
C LYS B 223 40.25 -19.09 -38.73
N SER B 224 40.61 -19.98 -39.66
CA SER B 224 39.88 -20.20 -40.89
C SER B 224 40.13 -21.63 -41.31
N TYR B 225 39.07 -22.31 -41.76
CA TYR B 225 39.19 -23.72 -42.12
C TYR B 225 38.85 -23.91 -43.59
N ILE B 226 39.24 -25.07 -44.11
CA ILE B 226 38.86 -25.53 -45.43
C ILE B 226 38.24 -26.92 -45.27
N ALA B 227 37.04 -27.10 -45.80
CA ALA B 227 36.34 -28.38 -45.76
C ALA B 227 36.26 -28.92 -47.18
N THR B 228 37.04 -29.97 -47.46
CA THR B 228 37.07 -30.60 -48.77
C THR B 228 36.63 -32.06 -48.66
N GLN B 229 36.43 -32.68 -49.82
CA GLN B 229 35.82 -33.99 -49.92
C GLN B 229 36.81 -35.14 -49.86
N GLY B 230 38.06 -34.89 -49.51
CA GLY B 230 39.04 -35.96 -49.54
C GLY B 230 39.35 -36.37 -50.96
N CYS B 231 40.62 -36.63 -51.24
CA CYS B 231 41.08 -36.68 -52.62
C CYS B 231 40.51 -37.89 -53.35
N LEU B 232 39.90 -37.64 -54.51
CA LEU B 232 39.82 -38.63 -55.55
C LEU B 232 41.19 -38.74 -56.23
N GLN B 233 41.40 -39.86 -56.94
CA GLN B 233 42.71 -40.05 -57.55
C GLN B 233 43.00 -39.00 -58.62
N ASN B 234 41.97 -38.45 -59.24
CA ASN B 234 42.13 -37.44 -60.28
C ASN B 234 42.15 -36.02 -59.72
N THR B 235 42.13 -35.85 -58.40
CA THR B 235 42.20 -34.53 -57.78
C THR B 235 43.25 -34.46 -56.69
N VAL B 236 44.16 -35.44 -56.63
CA VAL B 236 45.27 -35.36 -55.67
C VAL B 236 46.16 -34.17 -56.00
N ASN B 237 46.49 -34.00 -57.28
CA ASN B 237 47.29 -32.84 -57.69
C ASN B 237 46.58 -31.54 -57.35
N ASP B 238 45.26 -31.50 -57.51
CA ASP B 238 44.50 -30.29 -57.21
C ASP B 238 44.49 -30.00 -55.72
N PHE B 239 44.60 -31.03 -54.89
CA PHE B 239 44.57 -30.82 -53.44
C PHE B 239 45.81 -30.08 -52.97
N TRP B 240 47.00 -30.55 -53.37
CA TRP B 240 48.23 -29.93 -52.90
C TRP B 240 48.38 -28.50 -53.44
N ARG B 241 47.78 -28.20 -54.58
CA ARG B 241 47.76 -26.81 -55.06
C ARG B 241 46.97 -25.94 -54.10
N MET B 242 45.85 -26.46 -53.58
CA MET B 242 45.06 -25.72 -52.60
C MET B 242 45.85 -25.49 -51.32
N VAL B 243 46.60 -26.49 -50.88
CA VAL B 243 47.34 -26.38 -49.63
C VAL B 243 48.48 -25.38 -49.79
N PHE B 244 49.11 -25.35 -50.96
CA PHE B 244 50.18 -24.38 -51.21
C PHE B 244 49.61 -22.97 -51.36
N GLN B 245 48.54 -22.84 -52.15
CA GLN B 245 47.97 -21.52 -52.43
C GLN B 245 47.50 -20.85 -51.14
N GLU B 246 46.68 -21.54 -50.36
CA GLU B 246 46.11 -20.96 -49.15
C GLU B 246 47.10 -20.85 -48.00
N ASN B 247 48.34 -21.30 -48.19
CA ASN B 247 49.38 -21.24 -47.16
C ASN B 247 49.06 -22.12 -45.96
N SER B 248 48.15 -23.08 -46.12
CA SER B 248 47.76 -23.95 -45.03
C SER B 248 48.97 -24.76 -44.55
N ARG B 249 49.03 -24.95 -43.23
CA ARG B 249 50.14 -25.68 -42.61
C ARG B 249 49.67 -26.87 -41.79
N VAL B 250 48.37 -27.09 -41.66
CA VAL B 250 47.83 -28.19 -40.86
C VAL B 250 46.71 -28.86 -41.63
N ILE B 251 46.73 -30.19 -41.68
CA ILE B 251 45.71 -30.97 -42.35
C ILE B 251 45.07 -31.91 -41.33
N VAL B 252 43.75 -32.03 -41.37
CA VAL B 252 43.00 -32.87 -40.45
C VAL B 252 42.22 -33.87 -41.29
N MET B 253 42.75 -35.09 -41.40
CA MET B 253 42.06 -36.18 -42.08
C MET B 253 41.28 -36.99 -41.05
N THR B 254 39.96 -37.05 -41.23
CA THR B 254 39.08 -37.68 -40.25
C THR B 254 38.50 -39.01 -40.74
N THR B 255 39.17 -39.68 -41.67
CA THR B 255 38.64 -40.90 -42.23
C THR B 255 39.79 -41.80 -42.65
N LYS B 256 39.52 -43.11 -42.69
CA LYS B 256 40.44 -44.06 -43.28
C LYS B 256 40.30 -44.06 -44.79
N GLU B 257 41.32 -44.58 -45.47
CA GLU B 257 41.29 -44.62 -46.93
C GLU B 257 40.15 -45.50 -47.43
N VAL B 258 39.92 -46.62 -46.76
CA VAL B 258 38.88 -47.57 -47.15
C VAL B 258 38.14 -48.02 -45.90
N GLU B 259 36.81 -47.94 -45.94
CA GLU B 259 35.96 -48.34 -44.81
C GLU B 259 34.94 -49.35 -45.32
N ARG B 260 35.28 -50.63 -45.20
CA ARG B 260 34.39 -51.75 -45.54
C ARG B 260 33.98 -51.70 -47.00
N GLY B 261 34.97 -51.94 -47.86
CA GLY B 261 34.75 -52.07 -49.28
C GLY B 261 34.67 -50.78 -50.06
N LYS B 262 34.36 -49.66 -49.41
CA LYS B 262 34.18 -48.39 -50.10
C LYS B 262 35.41 -47.52 -49.92
N SER B 263 35.75 -46.77 -50.97
CA SER B 263 36.89 -45.86 -50.95
C SER B 263 36.44 -44.49 -50.45
N LYS B 264 37.07 -44.01 -49.39
CA LYS B 264 36.74 -42.71 -48.81
C LYS B 264 37.75 -41.63 -49.15
N CYS B 265 38.99 -41.99 -49.42
CA CYS B 265 40.03 -41.01 -49.71
C CYS B 265 41.28 -41.72 -50.24
N VAL B 266 41.75 -41.31 -51.43
CA VAL B 266 42.95 -41.91 -51.99
C VAL B 266 44.16 -41.39 -51.23
N LYS B 267 45.18 -42.24 -51.13
CA LYS B 267 46.40 -41.87 -50.43
C LYS B 267 47.08 -40.69 -51.11
N TYR B 268 46.97 -39.50 -50.52
CA TYR B 268 47.54 -38.29 -51.09
C TYR B 268 48.83 -37.87 -50.40
N TRP B 269 49.49 -38.79 -49.70
CA TRP B 269 50.77 -38.55 -49.07
C TRP B 269 51.70 -39.72 -49.36
N PRO B 270 53.00 -39.52 -49.23
CA PRO B 270 53.94 -40.62 -49.47
C PRO B 270 54.27 -41.39 -48.19
N ASP B 271 54.89 -42.55 -48.39
CA ASP B 271 55.31 -43.37 -47.27
C ASP B 271 56.31 -42.62 -46.39
N GLU B 272 56.50 -43.13 -45.18
CA GLU B 272 57.45 -42.51 -44.26
C GLU B 272 58.86 -42.59 -44.86
N TYR B 273 59.59 -41.47 -44.75
CA TYR B 273 60.96 -41.38 -45.28
C TYR B 273 60.96 -41.54 -46.80
N ALA B 274 59.99 -40.95 -47.47
CA ALA B 274 59.87 -41.06 -48.93
C ALA B 274 59.54 -39.70 -49.52
N LEU B 275 59.75 -39.60 -50.83
CA LEU B 275 59.51 -38.38 -51.58
C LEU B 275 58.66 -38.72 -52.79
N LYS B 276 57.54 -38.00 -52.96
CA LYS B 276 56.63 -38.24 -54.08
C LYS B 276 56.28 -36.91 -54.73
N GLU B 277 56.10 -36.96 -56.05
CA GLU B 277 55.83 -35.77 -56.85
C GLU B 277 54.38 -35.79 -57.30
N TYR B 278 53.64 -34.75 -56.93
CA TYR B 278 52.21 -34.63 -57.22
C TYR B 278 52.02 -33.47 -58.19
N GLY B 279 52.27 -33.74 -59.47
CA GLY B 279 52.16 -32.69 -60.47
C GLY B 279 53.30 -31.70 -60.33
N VAL B 280 52.96 -30.41 -60.23
CA VAL B 280 53.97 -29.38 -60.02
C VAL B 280 54.42 -29.29 -58.57
N MET B 281 53.75 -29.99 -57.66
CA MET B 281 54.06 -29.96 -56.24
C MET B 281 54.87 -31.18 -55.84
N ARG B 282 55.75 -30.99 -54.87
CA ARG B 282 56.62 -32.05 -54.37
C ARG B 282 56.39 -32.20 -52.88
N VAL B 283 56.26 -33.44 -52.42
CA VAL B 283 55.95 -33.74 -51.03
C VAL B 283 56.89 -34.83 -50.54
N ARG B 284 57.42 -34.65 -49.33
CA ARG B 284 58.31 -35.62 -48.70
C ARG B 284 57.82 -35.88 -47.29
N ASN B 285 57.62 -37.15 -46.95
CA ASN B 285 57.23 -37.55 -45.60
C ASN B 285 58.49 -37.61 -44.76
N VAL B 286 58.69 -36.62 -43.90
CA VAL B 286 59.92 -36.52 -43.13
C VAL B 286 59.89 -37.49 -41.95
N LYS B 287 58.79 -37.53 -41.22
CA LYS B 287 58.72 -38.29 -39.98
C LYS B 287 57.27 -38.56 -39.64
N GLU B 288 57.03 -39.65 -38.92
CA GLU B 288 55.71 -40.00 -38.44
C GLU B 288 55.75 -40.21 -36.94
N SER B 289 54.62 -39.92 -36.29
CA SER B 289 54.44 -40.15 -34.86
C SER B 289 53.10 -40.84 -34.65
N ALA B 290 53.14 -42.02 -34.04
CA ALA B 290 51.93 -42.83 -33.86
C ALA B 290 51.32 -42.55 -32.49
N ALA B 291 50.01 -42.35 -32.47
CA ALA B 291 49.22 -42.29 -31.26
C ALA B 291 48.12 -43.33 -31.33
N HIS B 292 47.38 -43.48 -30.24
CA HIS B 292 46.31 -44.47 -30.20
C HIS B 292 45.19 -44.11 -31.17
N ASP B 293 44.73 -42.86 -31.13
CA ASP B 293 43.60 -42.44 -31.94
C ASP B 293 44.00 -41.82 -33.27
N TYR B 294 45.26 -41.43 -33.45
CA TYR B 294 45.67 -40.75 -34.66
C TYR B 294 47.14 -41.01 -34.93
N THR B 295 47.53 -40.75 -36.18
CA THR B 295 48.94 -40.73 -36.59
C THR B 295 49.28 -39.34 -37.08
N LEU B 296 50.46 -38.86 -36.71
CA LEU B 296 50.93 -37.52 -37.08
C LEU B 296 52.00 -37.66 -38.16
N ARG B 297 51.79 -36.99 -39.28
CA ARG B 297 52.68 -37.06 -40.43
C ARG B 297 53.26 -35.68 -40.70
N GLU B 298 54.58 -35.57 -40.64
CA GLU B 298 55.28 -34.33 -40.94
C GLU B 298 55.61 -34.31 -42.43
N LEU B 299 54.95 -33.42 -43.17
CA LEU B 299 55.11 -33.32 -44.61
C LEU B 299 55.72 -31.97 -44.97
N LYS B 300 56.67 -31.98 -45.90
CA LYS B 300 57.31 -30.77 -46.41
C LYS B 300 56.90 -30.57 -47.86
N LEU B 301 56.17 -29.49 -48.12
CA LEU B 301 55.61 -29.21 -49.44
C LEU B 301 56.40 -28.09 -50.10
N SER B 302 56.80 -28.32 -51.36
CA SER B 302 57.53 -27.34 -52.14
C SER B 302 57.07 -27.43 -53.59
N LYS B 303 57.54 -26.49 -54.40
CA LYS B 303 57.23 -26.48 -55.83
C LYS B 303 58.43 -26.96 -56.63
N VAL B 304 58.17 -27.78 -57.65
CA VAL B 304 59.23 -28.29 -58.50
C VAL B 304 59.89 -27.13 -59.23
N GLY B 305 61.23 -27.10 -59.20
CA GLY B 305 61.97 -26.03 -59.83
C GLY B 305 62.16 -24.79 -58.97
N GLN B 306 61.36 -24.63 -57.92
CA GLN B 306 61.48 -23.51 -57.00
C GLN B 306 61.96 -24.03 -55.65
N GLY B 307 63.04 -23.44 -55.14
CA GLY B 307 63.61 -23.88 -53.89
C GLY B 307 63.01 -23.22 -52.66
N ASN B 308 62.86 -21.89 -52.71
CA ASN B 308 62.44 -21.11 -51.54
C ASN B 308 60.94 -21.17 -51.31
N THR B 309 60.30 -22.31 -51.55
CA THR B 309 58.88 -22.49 -51.27
C THR B 309 58.62 -23.59 -50.25
N GLU B 310 59.63 -24.33 -49.82
CA GLU B 310 59.44 -25.51 -48.99
C GLU B 310 58.99 -25.10 -47.59
N ARG B 311 57.74 -25.44 -47.26
CA ARG B 311 57.20 -25.25 -45.93
C ARG B 311 56.70 -26.58 -45.39
N THR B 312 56.78 -26.75 -44.07
CA THR B 312 56.35 -27.99 -43.44
C THR B 312 54.84 -27.94 -43.21
N VAL B 313 54.14 -28.93 -43.74
CA VAL B 313 52.69 -29.07 -43.56
C VAL B 313 52.45 -30.29 -42.68
N TRP B 314 51.69 -30.09 -41.61
CA TRP B 314 51.41 -31.14 -40.63
C TRP B 314 50.08 -31.79 -40.95
N GLN B 315 50.08 -33.11 -41.05
CA GLN B 315 48.86 -33.88 -41.28
C GLN B 315 48.54 -34.70 -40.03
N TYR B 316 47.39 -34.43 -39.43
CA TYR B 316 46.87 -35.23 -38.32
C TYR B 316 45.77 -36.13 -38.86
N HIS B 317 46.05 -37.43 -38.92
CA HIS B 317 45.11 -38.41 -39.48
C HIS B 317 44.43 -39.13 -38.32
N PHE B 318 43.16 -38.80 -38.09
CA PHE B 318 42.35 -39.47 -37.09
C PHE B 318 41.82 -40.77 -37.68
N ARG B 319 42.34 -41.90 -37.21
CA ARG B 319 42.12 -43.20 -37.84
C ARG B 319 41.41 -44.19 -36.92
N THR B 320 40.59 -43.69 -35.99
CA THR B 320 39.81 -44.55 -35.13
C THR B 320 38.32 -44.19 -35.14
N TRP B 321 37.89 -43.32 -36.05
CA TRP B 321 36.47 -43.02 -36.17
C TRP B 321 35.73 -44.26 -36.65
N PRO B 322 34.66 -44.68 -35.98
CA PRO B 322 33.99 -45.93 -36.36
C PRO B 322 33.37 -45.84 -37.75
N ASP B 323 33.12 -47.02 -38.32
CA ASP B 323 32.50 -47.11 -39.64
C ASP B 323 31.04 -46.71 -39.64
N HIS B 324 30.41 -46.66 -38.47
CA HIS B 324 28.99 -46.33 -38.35
C HIS B 324 28.81 -45.40 -37.16
N GLY B 325 28.10 -44.30 -37.37
CA GLY B 325 27.83 -43.38 -36.28
C GLY B 325 29.07 -42.59 -35.87
N VAL B 326 29.10 -42.21 -34.60
CA VAL B 326 30.16 -41.37 -34.04
C VAL B 326 30.93 -42.15 -32.99
N PRO B 327 32.09 -41.68 -32.54
CA PRO B 327 32.82 -42.40 -31.50
C PRO B 327 32.03 -42.47 -30.21
N SER B 328 32.32 -43.50 -29.41
CA SER B 328 31.56 -43.74 -28.18
C SER B 328 31.92 -42.72 -27.10
N ASP B 329 33.15 -42.20 -27.13
CA ASP B 329 33.62 -41.26 -26.12
C ASP B 329 34.35 -40.12 -26.83
N PRO B 330 33.97 -38.86 -26.59
CA PRO B 330 34.71 -37.74 -27.21
C PRO B 330 36.11 -37.55 -26.66
N GLY B 331 36.51 -38.32 -25.64
CA GLY B 331 37.83 -38.12 -25.06
C GLY B 331 38.95 -38.19 -26.07
N GLY B 332 38.88 -39.15 -27.00
CA GLY B 332 39.91 -39.25 -28.01
C GLY B 332 39.89 -38.08 -28.99
N VAL B 333 38.70 -37.62 -29.37
CA VAL B 333 38.60 -36.55 -30.34
C VAL B 333 39.07 -35.23 -29.75
N LEU B 334 38.80 -35.01 -28.46
CA LEU B 334 39.22 -33.76 -27.83
C LEU B 334 40.73 -33.70 -27.71
N ASP B 335 41.37 -34.81 -27.36
CA ASP B 335 42.83 -34.88 -27.39
C ASP B 335 43.35 -34.56 -28.79
N PHE B 336 42.71 -35.13 -29.81
CA PHE B 336 43.10 -34.87 -31.19
C PHE B 336 43.04 -33.39 -31.52
N LEU B 337 41.97 -32.71 -31.09
CA LEU B 337 41.81 -31.29 -31.43
C LEU B 337 42.74 -30.42 -30.60
N GLU B 338 42.94 -30.75 -29.33
CA GLU B 338 43.78 -29.93 -28.48
C GLU B 338 45.21 -29.89 -29.02
N GLU B 339 45.70 -31.00 -29.54
CA GLU B 339 47.05 -31.02 -30.11
C GLU B 339 47.11 -30.25 -31.41
N VAL B 340 46.07 -30.34 -32.23
CA VAL B 340 46.01 -29.53 -33.44
C VAL B 340 46.01 -28.05 -33.09
N HIS B 341 45.31 -27.67 -32.03
CA HIS B 341 45.26 -26.28 -31.61
C HIS B 341 46.66 -25.75 -31.33
N HIS B 342 47.44 -26.48 -30.51
CA HIS B 342 48.79 -26.03 -30.19
C HIS B 342 49.66 -25.95 -31.44
N LYS B 343 49.53 -26.94 -32.33
CA LYS B 343 50.36 -26.95 -33.53
C LYS B 343 50.09 -25.72 -34.40
N GLN B 344 48.82 -25.35 -34.57
CA GLN B 344 48.49 -24.22 -35.42
C GLN B 344 49.04 -22.92 -34.86
N GLU B 345 48.65 -22.57 -33.64
CA GLU B 345 49.06 -21.30 -33.06
C GLU B 345 50.57 -21.22 -32.84
N SER B 346 51.25 -22.37 -32.69
CA SER B 346 52.70 -22.36 -32.56
C SER B 346 53.39 -21.91 -33.85
N ILE B 347 52.67 -21.86 -34.96
CA ILE B 347 53.22 -21.44 -36.24
C ILE B 347 52.92 -19.96 -36.44
N MET B 348 53.84 -19.28 -37.14
CA MET B 348 53.75 -17.84 -37.33
C MET B 348 52.58 -17.46 -38.22
N ASP B 349 52.78 -17.46 -39.54
CA ASP B 349 51.77 -17.00 -40.49
C ASP B 349 51.13 -18.19 -41.19
N ALA B 350 50.45 -19.02 -40.41
CA ALA B 350 49.83 -20.21 -40.97
C ALA B 350 48.49 -19.87 -41.63
N GLY B 351 48.21 -20.55 -42.75
CA GLY B 351 46.97 -20.35 -43.46
C GLY B 351 45.84 -21.11 -42.81
N PRO B 352 44.74 -21.30 -43.54
CA PRO B 352 43.59 -22.03 -42.98
C PRO B 352 43.94 -23.47 -42.64
N VAL B 353 43.15 -24.04 -41.74
CA VAL B 353 43.25 -25.44 -41.38
C VAL B 353 42.42 -26.26 -42.34
N VAL B 354 43.02 -27.29 -42.94
CA VAL B 354 42.37 -28.10 -43.96
C VAL B 354 41.79 -29.33 -43.29
N VAL B 355 40.47 -29.44 -43.32
CA VAL B 355 39.74 -30.56 -42.73
C VAL B 355 38.99 -31.29 -43.84
N HIS B 356 38.98 -32.63 -43.78
CA HIS B 356 38.26 -33.38 -44.81
C HIS B 356 37.97 -34.79 -44.32
N CYS B 357 36.88 -35.36 -44.86
CA CYS B 357 36.54 -36.75 -44.58
C CYS B 357 36.37 -37.42 -45.94
N SER B 358 35.14 -37.68 -46.38
CA SER B 358 34.86 -38.30 -47.68
C SER B 358 33.95 -37.44 -48.54
N ALA B 359 32.86 -36.92 -47.96
CA ALA B 359 32.03 -35.94 -48.62
C ALA B 359 32.31 -34.52 -48.16
N GLY B 360 33.02 -34.35 -47.05
CA GLY B 360 33.32 -33.03 -46.53
C GLY B 360 32.16 -32.34 -45.84
N ILE B 361 31.19 -33.10 -45.34
CA ILE B 361 30.01 -32.51 -44.71
C ILE B 361 29.76 -33.16 -43.35
N GLY B 362 29.94 -34.47 -43.26
CA GLY B 362 29.61 -35.20 -42.05
C GLY B 362 30.64 -35.08 -40.96
N ARG B 363 31.67 -35.93 -41.00
CA ARG B 363 32.72 -35.86 -39.98
C ARG B 363 33.42 -34.52 -40.02
N THR B 364 33.58 -33.95 -41.20
CA THR B 364 34.22 -32.64 -41.33
C THR B 364 33.45 -31.58 -40.55
N GLY B 365 32.13 -31.56 -40.71
CA GLY B 365 31.32 -30.61 -39.97
C GLY B 365 31.45 -30.78 -38.47
N THR B 366 31.37 -32.03 -38.00
CA THR B 366 31.47 -32.30 -36.57
C THR B 366 32.77 -31.72 -35.99
N PHE B 367 33.88 -31.95 -36.67
N PHE B 367 33.88 -31.93 -36.69
CA PHE B 367 35.17 -31.43 -36.21
CA PHE B 367 35.17 -31.43 -36.19
C PHE B 367 35.14 -29.91 -36.13
C PHE B 367 35.18 -29.90 -36.14
N ILE B 368 34.81 -29.26 -37.25
CA ILE B 368 34.90 -27.79 -37.31
C ILE B 368 34.05 -27.16 -36.22
N VAL B 369 32.78 -27.54 -36.14
CA VAL B 369 31.89 -26.93 -35.15
C VAL B 369 32.47 -27.06 -33.75
N ILE B 370 33.01 -28.23 -33.42
CA ILE B 370 33.60 -28.43 -32.11
C ILE B 370 34.75 -27.44 -31.90
N ASP B 371 35.65 -27.34 -32.87
CA ASP B 371 36.80 -26.46 -32.72
C ASP B 371 36.36 -25.02 -32.51
N ILE B 372 35.34 -24.57 -33.24
CA ILE B 372 34.84 -23.20 -33.08
C ILE B 372 34.32 -22.99 -31.67
N LEU B 373 33.57 -23.97 -31.14
CA LEU B 373 33.01 -23.83 -29.80
C LEU B 373 34.11 -23.82 -28.75
N ILE B 374 35.09 -24.71 -28.88
CA ILE B 374 36.17 -24.77 -27.89
C ILE B 374 36.96 -23.47 -27.89
N ASP B 375 37.19 -22.88 -29.07
CA ASP B 375 37.96 -21.64 -29.14
C ASP B 375 37.21 -20.49 -28.50
N ILE B 376 35.90 -20.36 -28.76
CA ILE B 376 35.11 -19.33 -28.12
C ILE B 376 35.18 -19.47 -26.61
N ILE B 377 35.29 -20.70 -26.10
CA ILE B 377 35.40 -20.92 -24.67
C ILE B 377 36.83 -20.69 -24.20
N ARG B 378 37.81 -21.15 -24.99
CA ARG B 378 39.20 -20.98 -24.61
C ARG B 378 39.58 -19.50 -24.48
N GLU B 379 38.79 -18.60 -25.06
CA GLU B 379 39.06 -17.17 -24.98
C GLU B 379 38.22 -16.47 -23.92
N LYS B 380 36.92 -16.76 -23.85
CA LYS B 380 36.04 -16.07 -22.93
C LYS B 380 35.95 -16.76 -21.57
N GLY B 381 36.08 -18.08 -21.53
CA GLY B 381 35.97 -18.84 -20.29
C GLY B 381 34.72 -19.69 -20.28
N VAL B 382 34.48 -20.29 -19.11
CA VAL B 382 33.31 -21.17 -18.96
C VAL B 382 32.01 -20.38 -18.85
N ASP B 383 32.06 -19.12 -18.42
CA ASP B 383 30.86 -18.30 -18.27
C ASP B 383 30.67 -17.45 -19.53
N CYS B 384 30.37 -18.15 -20.62
CA CYS B 384 30.10 -17.53 -21.91
C CYS B 384 28.94 -18.23 -22.57
N ASP B 385 28.30 -17.53 -23.51
CA ASP B 385 27.13 -18.05 -24.19
C ASP B 385 27.55 -18.75 -25.48
N ILE B 386 27.18 -20.03 -25.61
CA ILE B 386 27.35 -20.78 -26.84
C ILE B 386 25.97 -21.11 -27.39
N ASP B 387 25.91 -21.28 -28.71
CA ASP B 387 24.65 -21.60 -29.41
C ASP B 387 25.00 -22.56 -30.53
N VAL B 388 24.80 -23.85 -30.29
CA VAL B 388 25.21 -24.89 -31.23
C VAL B 388 24.39 -24.79 -32.51
N PRO B 389 23.07 -24.62 -32.44
CA PRO B 389 22.32 -24.40 -33.70
C PRO B 389 22.76 -23.16 -34.46
N LYS B 390 23.01 -22.06 -33.77
CA LYS B 390 23.44 -20.84 -34.44
C LYS B 390 24.85 -21.00 -35.01
N THR B 391 25.70 -21.81 -34.38
CA THR B 391 27.03 -22.05 -34.90
C THR B 391 27.01 -22.99 -36.11
N ILE B 392 26.07 -23.92 -36.16
CA ILE B 392 25.94 -24.79 -37.32
C ILE B 392 25.31 -24.02 -38.48
N GLN B 393 24.23 -23.28 -38.20
CA GLN B 393 23.65 -22.41 -39.22
C GLN B 393 24.71 -21.49 -39.82
N MET B 394 25.60 -20.95 -38.98
CA MET B 394 26.69 -20.11 -39.49
C MET B 394 27.63 -20.90 -40.38
N VAL B 395 27.85 -22.17 -40.08
CA VAL B 395 28.76 -22.98 -40.87
C VAL B 395 28.09 -23.50 -42.14
N ARG B 396 26.78 -23.75 -42.08
CA ARG B 396 26.07 -24.25 -43.25
C ARG B 396 25.91 -23.20 -44.34
N SER B 397 26.01 -21.91 -43.98
CA SER B 397 25.94 -20.86 -44.99
C SER B 397 27.17 -20.83 -45.87
N GLN B 398 28.26 -21.47 -45.45
CA GLN B 398 29.51 -21.46 -46.18
C GLN B 398 29.84 -22.78 -46.85
N ARG B 399 29.29 -23.90 -46.36
CA ARG B 399 29.32 -25.15 -47.09
C ARG B 399 27.99 -25.86 -46.87
N SER B 400 27.47 -26.49 -47.92
CA SER B 400 26.10 -26.98 -47.91
C SER B 400 25.96 -28.18 -46.98
N GLY B 401 25.15 -28.02 -45.94
CA GLY B 401 24.73 -29.13 -45.10
C GLY B 401 25.79 -29.73 -44.21
N MET B 402 26.59 -28.91 -43.55
CA MET B 402 27.58 -29.43 -42.62
C MET B 402 26.87 -30.07 -41.42
N VAL B 403 27.54 -31.06 -40.82
CA VAL B 403 26.92 -31.91 -39.79
C VAL B 403 25.69 -32.55 -40.41
N GLN B 404 25.77 -33.86 -40.65
CA GLN B 404 24.80 -34.56 -41.48
C GLN B 404 23.75 -35.32 -40.67
N THR B 405 24.19 -36.12 -39.70
CA THR B 405 23.30 -37.01 -38.96
C THR B 405 22.96 -36.44 -37.59
N GLU B 406 21.90 -37.00 -36.99
CA GLU B 406 21.53 -36.61 -35.64
C GLU B 406 22.54 -37.12 -34.62
N ALA B 407 23.13 -38.29 -34.86
CA ALA B 407 24.14 -38.81 -33.94
C ALA B 407 25.34 -37.86 -33.84
N GLN B 408 25.68 -37.18 -34.94
CA GLN B 408 26.76 -36.21 -34.89
C GLN B 408 26.36 -34.95 -34.15
N TYR B 409 25.08 -34.59 -34.21
CA TYR B 409 24.61 -33.42 -33.46
C TYR B 409 24.80 -33.63 -31.96
N ARG B 410 24.45 -34.82 -31.46
CA ARG B 410 24.64 -35.11 -30.04
C ARG B 410 26.12 -35.17 -29.68
N PHE B 411 26.95 -35.71 -30.57
CA PHE B 411 28.38 -35.81 -30.30
C PHE B 411 29.01 -34.45 -30.06
N ILE B 412 28.47 -33.40 -30.67
CA ILE B 412 28.99 -32.06 -30.44
C ILE B 412 28.74 -31.65 -28.99
N TYR B 413 27.49 -31.76 -28.53
CA TYR B 413 27.17 -31.41 -27.16
C TYR B 413 28.03 -32.20 -26.18
N MET B 414 28.07 -33.52 -26.34
CA MET B 414 28.88 -34.35 -25.44
C MET B 414 30.35 -33.94 -25.49
N ALA B 415 30.84 -33.58 -26.67
CA ALA B 415 32.23 -33.15 -26.78
C ALA B 415 32.48 -31.89 -25.98
N VAL B 416 31.66 -30.85 -26.19
CA VAL B 416 31.82 -29.61 -25.44
C VAL B 416 31.63 -29.87 -23.96
N GLN B 417 30.54 -30.55 -23.60
CA GLN B 417 30.30 -30.88 -22.19
C GLN B 417 31.50 -31.58 -21.57
N HIS B 418 32.09 -32.53 -22.29
CA HIS B 418 33.27 -33.22 -21.78
C HIS B 418 34.44 -32.26 -21.63
N TYR B 419 34.52 -31.24 -22.48
CA TYR B 419 35.61 -30.26 -22.41
C TYR B 419 35.40 -29.28 -21.26
N ILE B 420 34.15 -28.89 -20.99
CA ILE B 420 33.87 -27.98 -19.89
C ILE B 420 34.21 -28.63 -18.56
N GLU B 421 33.99 -29.93 -18.43
CA GLU B 421 34.32 -30.63 -17.19
C GLU B 421 35.83 -30.62 -16.96
N THR B 422 36.62 -30.88 -18.01
CA THR B 422 38.06 -30.93 -17.86
C THR B 422 38.62 -29.58 -17.40
N LEU B 423 38.08 -28.48 -17.93
CA LEU B 423 38.57 -27.17 -17.54
C LEU B 423 38.28 -26.87 -16.07
N GLN B 424 37.12 -27.29 -15.58
CA GLN B 424 36.73 -27.03 -14.21
C GLN B 424 37.25 -28.11 -13.28
N ARG B 425 37.78 -27.68 -12.13
CA ARG B 425 38.35 -28.50 -11.07
C ARG B 425 39.76 -28.97 -11.42
N ARG B 426 40.21 -28.84 -12.65
CA ARG B 426 41.56 -29.24 -13.04
C ARG B 426 42.57 -28.15 -12.70
N PRO C 5 -6.27 44.23 6.66
CA PRO C 5 -6.24 44.41 8.13
C PRO C 5 -6.75 43.19 8.88
N THR C 6 -6.76 43.27 10.21
CA THR C 6 -7.23 42.17 11.04
C THR C 6 -7.87 42.73 12.30
N SER C 7 -8.74 41.92 12.90
CA SER C 7 -9.46 42.31 14.10
C SER C 7 -8.78 41.87 15.38
N GLU C 8 -7.74 41.03 15.30
CA GLU C 8 -7.01 40.62 16.49
C GLU C 8 -6.37 41.82 17.16
N ARG C 9 -6.23 41.74 18.48
CA ARG C 9 -5.66 42.84 19.24
C ARG C 9 -4.14 42.90 19.18
N TRP C 10 -3.48 41.78 18.88
CA TRP C 10 -2.03 41.84 18.72
C TRP C 10 -1.59 42.55 17.44
N PHE C 11 -2.52 43.14 16.68
CA PHE C 11 -2.21 43.92 15.50
C PHE C 11 -2.43 45.39 15.84
N HIS C 12 -1.35 46.15 15.91
CA HIS C 12 -1.39 47.55 16.31
C HIS C 12 -1.53 48.50 15.13
N GLY C 13 -1.70 47.99 13.92
CA GLY C 13 -1.85 48.87 12.77
C GLY C 13 -0.59 49.67 12.53
N HIS C 14 -0.77 50.97 12.31
CA HIS C 14 0.37 51.86 12.06
C HIS C 14 1.16 52.05 13.35
N LEU C 15 2.34 51.44 13.42
CA LEU C 15 3.17 51.52 14.62
C LEU C 15 4.63 51.56 14.19
N SER C 16 5.37 52.54 14.71
CA SER C 16 6.77 52.70 14.35
C SER C 16 7.59 51.53 14.89
N GLY C 17 8.73 51.27 14.23
CA GLY C 17 9.61 50.22 14.69
C GLY C 17 10.19 50.49 16.06
N LYS C 18 10.49 51.77 16.35
CA LYS C 18 11.04 52.13 17.65
C LYS C 18 9.97 52.05 18.74
N GLU C 19 8.77 52.52 18.45
CA GLU C 19 7.70 52.50 19.45
C GLU C 19 7.36 51.07 19.86
N ALA C 20 7.46 50.11 18.94
CA ALA C 20 7.18 48.72 19.28
C ALA C 20 8.24 48.15 20.20
N GLU C 21 9.49 48.60 20.07
CA GLU C 21 10.55 48.12 20.94
C GLU C 21 10.28 48.44 22.40
N LYS C 22 9.53 49.51 22.67
CA LYS C 22 9.23 49.89 24.05
C LYS C 22 8.03 49.12 24.57
N LEU C 23 6.96 49.04 23.78
CA LEU C 23 5.75 48.34 24.23
C LEU C 23 6.07 46.90 24.60
N LEU C 24 6.95 46.25 23.85
CA LEU C 24 7.30 44.85 24.15
C LEU C 24 8.13 44.75 25.41
N THR C 25 9.11 45.65 25.58
CA THR C 25 10.01 45.58 26.73
C THR C 25 9.40 46.18 27.99
N GLU C 26 8.34 46.98 27.87
CA GLU C 26 7.75 47.67 29.01
C GLU C 26 6.45 47.04 29.48
N LYS C 27 5.51 46.81 28.58
CA LYS C 27 4.19 46.29 28.94
C LYS C 27 4.03 44.81 28.63
N GLY C 28 5.14 44.09 28.44
CA GLY C 28 5.06 42.68 28.11
C GLY C 28 6.25 41.93 28.67
N LYS C 29 6.08 40.61 28.76
CA LYS C 29 7.11 39.72 29.28
C LYS C 29 7.81 39.00 28.12
N HIS C 30 8.77 38.15 28.47
CA HIS C 30 9.55 37.44 27.46
C HIS C 30 8.64 36.54 26.63
N GLY C 31 8.90 36.50 25.33
CA GLY C 31 8.12 35.69 24.41
C GLY C 31 6.91 36.37 23.82
N SER C 32 6.65 37.64 24.16
CA SER C 32 5.51 38.33 23.62
C SER C 32 5.73 38.69 22.16
N PHE C 33 4.69 38.53 21.35
CA PHE C 33 4.74 38.84 19.93
C PHE C 33 3.79 39.99 19.62
N LEU C 34 3.94 40.53 18.41
CA LEU C 34 3.21 41.73 18.02
C LEU C 34 3.38 41.92 16.52
N VAL C 35 2.34 42.43 15.88
CA VAL C 35 2.35 42.72 14.45
C VAL C 35 2.09 44.21 14.25
N ARG C 36 2.76 44.79 13.25
CA ARG C 36 2.61 46.20 12.93
C ARG C 36 2.67 46.36 11.41
N GLU C 37 2.36 47.57 10.95
CA GLU C 37 2.50 47.91 9.54
C GLU C 37 3.93 48.32 9.25
N SER C 38 4.54 47.67 8.26
CA SER C 38 5.96 47.88 7.97
C SER C 38 6.22 49.34 7.61
N GLN C 39 7.13 49.97 8.35
CA GLN C 39 7.57 51.31 8.01
C GLN C 39 8.66 51.31 6.95
N SER C 40 9.37 50.18 6.78
CA SER C 40 10.41 50.09 5.77
C SER C 40 9.82 49.83 4.39
N HIS C 41 8.78 49.00 4.32
CA HIS C 41 8.12 48.66 3.05
C HIS C 41 6.62 48.84 3.21
N PRO C 42 6.08 49.99 2.85
CA PRO C 42 4.63 50.19 2.94
C PRO C 42 3.88 49.11 2.17
N GLY C 43 2.76 48.66 2.75
CA GLY C 43 1.98 47.59 2.15
C GLY C 43 2.23 46.26 2.83
N ASP C 44 3.50 45.98 3.14
CA ASP C 44 3.86 44.76 3.85
C ASP C 44 3.61 44.92 5.34
N PHE C 45 3.88 43.86 6.10
CA PHE C 45 3.69 43.87 7.54
C PHE C 45 4.91 43.24 8.21
N VAL C 46 4.96 43.37 9.54
CA VAL C 46 6.10 42.89 10.32
C VAL C 46 5.59 42.18 11.56
N LEU C 47 6.35 41.18 12.00
CA LEU C 47 6.05 40.43 13.21
C LEU C 47 7.15 40.68 14.22
N SER C 48 6.83 41.40 15.29
CA SER C 48 7.79 41.78 16.31
C SER C 48 7.67 40.85 17.50
N VAL C 49 8.75 40.14 17.82
CA VAL C 49 8.80 39.21 18.94
C VAL C 49 9.90 39.65 19.89
N ARG C 50 9.70 39.40 21.18
CA ARG C 50 10.67 39.79 22.21
C ARG C 50 11.65 38.65 22.40
N THR C 51 12.84 38.78 21.81
CA THR C 51 13.94 37.83 21.94
C THR C 51 13.49 36.41 22.26
N THR C 66 13.37 40.91 17.76
CA THR C 66 13.48 40.40 16.40
C THR C 66 12.28 40.86 15.56
N HIS C 67 12.56 41.22 14.31
CA HIS C 67 11.54 41.76 13.40
C HIS C 67 11.46 40.83 12.18
N VAL C 68 10.40 40.01 12.13
CA VAL C 68 10.15 39.11 11.02
C VAL C 68 9.16 39.79 10.08
N MET C 69 9.56 39.96 8.82
CA MET C 69 8.75 40.67 7.85
C MET C 69 7.81 39.71 7.12
N ILE C 70 6.58 40.16 6.91
CA ILE C 70 5.56 39.38 6.20
C ILE C 70 5.12 40.19 4.99
N ARG C 71 5.04 39.53 3.83
CA ARG C 71 4.52 40.15 2.62
C ARG C 71 3.09 39.70 2.37
N CYS C 72 2.37 40.49 1.58
CA CYS C 72 0.98 40.19 1.24
C CYS C 72 0.73 40.47 -0.23
N TYR C 77 -0.68 36.12 1.89
CA TYR C 77 0.30 36.48 2.90
C TYR C 77 1.40 35.43 2.99
N ASP C 78 2.64 35.88 3.20
CA ASP C 78 3.77 34.97 3.32
C ASP C 78 4.95 35.75 3.90
N VAL C 79 5.96 35.00 4.36
CA VAL C 79 7.15 35.58 4.96
C VAL C 79 8.25 35.65 3.91
N GLY C 80 8.14 36.60 2.99
CA GLY C 80 9.10 36.72 1.91
C GLY C 80 8.97 35.60 0.90
N GLY C 81 9.11 34.36 1.37
CA GLY C 81 8.91 33.19 0.54
C GLY C 81 8.26 32.08 1.34
N GLY C 82 8.04 30.95 0.66
CA GLY C 82 7.47 29.79 1.32
C GLY C 82 5.96 29.72 1.19
N GLU C 83 5.32 29.07 2.16
CA GLU C 83 3.88 28.87 2.10
C GLU C 83 3.14 30.20 2.10
N ARG C 84 2.12 30.30 1.26
CA ARG C 84 1.24 31.46 1.22
C ARG C 84 -0.01 31.19 2.05
N PHE C 85 -0.51 32.22 2.72
CA PHE C 85 -1.66 32.09 3.61
C PHE C 85 -2.80 32.99 3.14
N ASP C 86 -4.02 32.54 3.39
CA ASP C 86 -5.21 33.28 2.98
C ASP C 86 -5.61 34.35 3.98
N SER C 87 -5.13 34.25 5.22
CA SER C 87 -5.44 35.23 6.25
C SER C 87 -4.21 35.46 7.13
N LEU C 88 -4.11 36.68 7.66
CA LEU C 88 -3.00 37.02 8.53
C LEU C 88 -3.12 36.36 9.91
N THR C 89 -4.32 35.94 10.29
CA THR C 89 -4.51 35.31 11.60
C THR C 89 -4.11 33.84 11.57
N ASP C 90 -4.36 33.15 10.46
CA ASP C 90 -3.99 31.74 10.37
C ASP C 90 -2.48 31.54 10.29
N LEU C 91 -1.77 32.49 9.68
CA LEU C 91 -0.31 32.40 9.64
C LEU C 91 0.28 32.41 11.04
N VAL C 92 -0.18 33.35 11.88
CA VAL C 92 0.35 33.46 13.24
C VAL C 92 0.09 32.19 14.03
N GLU C 93 -1.13 31.68 13.97
CA GLU C 93 -1.47 30.45 14.68
C GLU C 93 -0.62 29.28 14.20
N HIS C 94 -0.21 29.29 12.93
CA HIS C 94 0.62 28.22 12.41
C HIS C 94 2.00 28.21 13.07
N TYR C 95 2.71 29.33 13.01
CA TYR C 95 4.03 29.42 13.58
C TYR C 95 4.03 29.55 15.10
N LYS C 96 2.85 29.50 15.72
CA LYS C 96 2.79 29.36 17.18
C LYS C 96 2.97 27.92 17.59
N LYS C 97 2.40 26.98 16.82
CA LYS C 97 2.64 25.56 17.03
C LYS C 97 3.82 25.03 16.23
N ASN C 98 4.28 25.78 15.23
CA ASN C 98 5.45 25.43 14.44
C ASN C 98 6.40 26.63 14.44
N PRO C 99 7.07 26.89 15.55
CA PRO C 99 7.91 28.09 15.64
C PRO C 99 8.99 28.11 14.58
N MET C 100 9.47 29.32 14.28
CA MET C 100 10.57 29.52 13.34
C MET C 100 11.88 29.68 14.10
N VAL C 101 12.97 29.30 13.43
CA VAL C 101 14.32 29.38 13.99
C VAL C 101 15.05 30.54 13.30
N GLU C 102 15.69 31.39 14.10
CA GLU C 102 16.39 32.54 13.57
C GLU C 102 17.68 32.11 12.89
N THR C 103 18.19 32.98 12.01
CA THR C 103 19.38 32.65 11.24
C THR C 103 20.54 32.26 12.13
N LEU C 104 20.56 32.74 13.37
CA LEU C 104 21.63 32.38 14.31
C LEU C 104 21.23 32.78 15.72
N GLY C 105 20.71 31.83 16.47
CA GLY C 105 20.30 32.09 17.85
C GLY C 105 19.22 31.11 18.28
N THR C 106 18.31 31.61 19.11
CA THR C 106 17.26 30.79 19.69
C THR C 106 16.02 30.78 18.79
N VAL C 107 15.11 29.86 19.11
CA VAL C 107 13.85 29.75 18.38
C VAL C 107 12.88 30.81 18.89
N LEU C 108 12.07 31.35 17.98
CA LEU C 108 11.13 32.42 18.31
C LEU C 108 9.86 31.80 18.89
N GLN C 109 9.76 31.78 20.22
CA GLN C 109 8.59 31.27 20.90
C GLN C 109 7.49 32.33 20.88
N LEU C 110 6.39 32.06 20.16
CA LEU C 110 5.26 32.97 20.11
C LEU C 110 4.25 32.55 21.19
N LYS C 111 4.53 32.99 22.42
CA LYS C 111 3.74 32.57 23.56
C LYS C 111 2.50 33.44 23.75
N GLN C 112 2.65 34.62 24.34
CA GLN C 112 1.51 35.47 24.61
C GLN C 112 1.51 36.70 23.68
N PRO C 113 0.34 37.22 23.34
CA PRO C 113 0.29 38.45 22.55
C PRO C 113 0.39 39.70 23.43
N LEU C 114 0.92 40.77 22.84
CA LEU C 114 0.90 42.09 23.46
C LEU C 114 -0.29 42.84 22.86
N ASN C 115 -1.46 42.61 23.45
CA ASN C 115 -2.69 43.16 22.90
C ASN C 115 -2.64 44.69 22.89
N THR C 116 -3.34 45.28 21.93
CA THR C 116 -3.46 46.72 21.81
C THR C 116 -4.77 47.18 22.43
N THR C 117 -4.81 48.46 22.80
CA THR C 117 -6.02 49.10 23.29
C THR C 117 -6.49 50.25 22.40
N ARG C 118 -5.68 50.66 21.43
CA ARG C 118 -6.07 51.69 20.48
C ARG C 118 -6.80 51.04 19.32
N ILE C 119 -7.91 51.66 18.90
CA ILE C 119 -8.76 51.12 17.85
C ILE C 119 -9.26 52.27 16.99
N ASN C 120 -9.26 52.06 15.69
CA ASN C 120 -9.90 53.01 14.78
C ASN C 120 -11.41 52.98 15.00
N ALA C 121 -11.98 54.16 15.27
CA ALA C 121 -13.39 54.23 15.65
C ALA C 121 -14.28 53.51 14.64
N ALA C 122 -13.99 53.65 13.36
CA ALA C 122 -14.78 52.96 12.34
C ALA C 122 -14.67 51.45 12.42
N GLU C 123 -13.71 50.94 13.19
CA GLU C 123 -13.52 49.50 13.37
C GLU C 123 -13.91 49.06 14.79
N ILE C 124 -14.82 49.82 15.43
CA ILE C 124 -15.14 49.56 16.83
C ILE C 124 -15.87 48.23 16.98
N GLU C 125 -16.76 47.90 16.05
CA GLU C 125 -17.45 46.62 16.12
C GLU C 125 -16.48 45.46 16.08
N SER C 126 -15.44 45.56 15.24
CA SER C 126 -14.42 44.51 15.19
C SER C 126 -13.76 44.33 16.55
N ARG C 127 -13.53 45.43 17.27
CA ARG C 127 -12.88 45.34 18.57
C ARG C 127 -13.84 44.80 19.63
N VAL C 128 -15.11 45.20 19.58
CA VAL C 128 -16.08 44.67 20.53
C VAL C 128 -16.26 43.17 20.33
N ARG C 129 -16.14 42.69 19.09
CA ARG C 129 -16.35 41.27 18.84
C ARG C 129 -15.23 40.41 19.44
N GLU C 130 -14.01 40.95 19.54
CA GLU C 130 -12.92 40.20 20.13
C GLU C 130 -12.88 40.34 21.64
N LEU C 131 -13.24 41.51 22.17
CA LEU C 131 -13.30 41.68 23.61
C LEU C 131 -14.39 40.82 24.25
N SER C 132 -15.30 40.26 23.45
CA SER C 132 -16.27 39.29 23.96
C SER C 132 -15.76 37.86 23.90
N LYS C 133 -14.70 37.59 23.12
CA LYS C 133 -14.17 36.25 23.02
C LYS C 133 -13.44 35.86 24.30
N LEU C 134 -13.07 34.58 24.38
CA LEU C 134 -12.40 34.02 25.54
C LEU C 134 -13.22 34.25 26.81
N GLY C 144 -12.95 39.01 27.60
CA GLY C 144 -11.96 39.90 27.03
C GLY C 144 -12.01 41.29 27.62
N PHE C 145 -13.22 41.84 27.74
CA PHE C 145 -13.39 43.14 28.40
C PHE C 145 -12.78 43.11 29.80
N TRP C 146 -12.91 41.98 30.49
CA TRP C 146 -12.43 41.89 31.87
C TRP C 146 -10.93 42.11 31.94
N GLU C 147 -10.17 41.45 31.07
CA GLU C 147 -8.72 41.57 31.10
C GLU C 147 -8.28 43.02 30.95
N GLU C 148 -8.91 43.76 30.03
CA GLU C 148 -8.55 45.17 29.86
C GLU C 148 -8.97 45.99 31.07
N PHE C 149 -10.12 45.66 31.67
CA PHE C 149 -10.60 46.42 32.83
C PHE C 149 -9.72 46.18 34.05
N GLU C 150 -9.17 44.97 34.20
CA GLU C 150 -8.31 44.70 35.34
C GLU C 150 -6.97 45.42 35.22
N THR C 151 -6.52 45.68 33.98
CA THR C 151 -5.30 46.46 33.81
C THR C 151 -5.46 47.86 34.37
N LEU C 152 -6.68 48.37 34.44
CA LEU C 152 -6.92 49.67 35.07
C LEU C 152 -6.95 49.54 36.59
N GLN C 153 -7.64 48.51 37.10
CA GLN C 153 -7.72 48.33 38.55
C GLN C 153 -6.35 48.11 39.16
N GLN C 154 -5.46 47.42 38.43
CA GLN C 154 -4.10 47.22 38.93
C GLN C 154 -3.28 48.50 38.86
N GLN C 155 -3.51 49.33 37.83
CA GLN C 155 -2.79 50.57 37.69
C GLN C 155 -3.42 51.72 38.47
N GLU C 156 -4.68 51.60 38.86
CA GLU C 156 -5.31 52.61 39.70
C GLU C 156 -4.61 52.74 41.05
N CYS C 157 -3.88 51.71 41.47
CA CYS C 157 -3.15 51.74 42.74
C CYS C 157 -1.86 52.55 42.65
N LYS C 158 -1.63 53.25 41.53
CA LYS C 158 -0.48 54.14 41.38
C LYS C 158 -0.84 55.61 41.39
N LEU C 159 -2.11 55.95 41.20
CA LEU C 159 -2.55 57.35 41.21
C LEU C 159 -2.89 57.83 42.61
N LEU C 160 -2.23 57.27 43.62
CA LEU C 160 -2.54 57.61 45.00
C LEU C 160 -2.19 59.08 45.29
N TYR C 161 -2.95 59.99 44.69
CA TYR C 161 -2.75 61.41 44.92
C TYR C 161 -3.33 61.80 46.29
N SER C 162 -3.06 63.04 46.68
CA SER C 162 -3.48 63.53 47.99
C SER C 162 -4.99 63.71 48.04
N ARG C 163 -5.55 63.46 49.23
CA ARG C 163 -6.97 63.67 49.50
C ARG C 163 -7.15 64.25 50.89
N LYS C 164 -6.24 65.15 51.29
CA LYS C 164 -6.21 65.62 52.67
C LYS C 164 -7.43 66.46 53.01
N GLU C 165 -7.79 67.40 52.15
CA GLU C 165 -8.91 68.29 52.46
C GLU C 165 -10.21 67.52 52.63
N GLY C 166 -10.37 66.41 51.91
CA GLY C 166 -11.54 65.57 52.05
C GLY C 166 -11.52 64.66 53.25
N GLN C 167 -10.37 64.51 53.91
CA GLN C 167 -10.22 63.66 55.07
C GLN C 167 -10.24 64.44 56.39
N ARG C 168 -10.51 65.74 56.33
CA ARG C 168 -10.55 66.55 57.54
C ARG C 168 -11.85 66.28 58.31
N GLN C 169 -11.77 66.40 59.64
CA GLN C 169 -12.93 66.18 60.49
C GLN C 169 -14.09 67.09 60.08
N GLU C 170 -13.79 68.34 59.72
CA GLU C 170 -14.84 69.29 59.37
C GLU C 170 -15.60 68.89 58.12
N ASN C 171 -15.01 68.03 57.26
CA ASN C 171 -15.64 67.61 56.03
C ASN C 171 -16.18 66.19 56.09
N LYS C 172 -16.25 65.60 57.29
CA LYS C 172 -16.77 64.25 57.41
C LYS C 172 -18.21 64.17 56.93
N ASN C 173 -19.05 65.09 57.39
CA ASN C 173 -20.47 65.09 57.05
C ASN C 173 -20.76 65.72 55.69
N LYS C 174 -19.75 65.94 54.86
CA LYS C 174 -19.94 66.42 53.50
C LYS C 174 -19.70 65.33 52.46
N ASN C 175 -19.33 64.13 52.89
CA ASN C 175 -19.10 63.00 52.00
C ASN C 175 -20.15 61.94 52.25
N ARG C 176 -20.80 61.49 51.17
CA ARG C 176 -21.83 60.46 51.32
C ARG C 176 -21.21 59.12 51.70
N TYR C 177 -20.12 58.74 51.03
CA TYR C 177 -19.38 57.54 51.36
C TYR C 177 -18.03 57.94 51.95
N LYS C 178 -17.62 57.24 53.01
CA LYS C 178 -16.48 57.67 53.82
C LYS C 178 -15.19 57.65 53.02
N ASN C 179 -15.03 56.69 52.11
CA ASN C 179 -13.74 56.41 51.50
C ASN C 179 -13.65 56.85 50.03
N ILE C 180 -14.62 57.61 49.55
CA ILE C 180 -14.61 58.14 48.18
C ILE C 180 -14.45 59.65 48.31
N LEU C 181 -13.22 60.14 48.12
CA LEU C 181 -12.89 61.53 48.39
C LEU C 181 -12.20 62.16 47.18
N PRO C 182 -12.35 63.46 47.00
CA PRO C 182 -11.77 64.11 45.82
C PRO C 182 -10.29 64.41 45.98
N PHE C 183 -9.62 64.51 44.83
CA PHE C 183 -8.23 64.93 44.81
C PHE C 183 -8.13 66.43 45.06
N ASP C 184 -7.10 66.82 45.83
CA ASP C 184 -6.97 68.22 46.21
C ASP C 184 -6.56 69.11 45.04
N HIS C 185 -5.79 68.60 44.10
CA HIS C 185 -5.28 69.43 43.00
C HIS C 185 -6.33 69.68 41.93
N THR C 186 -7.39 68.86 41.87
CA THR C 186 -8.51 69.11 40.97
C THR C 186 -9.81 69.39 41.72
N ARG C 187 -9.82 69.28 43.05
CA ARG C 187 -11.01 69.59 43.83
C ARG C 187 -11.53 70.97 43.49
N VAL C 188 -12.85 71.12 43.58
CA VAL C 188 -13.48 72.43 43.43
C VAL C 188 -13.42 73.13 44.78
N VAL C 189 -12.78 74.30 44.81
CA VAL C 189 -12.65 75.08 46.03
C VAL C 189 -13.72 76.16 46.02
N LEU C 190 -14.61 76.12 47.00
CA LEU C 190 -15.68 77.10 47.12
C LEU C 190 -15.19 78.31 47.88
N HIS C 191 -15.46 79.49 47.33
CA HIS C 191 -15.17 80.76 47.99
C HIS C 191 -16.49 81.41 48.39
N ASP C 192 -16.41 82.66 48.84
CA ASP C 192 -17.56 83.47 49.24
C ASP C 192 -18.24 82.97 50.49
N GLY C 193 -17.70 81.94 51.15
CA GLY C 193 -18.34 81.37 52.33
C GLY C 193 -18.43 82.35 53.48
N ASP C 194 -18.75 81.83 54.66
CA ASP C 194 -18.87 82.65 55.87
C ASP C 194 -17.65 82.44 56.75
N PRO C 195 -16.98 83.51 57.21
CA PRO C 195 -15.81 83.30 58.08
C PRO C 195 -16.10 82.45 59.30
N ASN C 196 -17.30 82.54 59.86
CA ASN C 196 -17.66 81.76 61.04
C ASN C 196 -18.17 80.37 60.65
N GLU C 197 -17.35 79.66 59.88
CA GLU C 197 -17.59 78.28 59.51
C GLU C 197 -16.33 77.48 59.77
N PRO C 198 -16.42 76.28 60.34
CA PRO C 198 -15.22 75.46 60.49
C PRO C 198 -14.50 75.28 59.16
N VAL C 199 -15.24 74.98 58.10
CA VAL C 199 -14.73 74.93 56.74
C VAL C 199 -15.88 75.27 55.81
N SER C 200 -15.64 76.20 54.89
CA SER C 200 -16.66 76.64 53.95
C SER C 200 -16.28 76.42 52.49
N ASP C 201 -15.11 75.84 52.23
CA ASP C 201 -14.58 75.75 50.88
C ASP C 201 -14.49 74.32 50.37
N TYR C 202 -15.17 73.37 51.01
CA TYR C 202 -15.10 71.97 50.61
C TYR C 202 -16.44 71.50 50.08
N ILE C 203 -16.40 70.82 48.93
CA ILE C 203 -17.54 70.07 48.40
C ILE C 203 -16.96 68.89 47.63
N ASN C 204 -17.50 67.69 47.87
CA ASN C 204 -16.97 66.50 47.22
C ASN C 204 -17.21 66.56 45.73
N ALA C 205 -16.25 67.14 44.99
CA ALA C 205 -16.36 67.28 43.55
C ALA C 205 -14.97 67.52 42.99
N ASN C 206 -14.82 67.33 41.68
CA ASN C 206 -13.55 67.52 41.01
C ASN C 206 -13.80 68.09 39.62
N ILE C 207 -12.83 68.86 39.12
CA ILE C 207 -12.89 69.43 37.79
C ILE C 207 -12.25 68.44 36.81
N ILE C 208 -12.92 68.20 35.69
CA ILE C 208 -12.47 67.23 34.70
C ILE C 208 -12.30 67.96 33.37
N MET C 209 -11.07 67.98 32.85
CA MET C 209 -10.77 68.60 31.57
C MET C 209 -10.07 67.59 30.69
N PRO C 210 -10.54 67.38 29.45
CA PRO C 210 -9.89 66.39 28.58
C PRO C 210 -8.46 66.78 28.25
N GLU C 211 -7.63 65.76 27.99
CA GLU C 211 -6.26 65.97 27.54
C GLU C 211 -6.16 65.62 26.05
N PHE C 212 -6.08 64.33 25.76
CA PHE C 212 -5.97 63.88 24.37
C PHE C 212 -4.68 64.37 23.74
N LYS C 220 -6.55 75.57 24.60
CA LYS C 220 -7.29 75.04 25.74
C LYS C 220 -8.45 74.16 25.27
N PRO C 221 -9.01 73.38 26.18
CA PRO C 221 -10.15 72.53 25.81
C PRO C 221 -11.44 73.32 25.73
N LYS C 222 -12.27 72.99 24.74
CA LYS C 222 -13.53 73.71 24.56
C LYS C 222 -14.55 73.32 25.63
N LYS C 223 -14.51 72.09 26.11
CA LYS C 223 -15.52 71.57 27.03
C LYS C 223 -14.84 71.04 28.29
N SER C 224 -15.39 71.39 29.45
CA SER C 224 -14.90 70.91 30.73
C SER C 224 -16.08 70.43 31.56
N TYR C 225 -15.79 69.55 32.52
CA TYR C 225 -16.82 68.88 33.29
C TYR C 225 -16.55 69.03 34.78
N ILE C 226 -17.60 68.80 35.58
CA ILE C 226 -17.49 68.71 37.03
C ILE C 226 -18.21 67.45 37.46
N ALA C 227 -17.47 66.50 38.03
CA ALA C 227 -18.04 65.26 38.56
C ALA C 227 -18.25 65.43 40.05
N THR C 228 -19.50 65.34 40.48
CA THR C 228 -19.88 65.66 41.85
C THR C 228 -20.68 64.52 42.48
N GLN C 229 -20.67 64.51 43.81
CA GLN C 229 -21.44 63.56 44.60
C GLN C 229 -22.90 64.00 44.66
N GLY C 230 -23.77 63.04 45.00
CA GLY C 230 -25.18 63.34 45.16
C GLY C 230 -25.42 64.16 46.41
N CYS C 231 -26.14 65.27 46.25
CA CYS C 231 -26.36 66.21 47.35
C CYS C 231 -26.89 65.50 48.60
N LEU C 232 -26.19 65.72 49.71
CA LEU C 232 -26.78 65.48 51.02
C LEU C 232 -27.57 66.71 51.43
N GLN C 233 -28.48 66.53 52.40
CA GLN C 233 -29.34 67.64 52.81
C GLN C 233 -28.52 68.82 53.32
N ASN C 234 -27.36 68.55 53.92
CA ASN C 234 -26.50 69.58 54.47
C ASN C 234 -25.53 70.16 53.44
N THR C 235 -25.59 69.71 52.18
CA THR C 235 -24.71 70.20 51.13
C THR C 235 -25.49 70.70 49.92
N VAL C 236 -26.79 70.98 50.07
CA VAL C 236 -27.54 71.58 48.98
C VAL C 236 -27.11 73.03 48.77
N ASN C 237 -26.89 73.76 49.87
CA ASN C 237 -26.41 75.13 49.75
C ASN C 237 -25.05 75.19 49.05
N ASP C 238 -24.12 74.31 49.46
CA ASP C 238 -22.81 74.28 48.83
C ASP C 238 -22.93 73.98 47.34
N PHE C 239 -23.84 73.10 46.96
CA PHE C 239 -23.97 72.72 45.56
C PHE C 239 -24.27 73.93 44.68
N TRP C 240 -25.29 74.72 45.04
CA TRP C 240 -25.65 75.87 44.23
C TRP C 240 -24.61 76.98 44.30
N ARG C 241 -23.79 77.02 45.35
CA ARG C 241 -22.65 77.93 45.35
C ARG C 241 -21.64 77.53 44.27
N MET C 242 -21.53 76.23 43.99
CA MET C 242 -20.61 75.76 42.97
C MET C 242 -21.11 76.10 41.57
N VAL C 243 -22.39 75.87 41.32
CA VAL C 243 -22.96 76.17 40.01
C VAL C 243 -22.86 77.66 39.71
N PHE C 244 -22.97 78.50 40.74
CA PHE C 244 -22.84 79.94 40.54
C PHE C 244 -21.39 80.36 40.38
N GLN C 245 -20.49 79.77 41.19
CA GLN C 245 -19.08 80.13 41.11
C GLN C 245 -18.48 79.68 39.78
N GLU C 246 -18.75 78.45 39.37
CA GLU C 246 -18.16 77.90 38.15
C GLU C 246 -18.89 78.34 36.89
N ASN C 247 -19.94 79.14 37.00
CA ASN C 247 -20.69 79.63 35.84
C ASN C 247 -21.29 78.48 35.04
N SER C 248 -21.43 77.32 35.66
CA SER C 248 -21.98 76.15 34.97
C SER C 248 -23.44 76.40 34.60
N ARG C 249 -23.80 76.04 33.38
CA ARG C 249 -25.15 76.25 32.87
C ARG C 249 -25.88 74.96 32.55
N VAL C 250 -25.28 73.80 32.85
CA VAL C 250 -25.88 72.51 32.54
C VAL C 250 -25.59 71.55 33.69
N ILE C 251 -26.64 70.90 34.19
CA ILE C 251 -26.54 69.93 35.26
C ILE C 251 -27.08 68.60 34.74
N VAL C 252 -26.32 67.52 34.93
CA VAL C 252 -26.68 66.20 34.45
C VAL C 252 -26.86 65.31 35.68
N MET C 253 -28.10 65.04 36.05
CA MET C 253 -28.43 64.15 37.15
C MET C 253 -28.74 62.77 36.60
N THR C 254 -27.95 61.78 37.02
CA THR C 254 -28.04 60.43 36.48
C THR C 254 -28.67 59.45 37.45
N THR C 255 -29.41 59.94 38.44
CA THR C 255 -30.04 59.07 39.42
C THR C 255 -31.39 59.67 39.83
N LYS C 256 -32.23 58.81 40.39
CA LYS C 256 -33.43 59.28 41.08
C LYS C 256 -33.08 59.62 42.52
N GLU C 257 -33.96 60.39 43.15
CA GLU C 257 -33.74 60.74 44.56
C GLU C 257 -33.59 59.50 45.43
N VAL C 258 -34.36 58.45 45.13
CA VAL C 258 -34.35 57.23 45.92
C VAL C 258 -34.43 56.04 44.96
N GLU C 259 -33.53 55.08 45.13
CA GLU C 259 -33.48 53.87 44.32
C GLU C 259 -33.51 52.67 45.25
N ARG C 260 -34.68 52.06 45.40
CA ARG C 260 -34.87 50.87 46.23
C ARG C 260 -34.36 51.10 47.65
N GLY C 261 -35.08 51.98 48.35
CA GLY C 261 -34.82 52.22 49.75
C GLY C 261 -33.69 53.19 50.02
N LYS C 262 -32.62 53.10 49.23
CA LYS C 262 -31.44 53.91 49.47
C LYS C 262 -31.61 55.31 48.91
N SER C 263 -31.11 56.29 49.64
CA SER C 263 -31.11 57.68 49.20
C SER C 263 -29.86 57.95 48.39
N LYS C 264 -30.02 58.42 47.16
CA LYS C 264 -28.90 58.70 46.27
C LYS C 264 -28.66 60.18 46.07
N CYS C 265 -29.66 61.03 46.28
CA CYS C 265 -29.52 62.45 46.01
C CYS C 265 -30.71 63.21 46.58
N VAL C 266 -30.44 64.14 47.50
CA VAL C 266 -31.51 64.95 48.07
C VAL C 266 -32.02 65.92 47.02
N LYS C 267 -33.32 66.22 47.08
CA LYS C 267 -33.93 67.13 46.12
C LYS C 267 -33.30 68.51 46.24
N TYR C 268 -32.47 68.88 45.26
CA TYR C 268 -31.76 70.15 45.29
C TYR C 268 -32.34 71.17 44.32
N TRP C 269 -33.60 70.99 43.92
CA TRP C 269 -34.26 71.92 43.02
C TRP C 269 -35.67 72.17 43.53
N PRO C 270 -36.28 73.29 43.15
CA PRO C 270 -37.66 73.57 43.57
C PRO C 270 -38.69 72.95 42.64
N ASP C 271 -39.91 72.83 43.16
CA ASP C 271 -41.02 72.34 42.35
C ASP C 271 -41.21 73.24 41.13
N GLU C 272 -41.92 72.70 40.14
CA GLU C 272 -42.21 73.47 38.93
C GLU C 272 -43.03 74.70 39.27
N TYR C 273 -42.69 75.82 38.65
CA TYR C 273 -43.36 77.09 38.88
C TYR C 273 -43.19 77.59 40.31
N ALA C 274 -42.13 77.17 40.99
CA ALA C 274 -41.89 77.53 42.38
C ALA C 274 -40.53 78.21 42.52
N LEU C 275 -40.36 78.93 43.61
CA LEU C 275 -39.13 79.66 43.90
C LEU C 275 -38.68 79.30 45.32
N LYS C 276 -37.54 78.63 45.43
CA LYS C 276 -36.98 78.23 46.71
C LYS C 276 -35.64 78.93 46.91
N GLU C 277 -35.30 79.16 48.17
CA GLU C 277 -34.08 79.86 48.55
C GLU C 277 -33.13 78.87 49.23
N TYR C 278 -31.92 78.75 48.69
CA TYR C 278 -30.90 77.84 49.20
C TYR C 278 -29.73 78.68 49.69
N GLY C 279 -29.86 79.21 50.91
CA GLY C 279 -28.81 80.06 51.45
C GLY C 279 -28.84 81.41 50.80
N VAL C 280 -27.69 81.85 50.26
CA VAL C 280 -27.62 83.13 49.56
C VAL C 280 -28.10 83.04 48.12
N MET C 281 -28.50 81.85 47.67
CA MET C 281 -28.91 81.64 46.29
C MET C 281 -30.43 81.54 46.19
N ARG C 282 -30.95 82.01 45.07
CA ARG C 282 -32.39 82.00 44.80
C ARG C 282 -32.62 81.26 43.49
N VAL C 283 -33.51 80.27 43.51
CA VAL C 283 -33.76 79.41 42.35
C VAL C 283 -35.25 79.41 42.06
N ARG C 284 -35.59 79.39 40.76
CA ARG C 284 -36.98 79.28 40.33
C ARG C 284 -37.04 78.30 39.16
N ASN C 285 -37.90 77.29 39.29
CA ASN C 285 -38.10 76.29 38.23
C ASN C 285 -39.11 76.87 37.23
N VAL C 286 -38.59 77.49 36.18
CA VAL C 286 -39.45 78.21 35.24
C VAL C 286 -40.34 77.23 34.48
N LYS C 287 -39.74 76.17 33.93
CA LYS C 287 -40.47 75.28 33.05
C LYS C 287 -39.82 73.89 33.11
N GLU C 288 -40.65 72.87 32.90
CA GLU C 288 -40.19 71.49 32.86
C GLU C 288 -40.64 70.85 31.55
N SER C 289 -39.76 70.07 30.94
CA SER C 289 -40.05 69.35 29.71
C SER C 289 -39.77 67.88 29.95
N ALA C 290 -40.71 67.02 29.56
CA ALA C 290 -40.61 65.59 29.82
C ALA C 290 -40.20 64.85 28.56
N ALA C 291 -39.28 63.90 28.72
CA ALA C 291 -38.89 62.98 27.67
C ALA C 291 -38.96 61.57 28.22
N HIS C 292 -38.95 60.59 27.31
CA HIS C 292 -39.08 59.20 27.74
C HIS C 292 -37.93 58.78 28.65
N ASP C 293 -36.70 59.18 28.31
CA ASP C 293 -35.54 58.77 29.05
C ASP C 293 -35.06 59.79 30.08
N TYR C 294 -35.48 61.05 29.95
CA TYR C 294 -34.98 62.10 30.83
C TYR C 294 -36.05 63.15 31.03
N THR C 295 -35.77 64.07 31.96
CA THR C 295 -36.61 65.23 32.22
C THR C 295 -35.72 66.47 32.20
N LEU C 296 -36.19 67.51 31.52
CA LEU C 296 -35.45 68.77 31.41
C LEU C 296 -36.12 69.81 32.30
N ARG C 297 -35.34 70.45 33.16
CA ARG C 297 -35.82 71.49 34.06
C ARG C 297 -35.04 72.77 33.79
N GLU C 298 -35.76 73.85 33.50
CA GLU C 298 -35.15 75.15 33.32
C GLU C 298 -35.11 75.88 34.66
N LEU C 299 -33.90 76.19 35.13
CA LEU C 299 -33.70 76.77 36.45
C LEU C 299 -33.02 78.13 36.31
N LYS C 300 -33.54 79.12 37.03
CA LYS C 300 -32.99 80.47 37.04
C LYS C 300 -32.26 80.69 38.36
N LEU C 301 -30.93 80.67 38.31
CA LEU C 301 -30.11 80.85 39.49
C LEU C 301 -29.63 82.29 39.58
N SER C 302 -29.75 82.87 40.77
CA SER C 302 -29.29 84.24 41.00
C SER C 302 -28.79 84.33 42.44
N LYS C 303 -28.08 85.42 42.72
CA LYS C 303 -27.61 85.71 44.06
C LYS C 303 -28.51 86.76 44.70
N VAL C 304 -28.88 86.52 45.97
CA VAL C 304 -29.82 87.40 46.66
C VAL C 304 -29.22 88.80 46.79
N GLY C 305 -30.06 89.82 46.57
CA GLY C 305 -29.65 91.20 46.73
C GLY C 305 -28.85 91.78 45.60
N GLN C 306 -28.26 90.96 44.75
CA GLN C 306 -27.45 91.43 43.63
C GLN C 306 -28.27 91.39 42.35
N GLY C 307 -28.35 92.53 41.67
CA GLY C 307 -29.02 92.59 40.39
C GLY C 307 -28.09 92.23 39.23
N ASN C 308 -28.69 91.84 38.12
CA ASN C 308 -27.95 91.46 36.92
C ASN C 308 -27.05 90.25 37.19
N THR C 309 -27.48 89.36 38.08
CA THR C 309 -26.74 88.15 38.40
C THR C 309 -27.53 86.88 38.10
N GLU C 310 -28.72 86.99 37.52
CA GLU C 310 -29.59 85.85 37.29
C GLU C 310 -29.22 85.18 35.98
N ARG C 311 -28.89 83.89 36.04
CA ARG C 311 -28.61 83.07 34.88
C ARG C 311 -29.63 81.94 34.81
N THR C 312 -29.62 81.22 33.68
CA THR C 312 -30.49 80.08 33.47
C THR C 312 -29.65 78.82 33.45
N VAL C 313 -29.87 77.94 34.42
CA VAL C 313 -29.19 76.65 34.51
C VAL C 313 -30.15 75.58 34.03
N TRP C 314 -29.67 74.74 33.13
CA TRP C 314 -30.48 73.67 32.55
C TRP C 314 -30.12 72.35 33.21
N GLN C 315 -31.07 71.76 33.94
CA GLN C 315 -30.87 70.46 34.57
C GLN C 315 -31.46 69.38 33.65
N TYR C 316 -30.62 68.43 33.27
CA TYR C 316 -31.04 67.27 32.50
C TYR C 316 -31.03 66.06 33.42
N HIS C 317 -32.21 65.57 33.78
CA HIS C 317 -32.39 64.53 34.78
C HIS C 317 -32.73 63.21 34.08
N PHE C 318 -31.75 62.30 34.02
CA PHE C 318 -31.93 61.00 33.38
C PHE C 318 -32.61 60.05 34.37
N ARG C 319 -33.80 59.57 34.01
CA ARG C 319 -34.65 58.85 34.93
C ARG C 319 -34.87 57.39 34.56
N THR C 320 -34.09 56.84 33.62
CA THR C 320 -34.30 55.47 33.17
C THR C 320 -33.08 54.58 33.40
N TRP C 321 -32.12 55.01 34.19
CA TRP C 321 -30.98 54.15 34.50
C TRP C 321 -31.42 53.06 35.45
N PRO C 322 -31.22 51.78 35.13
CA PRO C 322 -31.69 50.71 36.02
C PRO C 322 -31.10 50.84 37.42
N ASP C 323 -31.75 50.19 38.37
CA ASP C 323 -31.34 50.23 39.76
C ASP C 323 -30.14 49.32 40.05
N HIS C 324 -29.62 48.60 39.06
CA HIS C 324 -28.50 47.71 39.28
C HIS C 324 -27.44 47.89 38.18
N GLY C 325 -27.57 47.14 37.09
CA GLY C 325 -26.57 47.19 36.04
C GLY C 325 -26.58 48.48 35.24
N VAL C 326 -26.44 48.37 33.93
CA VAL C 326 -26.46 49.52 33.03
C VAL C 326 -27.64 49.35 32.09
N PRO C 327 -28.10 50.44 31.47
CA PRO C 327 -29.26 50.33 30.58
C PRO C 327 -29.04 49.29 29.48
N SER C 328 -30.14 48.69 29.03
CA SER C 328 -30.06 47.60 28.06
C SER C 328 -29.64 48.09 26.68
N ASP C 329 -29.97 49.34 26.34
CA ASP C 329 -29.67 49.90 25.03
C ASP C 329 -29.03 51.28 25.23
N PRO C 330 -27.89 51.55 24.60
CA PRO C 330 -27.32 52.91 24.69
C PRO C 330 -28.12 53.96 23.94
N GLY C 331 -29.15 53.58 23.19
CA GLY C 331 -29.91 54.56 22.44
C GLY C 331 -30.43 55.70 23.29
N GLY C 332 -30.91 55.39 24.49
CA GLY C 332 -31.48 56.43 25.34
C GLY C 332 -30.42 57.40 25.85
N VAL C 333 -29.31 56.87 26.35
CA VAL C 333 -28.26 57.73 26.89
C VAL C 333 -27.68 58.61 25.79
N LEU C 334 -27.51 58.06 24.59
CA LEU C 334 -26.91 58.82 23.50
C LEU C 334 -27.81 59.96 23.05
N ASP C 335 -29.11 59.70 22.91
CA ASP C 335 -30.05 60.78 22.59
C ASP C 335 -30.06 61.82 23.70
N PHE C 336 -30.20 61.38 24.94
CA PHE C 336 -30.07 62.26 26.09
C PHE C 336 -28.76 63.05 26.04
N LEU C 337 -27.67 62.37 25.67
CA LEU C 337 -26.36 63.01 25.66
C LEU C 337 -26.23 64.02 24.54
N GLU C 338 -26.91 63.79 23.40
CA GLU C 338 -26.84 64.72 22.29
C GLU C 338 -27.55 66.03 22.61
N GLU C 339 -28.59 65.99 23.44
CA GLU C 339 -29.28 67.21 23.84
C GLU C 339 -28.37 68.10 24.68
N VAL C 340 -27.63 67.50 25.61
CA VAL C 340 -26.72 68.29 26.43
C VAL C 340 -25.68 68.98 25.57
N HIS C 341 -25.13 68.27 24.59
CA HIS C 341 -24.13 68.87 23.71
C HIS C 341 -24.70 70.09 23.00
N HIS C 342 -25.91 69.96 22.45
CA HIS C 342 -26.54 71.11 21.79
C HIS C 342 -26.84 72.23 22.77
N LYS C 343 -27.30 71.89 23.97
CA LYS C 343 -27.62 72.91 24.97
C LYS C 343 -26.34 73.62 25.44
N GLN C 344 -25.27 72.87 25.68
CA GLN C 344 -24.03 73.48 26.14
C GLN C 344 -23.48 74.43 25.09
N GLU C 345 -23.34 73.96 23.85
CA GLU C 345 -22.77 74.77 22.80
C GLU C 345 -23.68 75.93 22.39
N SER C 346 -24.99 75.83 22.67
CA SER C 346 -25.89 76.94 22.37
C SER C 346 -25.66 78.14 23.27
N ILE C 347 -24.92 77.97 24.37
CA ILE C 347 -24.58 79.07 25.27
C ILE C 347 -23.20 79.58 24.90
N MET C 348 -23.03 80.90 24.92
CA MET C 348 -21.80 81.52 24.44
C MET C 348 -20.59 81.12 25.26
N ASP C 349 -20.55 81.54 26.53
CA ASP C 349 -19.40 81.27 27.41
C ASP C 349 -19.89 80.62 28.70
N ALA C 350 -20.45 79.42 28.58
CA ALA C 350 -20.91 78.69 29.74
C ALA C 350 -19.73 78.01 30.44
N GLY C 351 -19.95 77.64 31.70
CA GLY C 351 -18.94 77.00 32.49
C GLY C 351 -18.94 75.49 32.31
N PRO C 352 -18.27 74.78 33.21
CA PRO C 352 -18.24 73.31 33.11
C PRO C 352 -19.62 72.70 33.26
N VAL C 353 -19.76 71.49 32.74
CA VAL C 353 -21.00 70.73 32.84
C VAL C 353 -20.97 69.93 34.13
N VAL C 354 -21.99 70.13 34.97
CA VAL C 354 -22.05 69.49 36.28
C VAL C 354 -22.74 68.14 36.13
N VAL C 355 -22.01 67.08 36.46
CA VAL C 355 -22.53 65.72 36.40
C VAL C 355 -22.42 65.11 37.79
N HIS C 356 -23.41 64.28 38.14
CA HIS C 356 -23.41 63.67 39.47
C HIS C 356 -24.39 62.51 39.50
N CYS C 357 -24.03 61.46 40.24
CA CYS C 357 -24.94 60.36 40.52
C CYS C 357 -25.13 60.35 42.04
N SER C 358 -24.50 59.41 42.75
CA SER C 358 -24.56 59.38 44.21
C SER C 358 -23.17 59.53 44.81
N ALA C 359 -22.24 58.64 44.47
CA ALA C 359 -20.84 58.83 44.83
C ALA C 359 -20.10 59.71 43.84
N GLY C 360 -20.72 60.03 42.70
CA GLY C 360 -20.06 60.81 41.66
C GLY C 360 -18.92 60.07 40.99
N ILE C 361 -18.97 58.74 40.97
CA ILE C 361 -17.87 57.93 40.47
C ILE C 361 -18.37 56.97 39.40
N GLY C 362 -19.28 56.07 39.79
CA GLY C 362 -19.75 55.03 38.91
C GLY C 362 -20.35 55.52 37.61
N ARG C 363 -21.67 55.67 37.57
CA ARG C 363 -22.34 56.06 36.33
C ARG C 363 -21.99 57.50 35.92
N THR C 364 -21.58 58.34 36.87
CA THR C 364 -21.15 59.69 36.51
C THR C 364 -19.96 59.65 35.56
N GLY C 365 -18.98 58.80 35.85
CA GLY C 365 -17.85 58.66 34.94
C GLY C 365 -18.23 58.06 33.61
N THR C 366 -19.24 57.17 33.59
CA THR C 366 -19.65 56.55 32.34
C THR C 366 -20.11 57.59 31.33
N PHE C 367 -20.93 58.55 31.77
CA PHE C 367 -21.39 59.60 30.87
C PHE C 367 -20.24 60.48 30.42
N ILE C 368 -19.36 60.85 31.35
CA ILE C 368 -18.26 61.76 31.01
C ILE C 368 -17.34 61.12 29.98
N VAL C 369 -16.91 59.89 30.24
CA VAL C 369 -16.02 59.20 29.31
C VAL C 369 -16.65 59.12 27.93
N ILE C 370 -17.94 58.79 27.87
CA ILE C 370 -18.63 58.71 26.58
C ILE C 370 -18.54 60.03 25.84
N ASP C 371 -18.85 61.13 26.53
CA ASP C 371 -18.84 62.44 25.89
C ASP C 371 -17.48 62.75 25.28
N ILE C 372 -16.42 62.56 26.07
CA ILE C 372 -15.07 62.80 25.55
C ILE C 372 -14.84 61.99 24.28
N LEU C 373 -15.24 60.73 24.29
CA LEU C 373 -15.06 59.89 23.11
C LEU C 373 -15.94 60.38 21.96
N ILE C 374 -17.21 60.67 22.24
CA ILE C 374 -18.11 61.14 21.19
C ILE C 374 -17.61 62.47 20.63
N ASP C 375 -17.16 63.38 21.50
CA ASP C 375 -16.71 64.68 21.04
C ASP C 375 -15.46 64.58 20.17
N ILE C 376 -14.57 63.64 20.50
CA ILE C 376 -13.42 63.40 19.62
C ILE C 376 -13.88 63.04 18.23
N ILE C 377 -14.99 62.30 18.13
CA ILE C 377 -15.47 61.84 16.83
C ILE C 377 -16.18 62.97 16.09
N ARG C 378 -16.85 63.87 16.80
CA ARG C 378 -17.48 65.01 16.14
C ARG C 378 -16.46 66.00 15.60
N GLU C 379 -15.21 65.95 16.08
CA GLU C 379 -14.15 66.84 15.62
C GLU C 379 -13.23 66.20 14.60
N LYS C 380 -12.82 64.96 14.81
CA LYS C 380 -11.93 64.27 13.89
C LYS C 380 -12.68 63.50 12.81
N GLY C 381 -13.75 62.82 13.18
CA GLY C 381 -14.51 61.98 12.28
C GLY C 381 -14.51 60.53 12.75
N VAL C 382 -15.12 59.67 11.91
CA VAL C 382 -15.19 58.26 12.24
C VAL C 382 -13.86 57.56 12.05
N ASP C 383 -12.91 58.19 11.37
CA ASP C 383 -11.62 57.56 11.09
C ASP C 383 -10.53 58.19 11.97
N CYS C 384 -10.68 58.07 13.29
CA CYS C 384 -9.70 58.58 14.24
C CYS C 384 -9.38 57.49 15.25
N ASP C 385 -8.31 57.72 16.01
CA ASP C 385 -7.79 56.74 16.96
C ASP C 385 -8.34 57.06 18.35
N ILE C 386 -9.21 56.18 18.86
CA ILE C 386 -9.71 56.29 20.22
C ILE C 386 -9.08 55.20 21.07
N ASP C 387 -9.02 55.45 22.38
CA ASP C 387 -8.39 54.52 23.31
C ASP C 387 -9.17 54.62 24.62
N VAL C 388 -10.11 53.69 24.81
CA VAL C 388 -11.05 53.77 25.93
C VAL C 388 -10.33 53.58 27.25
N PRO C 389 -9.43 52.59 27.40
CA PRO C 389 -8.66 52.51 28.65
C PRO C 389 -7.84 53.76 28.91
N LYS C 390 -7.17 54.28 27.87
CA LYS C 390 -6.36 55.48 28.04
C LYS C 390 -7.22 56.68 28.40
N THR C 391 -8.46 56.73 27.92
CA THR C 391 -9.35 57.83 28.28
C THR C 391 -9.81 57.73 29.72
N ILE C 392 -10.13 56.52 30.18
CA ILE C 392 -10.55 56.33 31.56
C ILE C 392 -9.40 56.64 32.51
N GLN C 393 -8.22 56.11 32.23
CA GLN C 393 -7.05 56.41 33.05
C GLN C 393 -6.81 57.91 33.13
N MET C 394 -6.96 58.61 32.00
CA MET C 394 -6.81 60.06 32.01
C MET C 394 -7.86 60.72 32.87
N VAL C 395 -9.05 60.12 32.96
CA VAL C 395 -10.12 60.68 33.78
C VAL C 395 -9.95 60.27 35.24
N ARG C 396 -9.37 59.09 35.50
CA ARG C 396 -9.16 58.65 36.87
C ARG C 396 -8.05 59.40 37.56
N SER C 397 -7.14 60.04 36.81
CA SER C 397 -6.12 60.86 37.42
C SER C 397 -6.66 62.17 37.97
N GLN C 398 -7.90 62.52 37.63
CA GLN C 398 -8.52 63.75 38.10
C GLN C 398 -9.62 63.50 39.12
N ARG C 399 -10.22 62.32 39.14
CA ARG C 399 -11.13 61.91 40.21
C ARG C 399 -10.93 60.42 40.46
N SER C 400 -10.97 60.03 41.73
CA SER C 400 -10.54 58.70 42.14
C SER C 400 -11.49 57.63 41.59
N GLY C 401 -10.95 56.74 40.78
CA GLY C 401 -11.64 55.50 40.41
C GLY C 401 -12.92 55.69 39.63
N MET C 402 -12.95 56.62 38.68
CA MET C 402 -14.13 56.78 37.84
C MET C 402 -14.41 55.48 37.09
N VAL C 403 -15.70 55.23 36.84
CA VAL C 403 -16.16 53.98 36.25
C VAL C 403 -15.78 52.83 37.17
N GLN C 404 -16.77 52.26 37.85
CA GLN C 404 -16.53 51.28 38.89
C GLN C 404 -16.61 49.84 38.40
N THR C 405 -17.69 49.49 37.70
CA THR C 405 -18.01 48.10 37.41
C THR C 405 -17.62 47.73 35.98
N GLU C 406 -17.41 46.43 35.78
CA GLU C 406 -17.10 45.91 34.45
C GLU C 406 -18.25 46.17 33.49
N ALA C 407 -19.50 46.06 33.98
CA ALA C 407 -20.65 46.36 33.14
C ALA C 407 -20.58 47.77 32.58
N GLN C 408 -20.26 48.75 33.45
CA GLN C 408 -20.11 50.12 32.99
C GLN C 408 -19.02 50.24 31.93
N TYR C 409 -17.95 49.45 32.07
CA TYR C 409 -16.88 49.49 31.08
C TYR C 409 -17.38 49.03 29.71
N ARG C 410 -18.10 47.91 29.67
CA ARG C 410 -18.65 47.43 28.40
C ARG C 410 -19.64 48.42 27.81
N PHE C 411 -20.49 49.01 28.65
CA PHE C 411 -21.48 49.97 28.16
C PHE C 411 -20.83 51.11 27.39
N ILE C 412 -19.60 51.49 27.76
CA ILE C 412 -18.91 52.55 27.05
C ILE C 412 -18.63 52.14 25.61
N TYR C 413 -18.02 50.97 25.43
CA TYR C 413 -17.77 50.44 24.09
C TYR C 413 -19.05 50.39 23.28
N MET C 414 -20.03 49.61 23.75
CA MET C 414 -21.27 49.46 23.01
C MET C 414 -22.06 50.76 22.91
N ALA C 415 -21.70 51.79 23.69
CA ALA C 415 -22.30 53.10 23.49
C ALA C 415 -21.63 53.83 22.33
N VAL C 416 -20.29 53.82 22.29
CA VAL C 416 -19.57 54.41 21.16
C VAL C 416 -19.89 53.67 19.88
N GLN C 417 -19.92 52.33 19.94
CA GLN C 417 -20.26 51.55 18.76
C GLN C 417 -21.61 51.96 18.20
N HIS C 418 -22.62 52.07 19.07
CA HIS C 418 -23.94 52.46 18.61
C HIS C 418 -23.93 53.86 17.99
N TYR C 419 -23.03 54.72 18.47
CA TYR C 419 -22.94 56.08 17.92
C TYR C 419 -22.23 56.08 16.56
N ILE C 420 -21.19 55.25 16.42
CA ILE C 420 -20.49 55.15 15.15
C ILE C 420 -21.43 54.60 14.07
N GLU C 421 -22.32 53.69 14.45
CA GLU C 421 -23.23 53.09 13.48
C GLU C 421 -24.27 54.11 13.02
N THR C 422 -24.73 54.98 13.92
CA THR C 422 -25.76 55.95 13.55
C THR C 422 -25.21 57.04 12.64
N LEU C 423 -23.92 57.37 12.76
CA LEU C 423 -23.32 58.37 11.88
C LEU C 423 -23.28 57.87 10.44
N GLN C 424 -23.02 56.58 10.25
CA GLN C 424 -22.94 56.00 8.91
C GLN C 424 -24.32 55.64 8.39
N ARG C 425 -25.29 56.54 8.56
CA ARG C 425 -26.67 56.27 8.16
C ARG C 425 -27.18 57.34 7.22
N ARG C 426 -28.49 57.34 6.98
CA ARG C 426 -29.11 58.33 6.09
C ARG C 426 -30.30 58.98 6.79
N ASP D 4 -26.34 7.13 -20.10
CA ASP D 4 -27.29 6.84 -21.17
C ASP D 4 -27.36 5.35 -21.52
N PRO D 5 -26.19 4.72 -21.78
CA PRO D 5 -26.24 3.28 -22.10
C PRO D 5 -26.68 2.44 -20.92
N THR D 6 -26.26 2.80 -19.71
CA THR D 6 -26.67 2.11 -18.49
C THR D 6 -26.92 3.14 -17.41
N SER D 7 -27.76 2.77 -16.44
CA SER D 7 -28.02 3.63 -15.30
C SER D 7 -27.08 3.35 -14.13
N GLU D 8 -26.27 2.29 -14.21
CA GLU D 8 -25.39 1.93 -13.12
C GLU D 8 -24.56 3.14 -12.70
N ARG D 9 -24.18 3.15 -11.42
CA ARG D 9 -23.44 4.30 -10.88
C ARG D 9 -21.95 4.23 -11.18
N TRP D 10 -21.43 3.07 -11.59
CA TRP D 10 -20.06 3.03 -12.06
C TRP D 10 -19.90 3.65 -13.45
N PHE D 11 -20.98 4.16 -14.03
CA PHE D 11 -20.93 4.90 -15.30
C PHE D 11 -21.10 6.38 -15.01
N HIS D 12 -20.04 7.15 -15.20
CA HIS D 12 -20.06 8.59 -14.91
C HIS D 12 -20.47 9.44 -16.11
N GLY D 13 -20.80 8.84 -17.23
CA GLY D 13 -21.19 9.62 -18.40
C GLY D 13 -20.02 10.43 -18.92
N HIS D 14 -20.24 11.72 -19.15
CA HIS D 14 -19.19 12.59 -19.65
C HIS D 14 -18.22 12.92 -18.53
N LEU D 15 -17.04 12.33 -18.57
CA LEU D 15 -16.00 12.60 -17.58
C LEU D 15 -14.64 12.47 -18.27
N SER D 16 -13.82 13.51 -18.15
CA SER D 16 -12.51 13.50 -18.79
C SER D 16 -11.57 12.54 -18.07
N GLY D 17 -10.62 11.98 -18.83
CA GLY D 17 -9.66 11.07 -18.24
C GLY D 17 -8.92 11.68 -17.07
N LYS D 18 -8.49 12.94 -17.20
CA LYS D 18 -7.80 13.61 -16.10
C LYS D 18 -8.69 13.68 -14.86
N GLU D 19 -9.98 13.96 -15.04
CA GLU D 19 -10.88 14.07 -13.90
C GLU D 19 -11.02 12.73 -13.18
N ALA D 20 -11.04 11.63 -13.94
CA ALA D 20 -11.18 10.32 -13.33
C ALA D 20 -9.97 9.96 -12.49
N GLU D 21 -8.78 10.42 -12.88
CA GLU D 21 -7.57 10.14 -12.12
C GLU D 21 -7.68 10.63 -10.68
N LYS D 22 -8.49 11.67 -10.45
CA LYS D 22 -8.63 12.22 -9.11
C LYS D 22 -9.68 11.47 -8.30
N LEU D 23 -10.83 11.15 -8.91
CA LEU D 23 -11.92 10.51 -8.17
C LEU D 23 -11.50 9.14 -7.66
N LEU D 24 -10.69 8.40 -8.43
CA LEU D 24 -10.28 7.07 -8.01
C LEU D 24 -9.27 7.12 -6.87
N THR D 25 -8.34 8.08 -6.93
CA THR D 25 -7.29 8.17 -5.93
C THR D 25 -7.78 8.73 -4.60
N GLU D 26 -8.92 9.43 -4.58
CA GLU D 26 -9.39 10.13 -3.39
C GLU D 26 -10.53 9.42 -2.68
N LYS D 27 -11.61 9.10 -3.40
CA LYS D 27 -12.80 8.52 -2.79
C LYS D 27 -12.88 7.02 -2.98
N GLY D 28 -11.77 6.37 -3.34
CA GLY D 28 -11.77 4.95 -3.60
C GLY D 28 -10.49 4.29 -3.11
N LYS D 29 -10.52 2.97 -3.07
CA LYS D 29 -9.39 2.15 -2.66
C LYS D 29 -8.88 1.35 -3.85
N HIS D 30 -7.85 0.55 -3.60
CA HIS D 30 -7.30 -0.31 -4.65
C HIS D 30 -8.39 -1.17 -5.26
N GLY D 31 -8.36 -1.29 -6.59
CA GLY D 31 -9.36 -2.05 -7.30
C GLY D 31 -10.61 -1.28 -7.66
N SER D 32 -10.64 0.02 -7.42
CA SER D 32 -11.79 0.84 -7.79
C SER D 32 -11.82 1.04 -9.30
N PHE D 33 -13.01 0.91 -9.89
CA PHE D 33 -13.18 1.05 -11.32
C PHE D 33 -14.36 1.98 -11.61
N LEU D 34 -14.45 2.41 -12.85
CA LEU D 34 -15.55 3.26 -13.32
C LEU D 34 -15.47 3.36 -14.83
N VAL D 35 -16.62 3.47 -15.47
CA VAL D 35 -16.72 3.61 -16.92
C VAL D 35 -17.14 5.03 -17.24
N ARG D 36 -16.58 5.59 -18.31
CA ARG D 36 -16.86 6.95 -18.71
C ARG D 36 -17.00 7.00 -20.23
N GLU D 37 -17.52 8.12 -20.72
CA GLU D 37 -17.58 8.36 -22.15
C GLU D 37 -16.20 8.76 -22.66
N SER D 38 -15.74 8.09 -23.70
CA SER D 38 -14.39 8.31 -24.22
C SER D 38 -14.26 9.71 -24.79
N GLN D 39 -13.29 10.47 -24.30
CA GLN D 39 -13.00 11.79 -24.85
C GLN D 39 -12.34 11.69 -26.22
N SER D 40 -11.54 10.63 -26.44
CA SER D 40 -10.81 10.52 -27.69
C SER D 40 -11.72 10.05 -28.83
N HIS D 41 -12.64 9.12 -28.53
CA HIS D 41 -13.53 8.57 -29.55
C HIS D 41 -14.96 8.58 -29.01
N PRO D 42 -15.76 9.60 -29.31
CA PRO D 42 -17.15 9.62 -28.86
C PRO D 42 -17.92 8.41 -29.39
N GLY D 43 -18.82 7.91 -28.56
CA GLY D 43 -19.54 6.68 -28.87
C GLY D 43 -18.92 5.50 -28.16
N ASP D 44 -17.59 5.47 -28.14
CA ASP D 44 -16.85 4.45 -27.41
C ASP D 44 -16.78 4.84 -25.93
N PHE D 45 -16.23 3.94 -25.12
CA PHE D 45 -16.15 4.14 -23.68
C PHE D 45 -14.76 3.77 -23.19
N VAL D 46 -14.50 4.09 -21.92
CA VAL D 46 -13.22 3.82 -21.30
C VAL D 46 -13.46 3.26 -19.90
N LEU D 47 -12.63 2.32 -19.49
CA LEU D 47 -12.68 1.73 -18.15
C LEU D 47 -11.40 2.12 -17.42
N SER D 48 -11.53 3.00 -16.42
CA SER D 48 -10.40 3.48 -15.65
C SER D 48 -10.37 2.72 -14.32
N VAL D 49 -9.27 2.03 -14.05
CA VAL D 49 -9.12 1.19 -12.87
C VAL D 49 -7.92 1.68 -12.07
N ARG D 50 -8.04 1.61 -10.75
CA ARG D 50 -6.96 1.99 -9.84
C ARG D 50 -6.16 0.76 -9.45
N THR D 51 -4.85 0.92 -9.34
CA THR D 51 -3.97 -0.17 -8.95
C THR D 51 -2.77 0.36 -8.16
N SER D 63 -1.39 5.89 -6.05
CA SER D 63 -1.34 4.77 -6.97
C SER D 63 -1.52 5.24 -8.42
N LYS D 64 -1.58 4.29 -9.35
CA LYS D 64 -1.71 4.59 -10.76
C LYS D 64 -3.05 4.07 -11.27
N VAL D 65 -3.49 4.60 -12.41
CA VAL D 65 -4.75 4.20 -13.03
C VAL D 65 -4.50 3.82 -14.48
N THR D 66 -5.06 2.69 -14.90
CA THR D 66 -4.97 2.21 -16.27
C THR D 66 -6.31 2.42 -16.95
N HIS D 67 -6.26 2.81 -18.23
CA HIS D 67 -7.46 3.16 -19.00
C HIS D 67 -7.66 2.13 -20.11
N VAL D 68 -8.62 1.23 -19.90
CA VAL D 68 -8.99 0.24 -20.91
C VAL D 68 -10.15 0.79 -21.72
N MET D 69 -9.96 0.90 -23.03
CA MET D 69 -10.96 1.49 -23.91
C MET D 69 -11.91 0.43 -24.46
N ILE D 70 -13.19 0.75 -24.48
CA ILE D 70 -14.24 -0.13 -24.97
C ILE D 70 -14.79 0.45 -26.26
N ARG D 71 -15.03 -0.42 -27.24
CA ARG D 71 -15.54 0.01 -28.53
C ARG D 71 -17.05 -0.21 -28.62
N CYS D 72 -17.68 0.57 -29.51
CA CYS D 72 -19.11 0.47 -29.78
C CYS D 72 -19.31 0.40 -31.29
N GLN D 73 -18.75 -0.64 -31.91
CA GLN D 73 -18.74 -0.78 -33.36
C GLN D 73 -20.15 -0.70 -33.93
N GLU D 74 -20.82 -1.85 -34.06
CA GLU D 74 -22.18 -1.88 -34.60
C GLU D 74 -23.19 -1.62 -33.47
N LEU D 75 -23.30 -2.55 -32.53
CA LEU D 75 -24.25 -2.39 -31.44
C LEU D 75 -23.74 -2.97 -30.11
N LYS D 76 -22.72 -3.80 -30.15
CA LYS D 76 -22.22 -4.49 -28.96
C LYS D 76 -20.89 -3.89 -28.51
N TYR D 77 -20.46 -4.31 -27.32
CA TYR D 77 -19.28 -3.77 -26.66
C TYR D 77 -18.18 -4.82 -26.58
N ASP D 78 -16.94 -4.35 -26.59
CA ASP D 78 -15.79 -5.22 -26.45
C ASP D 78 -14.56 -4.37 -26.17
N VAL D 79 -13.50 -5.01 -25.67
CA VAL D 79 -12.28 -4.31 -25.31
C VAL D 79 -11.33 -4.30 -26.50
N GLY D 80 -11.66 -3.51 -27.52
CA GLY D 80 -10.84 -3.42 -28.72
C GLY D 80 -10.98 -4.66 -29.59
N GLY D 81 -10.79 -5.83 -28.97
CA GLY D 81 -10.97 -7.08 -29.65
C GLY D 81 -11.54 -8.11 -28.70
N GLY D 82 -11.85 -9.28 -29.24
CA GLY D 82 -12.37 -10.36 -28.43
C GLY D 82 -13.88 -10.51 -28.56
N GLU D 83 -14.44 -11.25 -27.61
CA GLU D 83 -15.86 -11.52 -27.63
C GLU D 83 -16.66 -10.25 -27.37
N ARG D 84 -17.82 -10.15 -28.02
CA ARG D 84 -18.68 -8.98 -27.92
C ARG D 84 -19.83 -9.27 -26.97
N PHE D 85 -20.20 -8.27 -26.18
CA PHE D 85 -21.16 -8.43 -25.09
C PHE D 85 -22.47 -7.74 -25.42
N ASP D 86 -23.55 -8.27 -24.84
CA ASP D 86 -24.89 -7.75 -25.07
C ASP D 86 -25.23 -6.55 -24.19
N SER D 87 -24.31 -6.10 -23.33
CA SER D 87 -24.56 -4.95 -22.48
C SER D 87 -23.25 -4.47 -21.89
N LEU D 88 -23.19 -3.18 -21.58
CA LEU D 88 -21.99 -2.61 -20.96
C LEU D 88 -21.75 -3.20 -19.58
N THR D 89 -22.81 -3.64 -18.90
CA THR D 89 -22.65 -4.26 -17.59
C THR D 89 -22.10 -5.67 -17.71
N ASP D 90 -22.35 -6.35 -18.85
CA ASP D 90 -21.80 -7.67 -19.05
C ASP D 90 -20.28 -7.61 -19.25
N LEU D 91 -19.79 -6.60 -19.96
CA LEU D 91 -18.35 -6.45 -20.14
C LEU D 91 -17.65 -6.27 -18.79
N VAL D 92 -18.17 -5.38 -17.96
CA VAL D 92 -17.57 -5.14 -16.64
C VAL D 92 -17.68 -6.40 -15.79
N GLU D 93 -18.88 -7.00 -15.75
CA GLU D 93 -19.08 -8.20 -14.94
C GLU D 93 -18.19 -9.35 -15.40
N HIS D 94 -17.92 -9.44 -16.70
CA HIS D 94 -17.08 -10.51 -17.21
C HIS D 94 -15.66 -10.39 -16.66
N TYR D 95 -15.02 -9.24 -16.89
CA TYR D 95 -13.65 -9.02 -16.49
C TYR D 95 -13.50 -8.75 -14.99
N LYS D 96 -14.58 -8.87 -14.21
CA LYS D 96 -14.47 -8.85 -12.76
C LYS D 96 -14.10 -10.22 -12.22
N LYS D 97 -14.62 -11.29 -12.84
CA LYS D 97 -14.26 -12.64 -12.50
C LYS D 97 -13.13 -13.20 -13.36
N ASN D 98 -12.81 -12.55 -14.47
CA ASN D 98 -11.70 -12.94 -15.35
C ASN D 98 -10.85 -11.70 -15.63
N PRO D 99 -10.06 -11.24 -14.64
CA PRO D 99 -9.33 -9.98 -14.81
C PRO D 99 -8.41 -10.02 -16.01
N MET D 100 -8.12 -8.84 -16.54
CA MET D 100 -7.19 -8.68 -17.64
C MET D 100 -5.79 -8.35 -17.11
N VAL D 101 -4.80 -8.52 -17.98
CA VAL D 101 -3.40 -8.25 -17.64
C VAL D 101 -2.92 -7.12 -18.54
N GLU D 102 -2.24 -6.15 -17.93
CA GLU D 102 -1.75 -4.98 -18.64
C GLU D 102 -0.39 -5.26 -19.27
N THR D 103 -0.20 -4.73 -20.47
CA THR D 103 1.09 -4.85 -21.15
C THR D 103 2.17 -4.17 -20.31
N LEU D 104 3.16 -4.95 -19.87
CA LEU D 104 4.25 -4.43 -19.04
C LEU D 104 3.72 -3.81 -17.75
N GLY D 105 2.74 -4.46 -17.14
CA GLY D 105 2.13 -3.96 -15.93
C GLY D 105 1.53 -5.05 -15.06
N THR D 106 0.62 -4.65 -14.18
CA THR D 106 -0.02 -5.58 -13.25
C THR D 106 -1.39 -5.99 -13.80
N VAL D 107 -2.11 -6.74 -12.99
CA VAL D 107 -3.44 -7.25 -13.35
C VAL D 107 -4.48 -6.23 -12.92
N LEU D 108 -5.48 -6.01 -13.77
CA LEU D 108 -6.53 -5.03 -13.51
C LEU D 108 -7.63 -5.71 -12.70
N GLN D 109 -7.49 -5.67 -11.38
CA GLN D 109 -8.45 -6.28 -10.47
C GLN D 109 -9.68 -5.36 -10.36
N LEU D 110 -10.81 -5.80 -10.91
CA LEU D 110 -12.05 -5.05 -10.82
C LEU D 110 -12.77 -5.51 -9.55
N LYS D 111 -12.45 -4.85 -8.43
CA LYS D 111 -13.01 -5.22 -7.14
C LYS D 111 -14.28 -4.44 -6.84
N GLN D 112 -14.15 -3.21 -6.32
CA GLN D 112 -15.32 -2.44 -5.93
C GLN D 112 -15.56 -1.28 -6.90
N PRO D 113 -16.82 -0.96 -7.21
CA PRO D 113 -17.08 0.22 -8.05
C PRO D 113 -16.94 1.52 -7.26
N LEU D 114 -16.63 2.59 -7.99
CA LEU D 114 -16.67 3.95 -7.45
C LEU D 114 -17.96 4.58 -7.97
N ASN D 115 -19.05 4.39 -7.23
CA ASN D 115 -20.34 4.86 -7.66
C ASN D 115 -20.37 6.39 -7.76
N THR D 116 -21.05 6.89 -8.79
CA THR D 116 -21.19 8.31 -9.04
C THR D 116 -22.38 8.88 -8.26
N THR D 117 -22.40 10.21 -8.15
CA THR D 117 -23.50 10.91 -7.51
C THR D 117 -24.07 12.05 -8.37
N ARG D 118 -23.42 12.40 -9.48
CA ARG D 118 -23.96 13.41 -10.39
C ARG D 118 -24.99 12.76 -11.32
N ILE D 119 -26.09 13.49 -11.56
CA ILE D 119 -27.18 12.94 -12.36
C ILE D 119 -27.84 14.08 -13.11
N ASN D 120 -28.18 13.82 -14.37
CA ASN D 120 -28.96 14.77 -15.16
C ASN D 120 -30.35 14.91 -14.58
N ALA D 121 -30.75 16.16 -14.30
CA ALA D 121 -32.00 16.39 -13.59
C ALA D 121 -33.19 15.71 -14.25
N ALA D 122 -33.26 15.77 -15.59
CA ALA D 122 -34.36 15.14 -16.30
C ALA D 122 -34.32 13.62 -16.20
N GLU D 123 -33.18 13.04 -15.81
CA GLU D 123 -33.01 11.60 -15.69
C GLU D 123 -32.91 11.17 -14.22
N ILE D 124 -33.60 11.88 -13.32
CA ILE D 124 -33.51 11.55 -11.91
C ILE D 124 -34.32 10.31 -11.57
N GLU D 125 -35.46 10.11 -12.25
CA GLU D 125 -36.28 8.93 -11.98
C GLU D 125 -35.48 7.65 -12.16
N SER D 126 -34.62 7.60 -13.18
CA SER D 126 -33.81 6.41 -13.40
C SER D 126 -32.85 6.19 -12.23
N ARG D 127 -32.27 7.27 -11.70
CA ARG D 127 -31.35 7.14 -10.57
C ARG D 127 -32.11 6.75 -9.31
N VAL D 128 -33.30 7.31 -9.10
CA VAL D 128 -34.11 6.94 -7.95
C VAL D 128 -34.48 5.46 -8.03
N ARG D 129 -34.71 4.95 -9.25
CA ARG D 129 -35.09 3.54 -9.39
C ARG D 129 -33.93 2.61 -9.07
N GLU D 130 -32.69 3.07 -9.24
CA GLU D 130 -31.53 2.26 -8.92
C GLU D 130 -31.09 2.39 -7.47
N LEU D 131 -31.10 3.61 -6.93
CA LEU D 131 -30.75 3.78 -5.53
C LEU D 131 -31.68 3.00 -4.61
N SER D 132 -32.88 2.66 -5.10
CA SER D 132 -33.81 1.84 -4.32
C SER D 132 -33.46 0.36 -4.38
N LYS D 133 -32.63 -0.05 -5.34
CA LYS D 133 -32.20 -1.44 -5.41
C LYS D 133 -31.18 -1.75 -4.32
N LEU D 134 -31.11 -3.03 -3.96
CA LEU D 134 -30.11 -3.49 -3.00
C LEU D 134 -28.73 -3.45 -3.65
N ALA D 135 -27.78 -2.82 -2.97
CA ALA D 135 -26.45 -2.63 -3.53
C ALA D 135 -25.57 -3.82 -3.15
N GLU D 136 -24.26 -3.67 -3.32
CA GLU D 136 -23.28 -4.72 -3.04
C GLU D 136 -23.77 -6.08 -3.52
N VAL D 141 -28.23 -6.24 1.38
CA VAL D 141 -28.70 -6.10 2.75
C VAL D 141 -29.25 -4.69 2.98
N LYS D 142 -28.79 -3.75 2.17
CA LYS D 142 -29.25 -2.37 2.25
C LYS D 142 -29.40 -1.80 0.85
N GLN D 143 -30.11 -0.67 0.77
CA GLN D 143 -30.41 -0.03 -0.50
C GLN D 143 -29.24 0.85 -0.95
N GLY D 144 -29.40 1.47 -2.12
CA GLY D 144 -28.41 2.42 -2.59
C GLY D 144 -28.44 3.72 -1.81
N PHE D 145 -29.65 4.16 -1.43
CA PHE D 145 -29.78 5.36 -0.62
C PHE D 145 -28.97 5.26 0.66
N TRP D 146 -28.94 4.08 1.27
CA TRP D 146 -28.23 3.91 2.54
C TRP D 146 -26.73 4.14 2.37
N GLU D 147 -26.12 3.53 1.34
CA GLU D 147 -24.68 3.65 1.20
C GLU D 147 -24.26 5.06 0.79
N GLU D 148 -25.01 5.69 -0.12
CA GLU D 148 -24.74 7.10 -0.42
C GLU D 148 -24.87 7.94 0.83
N PHE D 149 -25.86 7.63 1.68
CA PHE D 149 -26.05 8.38 2.91
C PHE D 149 -24.92 8.11 3.90
N GLU D 150 -24.34 6.90 3.86
CA GLU D 150 -23.21 6.60 4.75
C GLU D 150 -21.91 7.21 4.25
N THR D 151 -21.76 7.38 2.93
CA THR D 151 -20.60 8.12 2.44
C THR D 151 -20.58 9.54 2.99
N LEU D 152 -21.76 10.12 3.23
CA LEU D 152 -21.85 11.42 3.86
C LEU D 152 -21.65 11.33 5.36
N GLN D 153 -22.40 10.44 6.02
CA GLN D 153 -22.28 10.27 7.46
C GLN D 153 -20.87 9.83 7.85
N GLN D 154 -20.16 9.16 6.94
CA GLN D 154 -18.76 8.80 7.20
C GLN D 154 -17.83 9.98 7.00
N GLN D 155 -18.08 10.78 5.96
CA GLN D 155 -17.30 11.98 5.70
C GLN D 155 -17.75 13.11 6.62
N TYR D 161 -14.69 21.58 11.77
CA TYR D 161 -14.38 22.97 12.08
C TYR D 161 -14.58 23.22 13.57
N SER D 162 -14.04 24.35 14.04
CA SER D 162 -14.13 24.69 15.45
C SER D 162 -15.54 25.19 15.79
N ARG D 163 -15.97 24.88 17.01
CA ARG D 163 -17.25 25.29 17.55
C ARG D 163 -17.06 25.87 18.94
N LYS D 164 -16.00 26.65 19.11
CA LYS D 164 -15.59 27.10 20.44
C LYS D 164 -16.61 28.06 21.04
N GLU D 165 -17.23 28.91 20.22
CA GLU D 165 -18.17 29.89 20.74
C GLU D 165 -19.43 29.22 21.28
N GLY D 166 -19.91 28.17 20.60
CA GLY D 166 -21.06 27.45 21.09
C GLY D 166 -20.79 26.66 22.36
N GLN D 167 -19.53 26.31 22.61
CA GLN D 167 -19.16 25.51 23.77
C GLN D 167 -18.83 26.33 24.99
N ARG D 168 -18.88 27.66 24.90
CA ARG D 168 -18.53 28.50 26.04
C ARG D 168 -19.50 28.27 27.20
N GLN D 169 -18.99 28.49 28.42
CA GLN D 169 -19.85 28.36 29.59
C GLN D 169 -20.95 29.41 29.58
N GLU D 170 -20.67 30.60 29.03
CA GLU D 170 -21.66 31.66 28.98
C GLU D 170 -22.84 31.30 28.07
N ASN D 171 -22.67 30.35 27.17
CA ASN D 171 -23.69 29.99 26.19
C ASN D 171 -24.29 28.62 26.42
N LYS D 172 -24.05 28.01 27.57
CA LYS D 172 -24.56 26.67 27.83
C LYS D 172 -26.08 26.64 27.77
N ASN D 173 -26.74 27.59 28.42
CA ASN D 173 -28.18 27.63 28.48
C ASN D 173 -28.83 28.24 27.23
N LYS D 174 -28.03 28.58 26.21
CA LYS D 174 -28.55 29.14 24.97
C LYS D 174 -28.70 28.10 23.87
N ASN D 175 -28.36 26.84 24.14
CA ASN D 175 -28.43 25.77 23.16
C ASN D 175 -29.47 24.76 23.58
N ARG D 176 -30.39 24.43 22.67
CA ARG D 176 -31.42 23.44 22.98
C ARG D 176 -30.81 22.06 23.17
N TYR D 177 -29.86 21.68 22.33
CA TYR D 177 -29.14 20.43 22.44
C TYR D 177 -27.66 20.73 22.60
N LYS D 178 -27.02 20.10 23.58
CA LYS D 178 -25.65 20.45 23.96
C LYS D 178 -24.64 20.08 22.88
N ASN D 179 -24.94 19.07 22.07
CA ASN D 179 -23.99 18.56 21.08
C ASN D 179 -24.33 18.99 19.66
N ILE D 180 -25.22 19.97 19.50
CA ILE D 180 -25.56 20.54 18.20
C ILE D 180 -25.21 22.01 18.27
N LEU D 181 -24.05 22.38 17.75
CA LEU D 181 -23.52 23.73 17.89
C LEU D 181 -23.14 24.29 16.53
N PRO D 182 -23.13 25.61 16.38
CA PRO D 182 -22.78 26.22 15.10
C PRO D 182 -21.28 26.42 14.92
N PHE D 183 -20.86 26.35 13.66
CA PHE D 183 -19.47 26.65 13.32
C PHE D 183 -19.19 28.12 13.51
N ASP D 184 -17.99 28.42 14.01
CA ASP D 184 -17.64 29.81 14.32
C ASP D 184 -17.44 30.66 13.07
N HIS D 185 -17.11 30.05 11.93
CA HIS D 185 -16.84 30.81 10.72
C HIS D 185 -18.08 31.13 9.90
N THR D 186 -19.26 30.61 10.29
CA THR D 186 -20.50 30.98 9.63
C THR D 186 -21.61 31.38 10.58
N ARG D 187 -21.39 31.32 11.89
CA ARG D 187 -22.45 31.65 12.84
C ARG D 187 -22.88 33.10 12.68
N VAL D 188 -24.13 33.36 13.04
CA VAL D 188 -24.68 34.72 13.01
C VAL D 188 -24.28 35.45 14.29
N VAL D 189 -23.59 36.57 14.14
CA VAL D 189 -23.08 37.35 15.26
C VAL D 189 -23.98 38.56 15.45
N LEU D 190 -24.55 38.70 16.65
CA LEU D 190 -25.41 39.82 16.99
C LEU D 190 -24.55 40.96 17.54
N HIS D 191 -24.78 42.16 17.03
CA HIS D 191 -23.88 43.28 17.30
C HIS D 191 -24.24 44.01 18.58
N ASP D 192 -25.13 45.00 18.50
CA ASP D 192 -25.57 45.73 19.68
C ASP D 192 -26.39 44.80 20.57
N GLY D 193 -25.85 44.47 21.73
CA GLY D 193 -26.53 43.56 22.65
C GLY D 193 -26.74 44.19 24.01
N ASP D 194 -26.79 43.36 25.05
CA ASP D 194 -27.07 43.83 26.40
C ASP D 194 -25.80 43.81 27.22
N PRO D 195 -25.28 44.96 27.66
CA PRO D 195 -24.02 44.95 28.43
C PRO D 195 -24.12 44.23 29.75
N ASN D 196 -25.33 44.03 30.29
CA ASN D 196 -25.50 43.29 31.53
C ASN D 196 -25.48 41.78 31.32
N GLU D 197 -24.87 41.31 30.23
CA GLU D 197 -24.78 39.90 29.92
C GLU D 197 -23.32 39.55 29.69
N PRO D 198 -22.81 38.46 30.27
CA PRO D 198 -21.44 38.05 29.95
C PRO D 198 -21.19 37.92 28.46
N VAL D 199 -22.12 37.30 27.73
CA VAL D 199 -22.07 37.21 26.28
C VAL D 199 -23.47 37.47 25.74
N SER D 200 -23.56 38.31 24.71
CA SER D 200 -24.85 38.69 24.15
C SER D 200 -24.90 38.59 22.63
N ASP D 201 -23.82 38.15 21.98
CA ASP D 201 -23.75 38.12 20.52
C ASP D 201 -23.89 36.71 19.96
N TYR D 202 -24.29 35.74 20.77
CA TYR D 202 -24.36 34.35 20.33
C TYR D 202 -25.80 33.88 20.24
N ILE D 203 -26.14 33.31 19.10
CA ILE D 203 -27.38 32.57 18.91
C ILE D 203 -27.06 31.33 18.10
N ASN D 204 -27.67 30.20 18.47
CA ASN D 204 -27.39 28.93 17.79
C ASN D 204 -28.00 28.98 16.39
N ALA D 205 -27.27 29.59 15.47
CA ALA D 205 -27.73 29.77 14.10
C ALA D 205 -26.52 29.94 13.18
N ASN D 206 -26.74 29.64 11.90
CA ASN D 206 -25.69 29.73 10.90
C ASN D 206 -26.23 30.34 9.62
N ILE D 207 -25.36 31.04 8.91
CA ILE D 207 -25.66 31.57 7.58
C ILE D 207 -25.37 30.48 6.56
N ILE D 208 -26.31 30.25 5.65
CA ILE D 208 -26.19 29.22 4.62
C ILE D 208 -26.18 29.90 3.26
N MET D 209 -25.14 29.65 2.48
CA MET D 209 -25.02 30.20 1.14
C MET D 209 -24.94 29.05 0.13
N PRO D 210 -25.70 29.08 -0.97
CA PRO D 210 -25.58 28.02 -1.97
C PRO D 210 -24.19 27.88 -2.57
N GLU D 211 -23.35 28.92 -2.47
CA GLU D 211 -21.99 28.84 -3.00
C GLU D 211 -21.10 29.68 -2.09
N PHE D 212 -20.26 29.02 -1.30
CA PHE D 212 -19.41 29.72 -0.33
C PHE D 212 -18.46 30.68 -1.05
N LYS D 223 -28.68 34.40 -3.15
CA LYS D 223 -29.71 34.08 -2.17
C LYS D 223 -28.98 33.51 -0.96
N SER D 224 -29.50 33.76 0.24
CA SER D 224 -28.88 33.22 1.45
C SER D 224 -29.95 32.87 2.47
N TYR D 225 -29.64 31.88 3.30
CA TYR D 225 -30.54 31.38 4.33
C TYR D 225 -29.86 31.46 5.69
N ILE D 226 -30.68 31.49 6.74
CA ILE D 226 -30.20 31.44 8.12
C ILE D 226 -30.90 30.26 8.79
N ALA D 227 -30.10 29.27 9.18
CA ALA D 227 -30.60 28.08 9.85
C ALA D 227 -30.32 28.20 11.35
N THR D 228 -31.37 28.07 12.15
CA THR D 228 -31.27 28.20 13.60
C THR D 228 -32.04 27.05 14.25
N GLN D 229 -31.82 26.88 15.57
CA GLN D 229 -32.37 25.74 16.27
C GLN D 229 -33.85 25.94 16.61
N GLY D 230 -34.21 27.10 17.13
CA GLY D 230 -35.57 27.35 17.54
C GLY D 230 -35.59 27.90 18.95
N CYS D 231 -36.36 28.95 19.16
CA CYS D 231 -36.25 29.73 20.38
C CYS D 231 -36.46 28.88 21.62
N LEU D 232 -35.52 28.98 22.55
CA LEU D 232 -35.77 28.63 23.94
C LEU D 232 -36.45 29.82 24.61
N GLN D 233 -37.03 29.60 25.79
CA GLN D 233 -37.73 30.70 26.45
C GLN D 233 -36.80 31.87 26.72
N ASN D 234 -35.51 31.60 26.96
CA ASN D 234 -34.55 32.63 27.29
C ASN D 234 -33.78 33.14 26.07
N THR D 235 -34.16 32.73 24.87
CA THR D 235 -33.51 33.20 23.65
C THR D 235 -34.50 33.77 22.63
N VAL D 236 -35.75 34.02 23.04
CA VAL D 236 -36.71 34.64 22.14
C VAL D 236 -36.25 36.05 21.76
N ASN D 237 -35.79 36.82 22.75
CA ASN D 237 -35.31 38.17 22.47
C ASN D 237 -34.16 38.15 21.47
N ASP D 238 -33.22 37.21 21.64
CA ASP D 238 -32.08 37.12 20.72
C ASP D 238 -32.55 36.84 19.30
N PHE D 239 -33.59 36.01 19.16
CA PHE D 239 -34.09 35.66 17.84
C PHE D 239 -34.57 36.89 17.08
N TRP D 240 -35.38 37.73 17.73
CA TRP D 240 -35.90 38.91 17.06
C TRP D 240 -34.80 39.94 16.81
N ARG D 241 -33.75 39.94 17.62
CA ARG D 241 -32.61 40.80 17.34
C ARG D 241 -31.82 40.32 16.13
N MET D 242 -31.98 39.04 15.75
CA MET D 242 -31.37 38.54 14.53
C MET D 242 -32.17 38.93 13.30
N VAL D 243 -33.49 38.77 13.36
CA VAL D 243 -34.35 39.12 12.23
C VAL D 243 -34.17 40.60 11.88
N PHE D 244 -34.18 41.47 12.89
CA PHE D 244 -34.03 42.90 12.66
C PHE D 244 -32.64 43.22 12.13
N GLN D 245 -31.61 42.68 12.77
CA GLN D 245 -30.24 42.93 12.35
C GLN D 245 -30.01 42.49 10.91
N GLU D 246 -30.38 41.25 10.59
CA GLU D 246 -30.10 40.67 9.29
C GLU D 246 -31.05 41.16 8.19
N ASN D 247 -32.05 41.96 8.54
CA ASN D 247 -33.03 42.47 7.58
C ASN D 247 -33.93 41.37 7.02
N SER D 248 -34.00 40.23 7.70
CA SER D 248 -34.83 39.13 7.22
C SER D 248 -36.29 39.53 7.22
N ARG D 249 -37.00 39.13 6.17
CA ARG D 249 -38.42 39.44 6.02
C ARG D 249 -39.28 38.20 5.89
N VAL D 250 -38.69 37.00 5.96
CA VAL D 250 -39.44 35.75 5.83
C VAL D 250 -38.87 34.75 6.83
N ILE D 251 -39.77 34.08 7.56
CA ILE D 251 -39.39 33.05 8.51
C ILE D 251 -40.12 31.77 8.12
N VAL D 252 -39.39 30.66 8.06
CA VAL D 252 -39.95 29.36 7.72
C VAL D 252 -39.78 28.46 8.94
N MET D 253 -40.89 28.16 9.61
CA MET D 253 -40.91 27.25 10.75
C MET D 253 -41.40 25.88 10.28
N THR D 254 -40.59 24.85 10.52
CA THR D 254 -40.87 23.50 10.04
C THR D 254 -41.19 22.53 11.17
N THR D 255 -41.69 23.04 12.30
CA THR D 255 -42.03 22.19 13.44
C THR D 255 -43.21 22.79 14.18
N LYS D 256 -43.90 21.94 14.93
CA LYS D 256 -44.92 22.41 15.86
C LYS D 256 -44.27 22.81 17.19
N GLU D 257 -45.06 23.49 18.02
CA GLU D 257 -44.57 23.90 19.34
C GLU D 257 -44.31 22.68 20.22
N VAL D 258 -45.14 21.65 20.10
CA VAL D 258 -45.03 20.44 20.91
C VAL D 258 -45.22 19.23 20.01
N GLU D 259 -44.37 18.23 20.19
CA GLU D 259 -44.44 16.99 19.41
C GLU D 259 -44.25 15.81 20.35
N ARG D 260 -45.34 15.09 20.64
CA ARG D 260 -45.31 13.90 21.48
C ARG D 260 -44.72 14.21 22.85
N GLY D 261 -45.37 15.15 23.55
CA GLY D 261 -44.97 15.48 24.90
C GLY D 261 -43.78 16.42 25.00
N LYS D 262 -42.84 16.29 24.09
CA LYS D 262 -41.63 17.11 24.13
C LYS D 262 -41.87 18.46 23.48
N SER D 263 -41.39 19.52 24.12
CA SER D 263 -41.44 20.86 23.54
C SER D 263 -40.22 21.07 22.65
N LYS D 264 -40.48 21.49 21.41
CA LYS D 264 -39.42 21.63 20.42
C LYS D 264 -39.21 23.07 19.95
N CYS D 265 -40.10 23.99 20.28
CA CYS D 265 -39.93 25.39 19.92
C CYS D 265 -41.00 26.24 20.61
N VAL D 266 -40.57 27.14 21.48
CA VAL D 266 -41.50 27.97 22.25
C VAL D 266 -42.10 29.03 21.34
N LYS D 267 -43.38 29.35 21.58
CA LYS D 267 -44.07 30.36 20.79
C LYS D 267 -43.33 31.69 20.91
N TYR D 268 -42.63 32.09 19.85
CA TYR D 268 -41.88 33.33 19.84
C TYR D 268 -42.62 34.47 19.16
N TRP D 269 -43.87 34.25 18.75
CA TRP D 269 -44.71 35.25 18.13
C TRP D 269 -45.95 35.49 18.99
N PRO D 270 -46.61 36.63 18.83
CA PRO D 270 -47.81 36.91 19.63
C PRO D 270 -49.08 36.36 18.99
N ASP D 271 -50.14 36.35 19.79
CA ASP D 271 -51.45 35.92 19.31
C ASP D 271 -51.92 36.82 18.16
N GLU D 272 -52.90 36.32 17.41
CA GLU D 272 -53.43 37.09 16.30
C GLU D 272 -54.07 38.37 16.82
N TYR D 273 -53.76 39.49 16.17
CA TYR D 273 -54.23 40.82 16.58
C TYR D 273 -53.66 41.23 17.93
N ALA D 274 -52.53 40.66 18.33
CA ALA D 274 -51.92 40.94 19.62
C ALA D 274 -50.54 41.54 19.43
N LEU D 275 -50.06 42.19 20.49
CA LEU D 275 -48.76 42.87 20.48
C LEU D 275 -47.95 42.36 21.65
N LYS D 276 -46.76 41.84 21.37
CA LYS D 276 -45.84 41.36 22.38
C LYS D 276 -44.51 42.09 22.26
N GLU D 277 -43.87 42.34 23.40
CA GLU D 277 -42.61 43.07 23.47
C GLU D 277 -41.52 42.10 23.88
N TYR D 278 -40.48 41.99 23.05
CA TYR D 278 -39.37 41.06 23.28
C TYR D 278 -38.10 41.89 23.45
N GLY D 279 -37.89 42.41 24.65
CA GLY D 279 -36.72 43.23 24.89
C GLY D 279 -36.85 44.55 24.17
N VAL D 280 -35.80 44.92 23.42
CA VAL D 280 -35.83 46.16 22.64
C VAL D 280 -36.67 46.04 21.38
N MET D 281 -37.28 44.89 21.13
CA MET D 281 -38.03 44.65 19.90
C MET D 281 -39.53 44.55 20.21
N ARG D 282 -40.32 44.96 19.23
CA ARG D 282 -41.78 44.97 19.34
C ARG D 282 -42.36 44.30 18.11
N VAL D 283 -43.35 43.42 18.32
CA VAL D 283 -43.93 42.61 17.27
C VAL D 283 -45.44 42.67 17.36
N ARG D 284 -46.10 42.74 16.20
CA ARG D 284 -47.56 42.75 16.12
C ARG D 284 -47.99 41.74 15.07
N ASN D 285 -48.87 40.81 15.47
CA ASN D 285 -49.43 39.81 14.56
C ASN D 285 -50.66 40.44 13.91
N VAL D 286 -50.50 40.93 12.68
CA VAL D 286 -51.58 41.64 12.02
C VAL D 286 -52.66 40.67 11.55
N LYS D 287 -52.27 39.68 10.75
CA LYS D 287 -53.25 38.77 10.16
C LYS D 287 -52.63 37.40 9.99
N GLU D 288 -53.48 36.37 10.01
CA GLU D 288 -53.07 35.00 9.78
C GLU D 288 -53.89 34.41 8.65
N SER D 289 -53.27 33.52 7.88
CA SER D 289 -53.92 32.79 6.80
C SER D 289 -53.64 31.31 7.01
N ALA D 290 -54.70 30.51 7.07
CA ALA D 290 -54.58 29.09 7.40
C ALA D 290 -54.68 28.25 6.13
N ALA D 291 -53.75 27.33 5.98
CA ALA D 291 -53.83 26.25 4.99
C ALA D 291 -53.76 24.93 5.73
N HIS D 292 -54.10 23.84 5.03
CA HIS D 292 -54.12 22.54 5.68
C HIS D 292 -52.73 22.16 6.18
N ASP D 293 -51.70 22.41 5.37
CA ASP D 293 -50.34 22.01 5.72
C ASP D 293 -49.57 23.08 6.49
N TYR D 294 -49.93 24.36 6.33
CA TYR D 294 -49.18 25.43 6.95
C TYR D 294 -50.09 26.60 7.23
N THR D 295 -49.59 27.53 8.04
CA THR D 295 -50.27 28.79 8.32
C THR D 295 -49.31 29.95 8.09
N LEU D 296 -49.82 31.00 7.43
CA LEU D 296 -49.04 32.20 7.14
C LEU D 296 -49.42 33.31 8.11
N ARG D 297 -48.41 33.93 8.73
CA ARG D 297 -48.60 35.00 9.69
C ARG D 297 -47.88 36.26 9.22
N GLU D 298 -48.62 37.37 9.15
CA GLU D 298 -48.06 38.66 8.79
C GLU D 298 -47.66 39.38 10.07
N LEU D 299 -46.36 39.46 10.33
CA LEU D 299 -45.82 40.10 11.52
C LEU D 299 -45.21 41.45 11.17
N LYS D 300 -45.52 42.46 11.98
CA LYS D 300 -44.88 43.76 11.89
C LYS D 300 -43.84 43.84 13.00
N LEU D 301 -42.58 44.07 12.62
CA LEU D 301 -41.47 44.11 13.56
C LEU D 301 -40.90 45.52 13.61
N SER D 302 -40.84 46.10 14.81
CA SER D 302 -40.29 47.42 15.01
C SER D 302 -39.35 47.40 16.21
N LYS D 303 -38.65 48.51 16.41
CA LYS D 303 -37.78 48.70 17.56
C LYS D 303 -38.44 49.68 18.51
N VAL D 304 -38.33 49.39 19.81
CA VAL D 304 -39.01 50.22 20.80
C VAL D 304 -38.43 51.63 20.78
N GLY D 305 -39.31 52.62 20.78
CA GLY D 305 -38.92 54.01 20.79
C GLY D 305 -38.51 54.58 19.45
N GLN D 306 -38.33 53.73 18.44
CA GLN D 306 -37.96 54.16 17.09
C GLN D 306 -39.13 53.86 16.17
N GLY D 307 -39.64 54.89 15.49
CA GLY D 307 -40.85 54.74 14.70
C GLY D 307 -40.62 54.23 13.30
N ASN D 308 -39.70 54.86 12.55
CA ASN D 308 -39.41 54.46 11.18
C ASN D 308 -38.51 53.23 11.08
N THR D 309 -38.70 52.25 11.96
CA THR D 309 -37.98 50.99 11.89
C THR D 309 -38.89 49.80 11.61
N GLU D 310 -40.14 50.05 11.23
CA GLU D 310 -41.13 48.97 11.16
C GLU D 310 -40.93 48.14 9.90
N ARG D 311 -40.72 46.83 10.07
CA ARG D 311 -40.64 45.87 8.99
C ARG D 311 -41.82 44.90 9.06
N THR D 312 -42.28 44.46 7.89
CA THR D 312 -43.27 43.40 7.81
C THR D 312 -42.54 42.07 7.64
N VAL D 313 -42.65 41.20 8.63
CA VAL D 313 -42.01 39.88 8.60
C VAL D 313 -43.09 38.83 8.35
N TRP D 314 -42.87 38.02 7.32
CA TRP D 314 -43.79 36.95 6.96
C TRP D 314 -43.30 35.64 7.55
N GLN D 315 -44.13 35.01 8.37
CA GLN D 315 -43.81 33.71 8.97
C GLN D 315 -44.66 32.63 8.31
N TYR D 316 -43.99 31.68 7.67
CA TYR D 316 -44.66 30.51 7.08
C TYR D 316 -44.42 29.32 8.00
N HIS D 317 -45.46 28.89 8.71
CA HIS D 317 -45.36 27.83 9.70
C HIS D 317 -45.89 26.53 9.11
N PHE D 318 -44.97 25.62 8.78
CA PHE D 318 -45.31 24.29 8.28
C PHE D 318 -45.52 23.36 9.47
N ARG D 319 -46.75 22.86 9.64
CA ARG D 319 -47.15 22.14 10.84
C ARG D 319 -47.51 20.69 10.55
N THR D 320 -46.94 20.09 9.51
CA THR D 320 -47.22 18.69 9.20
C THR D 320 -45.97 17.86 8.93
N TRP D 321 -44.78 18.41 9.17
CA TRP D 321 -43.54 17.64 9.01
C TRP D 321 -43.25 16.92 10.32
N PRO D 322 -43.37 15.60 10.39
CA PRO D 322 -43.01 14.90 11.63
C PRO D 322 -41.51 15.00 11.92
N ASP D 323 -41.14 14.52 13.11
CA ASP D 323 -39.74 14.50 13.53
C ASP D 323 -39.09 13.20 13.04
N HIS D 324 -37.96 13.33 12.34
CA HIS D 324 -37.24 12.19 11.79
C HIS D 324 -38.04 11.41 10.76
N GLY D 325 -39.23 11.90 10.41
CA GLY D 325 -39.99 11.36 9.32
C GLY D 325 -39.92 12.27 8.09
N VAL D 326 -40.82 12.01 7.15
CA VAL D 326 -40.92 12.85 5.96
C VAL D 326 -42.38 13.27 5.79
N PRO D 327 -42.62 14.36 5.06
CA PRO D 327 -44.00 14.79 4.82
C PRO D 327 -44.77 13.76 4.02
N SER D 328 -46.09 13.96 3.98
CA SER D 328 -46.98 13.00 3.33
C SER D 328 -46.69 12.91 1.84
N ASP D 329 -46.60 14.05 1.17
CA ASP D 329 -46.37 14.11 -0.27
C ASP D 329 -45.40 15.23 -0.60
N PRO D 330 -44.54 15.04 -1.61
CA PRO D 330 -43.67 16.15 -2.04
C PRO D 330 -44.44 17.30 -2.67
N GLY D 331 -45.69 17.09 -3.06
CA GLY D 331 -46.44 18.16 -3.71
C GLY D 331 -46.71 19.32 -2.79
N GLY D 332 -47.09 19.05 -1.53
CA GLY D 332 -47.40 20.12 -0.60
C GLY D 332 -46.19 20.92 -0.17
N VAL D 333 -45.03 20.28 -0.10
CA VAL D 333 -43.82 20.99 0.30
C VAL D 333 -43.36 21.93 -0.80
N LEU D 334 -43.50 21.50 -2.06
CA LEU D 334 -43.04 22.33 -3.17
C LEU D 334 -43.98 23.50 -3.40
N ASP D 335 -45.29 23.26 -3.30
CA ASP D 335 -46.25 24.36 -3.37
C ASP D 335 -45.99 25.37 -2.26
N PHE D 336 -45.87 24.89 -1.03
CA PHE D 336 -45.45 25.74 0.08
C PHE D 336 -44.16 26.49 -0.24
N LEU D 337 -43.15 25.77 -0.73
CA LEU D 337 -41.86 26.37 -1.01
C LEU D 337 -41.96 27.47 -2.06
N GLU D 338 -42.83 27.30 -3.06
CA GLU D 338 -42.95 28.31 -4.11
C GLU D 338 -43.47 29.62 -3.55
N GLU D 339 -44.36 29.56 -2.56
CA GLU D 339 -44.86 30.79 -1.96
C GLU D 339 -43.75 31.51 -1.20
N VAL D 340 -42.90 30.75 -0.49
CA VAL D 340 -41.76 31.35 0.19
C VAL D 340 -40.85 32.05 -0.80
N HIS D 341 -40.55 31.37 -1.92
CA HIS D 341 -39.68 31.96 -2.93
C HIS D 341 -40.28 33.24 -3.48
N HIS D 342 -41.54 33.19 -3.92
CA HIS D 342 -42.16 34.35 -4.53
C HIS D 342 -42.29 35.49 -3.52
N LYS D 343 -42.58 35.18 -2.26
CA LYS D 343 -42.63 36.21 -1.24
C LYS D 343 -41.28 36.90 -1.10
N GLN D 344 -40.19 36.14 -1.17
CA GLN D 344 -38.86 36.72 -1.03
C GLN D 344 -38.62 37.76 -2.12
N GLU D 345 -38.79 37.38 -3.39
CA GLU D 345 -38.51 38.30 -4.49
C GLU D 345 -39.50 39.45 -4.56
N SER D 346 -40.69 39.31 -3.97
CA SER D 346 -41.65 40.41 -3.97
C SER D 346 -41.23 41.51 -3.01
N ILE D 347 -40.33 41.22 -2.08
CA ILE D 347 -39.83 42.21 -1.13
C ILE D 347 -38.46 42.69 -1.60
N MET D 348 -38.26 44.00 -1.57
CA MET D 348 -37.02 44.57 -2.10
C MET D 348 -35.90 44.42 -1.07
N ASP D 349 -34.79 43.81 -1.51
CA ASP D 349 -33.59 43.69 -0.69
C ASP D 349 -33.90 43.09 0.67
N ALA D 350 -34.60 41.97 0.66
CA ALA D 350 -34.88 41.25 1.90
C ALA D 350 -33.67 40.43 2.30
N GLY D 351 -33.41 40.39 3.61
CA GLY D 351 -32.29 39.64 4.12
C GLY D 351 -32.46 38.15 3.91
N PRO D 352 -31.58 37.36 4.50
CA PRO D 352 -31.70 35.90 4.36
C PRO D 352 -33.04 35.38 4.85
N VAL D 353 -33.42 34.23 4.33
CA VAL D 353 -34.66 33.57 4.74
C VAL D 353 -34.35 32.71 5.96
N VAL D 354 -35.07 32.94 7.04
CA VAL D 354 -34.84 32.27 8.31
C VAL D 354 -35.61 30.96 8.32
N VAL D 355 -34.89 29.85 8.47
CA VAL D 355 -35.47 28.52 8.54
C VAL D 355 -35.05 27.89 9.85
N HIS D 356 -36.00 27.22 10.51
CA HIS D 356 -35.69 26.57 11.78
C HIS D 356 -36.72 25.48 12.06
N CYS D 357 -36.24 24.36 12.61
CA CYS D 357 -37.12 23.33 13.13
C CYS D 357 -37.00 23.30 14.65
N SER D 358 -36.33 22.29 15.20
CA SER D 358 -36.09 22.20 16.64
C SER D 358 -34.61 22.26 16.98
N ALA D 359 -33.81 21.38 16.39
CA ALA D 359 -32.37 21.48 16.48
C ALA D 359 -31.76 22.29 15.33
N GLY D 360 -32.57 22.63 14.33
CA GLY D 360 -32.07 23.34 13.17
C GLY D 360 -31.12 22.52 12.34
N ILE D 361 -31.32 21.21 12.27
CA ILE D 361 -30.39 20.31 11.60
C ILE D 361 -31.13 19.46 10.57
N GLY D 362 -32.03 18.60 11.05
CA GLY D 362 -32.70 17.64 10.18
C GLY D 362 -33.70 18.25 9.23
N ARG D 363 -34.86 18.63 9.74
CA ARG D 363 -35.90 19.21 8.89
C ARG D 363 -35.45 20.53 8.30
N THR D 364 -34.70 21.33 9.07
CA THR D 364 -34.17 22.58 8.55
C THR D 364 -33.22 22.33 7.37
N GLY D 365 -32.28 21.39 7.54
CA GLY D 365 -31.36 21.10 6.45
C GLY D 365 -32.04 20.49 5.25
N THR D 366 -32.94 19.54 5.48
CA THR D 366 -33.64 18.89 4.36
C THR D 366 -34.34 19.92 3.50
N PHE D 367 -35.08 20.85 4.11
CA PHE D 367 -35.86 21.79 3.33
C PHE D 367 -34.98 22.84 2.64
N ILE D 368 -33.89 23.26 3.29
CA ILE D 368 -32.97 24.19 2.65
C ILE D 368 -32.29 23.54 1.46
N VAL D 369 -31.83 22.29 1.62
CA VAL D 369 -31.20 21.58 0.53
C VAL D 369 -32.14 21.47 -0.67
N ILE D 370 -33.42 21.21 -0.40
CA ILE D 370 -34.39 21.13 -1.49
C ILE D 370 -34.49 22.46 -2.23
N ASP D 371 -34.60 23.56 -1.47
CA ASP D 371 -34.75 24.87 -2.09
C ASP D 371 -33.54 25.22 -2.96
N ILE D 372 -32.34 24.84 -2.50
CA ILE D 372 -31.14 25.09 -3.28
C ILE D 372 -31.18 24.35 -4.61
N LEU D 373 -31.60 23.08 -4.60
CA LEU D 373 -31.56 22.27 -5.81
C LEU D 373 -32.60 22.72 -6.83
N ILE D 374 -33.83 22.98 -6.39
CA ILE D 374 -34.85 23.41 -7.33
C ILE D 374 -34.52 24.79 -7.89
N ASP D 375 -33.88 25.65 -7.08
CA ASP D 375 -33.47 26.95 -7.57
C ASP D 375 -32.50 26.81 -8.73
N ILE D 376 -31.61 25.83 -8.67
CA ILE D 376 -30.72 25.54 -9.80
C ILE D 376 -31.53 25.19 -11.04
N ILE D 377 -32.66 24.50 -10.85
CA ILE D 377 -33.47 24.08 -11.98
C ILE D 377 -34.28 25.24 -12.54
N ARG D 378 -34.68 26.20 -11.69
CA ARG D 378 -35.37 27.37 -12.20
C ARG D 378 -34.47 28.24 -13.07
N GLU D 379 -33.15 28.11 -12.93
CA GLU D 379 -32.19 28.92 -13.68
C GLU D 379 -31.70 28.22 -14.94
N LYS D 380 -31.30 26.96 -14.82
CA LYS D 380 -30.73 26.24 -15.96
C LYS D 380 -31.77 25.44 -16.74
N GLY D 381 -32.78 24.93 -16.06
CA GLY D 381 -33.81 24.12 -16.70
C GLY D 381 -33.68 22.66 -16.28
N VAL D 382 -34.43 21.82 -17.01
CA VAL D 382 -34.43 20.40 -16.70
C VAL D 382 -33.17 19.68 -17.17
N ASP D 383 -32.41 20.27 -18.10
CA ASP D 383 -31.19 19.66 -18.59
C ASP D 383 -29.97 20.31 -17.94
N CYS D 384 -29.84 20.06 -16.64
CA CYS D 384 -28.70 20.50 -15.86
C CYS D 384 -28.18 19.34 -15.03
N ASP D 385 -26.98 19.51 -14.48
CA ASP D 385 -26.33 18.50 -13.65
C ASP D 385 -26.63 18.79 -12.18
N ILE D 386 -27.26 17.83 -11.51
CA ILE D 386 -27.54 17.92 -10.09
C ILE D 386 -26.65 16.93 -9.35
N ASP D 387 -26.37 17.23 -8.08
CA ASP D 387 -25.54 16.36 -7.25
C ASP D 387 -25.99 16.56 -5.81
N VAL D 388 -26.84 15.66 -5.32
CA VAL D 388 -27.48 15.83 -4.03
C VAL D 388 -26.47 15.64 -2.90
N PRO D 389 -25.63 14.61 -2.93
CA PRO D 389 -24.59 14.50 -1.89
C PRO D 389 -23.64 15.70 -1.86
N LYS D 390 -23.20 16.17 -3.03
CA LYS D 390 -22.31 17.32 -3.07
C LYS D 390 -22.97 18.56 -2.48
N THR D 391 -24.28 18.70 -2.65
CA THR D 391 -24.98 19.86 -2.09
C THR D 391 -25.17 19.72 -0.59
N ILE D 392 -25.38 18.51 -0.09
CA ILE D 392 -25.55 18.31 1.35
C ILE D 392 -24.23 18.54 2.08
N GLN D 393 -23.13 17.99 1.55
CA GLN D 393 -21.84 18.21 2.17
C GLN D 393 -21.44 19.68 2.10
N MET D 394 -21.80 20.36 1.01
CA MET D 394 -21.53 21.80 0.91
C MET D 394 -22.35 22.57 1.94
N VAL D 395 -23.54 22.09 2.27
CA VAL D 395 -24.34 22.72 3.30
C VAL D 395 -23.85 22.32 4.69
N ARG D 396 -23.33 21.09 4.83
CA ARG D 396 -22.85 20.63 6.13
C ARG D 396 -21.55 21.33 6.53
N SER D 397 -20.80 21.87 5.59
CA SER D 397 -19.61 22.64 5.92
C SER D 397 -19.94 23.97 6.56
N GLN D 398 -21.20 24.40 6.53
CA GLN D 398 -21.62 25.67 7.10
C GLN D 398 -22.48 25.50 8.35
N ARG D 399 -23.10 24.34 8.53
CA ARG D 399 -23.77 23.98 9.77
C ARG D 399 -23.67 22.48 9.95
N SER D 400 -23.45 22.05 11.19
CA SER D 400 -23.10 20.65 11.47
C SER D 400 -24.24 19.70 11.11
N GLY D 401 -23.91 18.70 10.30
CA GLY D 401 -24.78 17.54 10.12
C GLY D 401 -26.17 17.83 9.62
N MET D 402 -26.32 18.80 8.72
CA MET D 402 -27.62 19.07 8.11
C MET D 402 -28.14 17.81 7.41
N VAL D 403 -29.46 17.62 7.46
CA VAL D 403 -30.10 16.40 7.00
C VAL D 403 -29.67 15.24 7.90
N GLN D 404 -30.59 14.73 8.71
CA GLN D 404 -30.28 13.80 9.78
C GLN D 404 -30.43 12.33 9.37
N THR D 405 -31.59 11.97 8.82
CA THR D 405 -31.94 10.58 8.59
C THR D 405 -31.90 10.23 7.11
N GLU D 406 -31.91 8.93 6.84
CA GLU D 406 -31.95 8.43 5.46
C GLU D 406 -33.27 8.77 4.81
N ALA D 407 -34.37 8.70 5.57
CA ALA D 407 -35.68 9.05 5.03
C ALA D 407 -35.68 10.47 4.48
N GLN D 408 -35.08 11.40 5.22
CA GLN D 408 -34.98 12.78 4.73
C GLN D 408 -34.12 12.86 3.48
N TYR D 409 -33.07 12.03 3.40
CA TYR D 409 -32.21 12.04 2.23
C TYR D 409 -32.96 11.54 1.00
N ARG D 410 -33.72 10.45 1.15
CA ARG D 410 -34.53 9.94 0.05
C ARG D 410 -35.60 10.94 -0.36
N PHE D 411 -36.14 11.70 0.61
CA PHE D 411 -37.19 12.66 0.30
C PHE D 411 -36.67 13.78 -0.59
N ILE D 412 -35.40 14.13 -0.49
CA ILE D 412 -34.83 15.17 -1.34
C ILE D 412 -34.93 14.76 -2.80
N TYR D 413 -34.50 13.53 -3.11
CA TYR D 413 -34.68 13.00 -4.45
C TYR D 413 -36.15 13.00 -4.86
N MET D 414 -37.01 12.43 -4.01
CA MET D 414 -38.43 12.39 -4.32
C MET D 414 -39.00 13.79 -4.51
N ALA D 415 -38.42 14.79 -3.84
CA ALA D 415 -38.87 16.16 -4.03
C ALA D 415 -38.43 16.69 -5.39
N VAL D 416 -37.15 16.50 -5.72
CA VAL D 416 -36.65 16.95 -7.02
C VAL D 416 -37.39 16.23 -8.15
N GLN D 417 -37.48 14.90 -8.05
CA GLN D 417 -38.20 14.13 -9.06
C GLN D 417 -39.61 14.70 -9.28
N HIS D 418 -40.33 14.96 -8.20
CA HIS D 418 -41.69 15.48 -8.34
C HIS D 418 -41.69 16.86 -8.99
N TYR D 419 -40.63 17.65 -8.78
CA TYR D 419 -40.58 18.97 -9.38
C TYR D 419 -40.27 18.87 -10.88
N ILE D 420 -39.40 17.93 -11.26
CA ILE D 420 -39.10 17.72 -12.68
C ILE D 420 -40.35 17.26 -13.41
N GLU D 421 -41.18 16.43 -12.77
CA GLU D 421 -42.38 15.92 -13.42
C GLU D 421 -43.34 17.05 -13.76
N THR D 422 -43.50 18.02 -12.85
CA THR D 422 -44.43 19.11 -13.10
C THR D 422 -43.97 19.99 -14.25
N LEU D 423 -42.66 20.23 -14.37
CA LEU D 423 -42.16 21.06 -15.45
C LEU D 423 -42.28 20.36 -16.81
N GLN D 424 -42.16 19.05 -16.84
CA GLN D 424 -42.28 18.30 -18.09
C GLN D 424 -43.74 18.08 -18.46
N ARG D 425 -44.55 19.14 -18.39
CA ARG D 425 -45.96 19.06 -18.75
C ARG D 425 -46.46 20.39 -19.28
#